data_3CER
#
_entry.id   3CER
#
_cell.length_a   83.635
_cell.length_b   307.361
_cell.length_c   179.074
_cell.angle_alpha   90.00
_cell.angle_beta   90.00
_cell.angle_gamma   90.00
#
_symmetry.space_group_name_H-M   'C 2 2 21'
#
loop_
_entity.id
_entity.type
_entity.pdbx_description
1 polymer 'Possible exopolyphosphatase-like protein'
2 non-polymer 'SULFATE ION'
3 water water
#
_entity_poly.entity_id   1
_entity_poly.type   'polypeptide(L)'
_entity_poly.pdbx_seq_one_letter_code
;(MSE)GHHHHHHSH(MSE)SKESVTVAGIDCGTNSIRLKIARVDADG(MSE)HEVVPRILRVIRLGQDVDKTHRFADEAL
ERAYVAAREFAGVIAEHPIDGLRFVATSATRDAENREEFEDEIERILGVRPEVIPGTEEADLSFLGATSVVNRDDLPAPY
LVVDLGGGSTELVIGGDGVSAPTTQVQGAFS(MSE)NIGSVR(MSE)TERHLTNDPPTQTQIDEAVADVDEHIDEAFRTV
DAGKARTIIGVSGTVTT(MSE)TALA(MSE)GLKEYDHTVVDGHRLSFEDAYAVDDKFLR(MSE)TRAERREYKTIHPGR
IDVVGGGAVVWSRVLARVSEAAKADHGEAIDSFVASEHGLLDGIVLDYGRRLLAQ
;
_entity_poly.pdbx_strand_id   A,B,C,D,E
#
loop_
_chem_comp.id
_chem_comp.type
_chem_comp.name
_chem_comp.formula
SO4 non-polymer 'SULFATE ION' 'O4 S -2'
#
# COMPACT_ATOMS: atom_id res chain seq x y z
N GLU A 14 -24.42 41.07 -16.71
CA GLU A 14 -25.17 40.48 -15.56
C GLU A 14 -24.18 40.10 -14.46
N SER A 15 -24.44 40.58 -13.25
CA SER A 15 -23.57 40.28 -12.12
C SER A 15 -24.35 40.42 -10.82
N VAL A 16 -24.11 39.48 -9.92
CA VAL A 16 -24.78 39.51 -8.63
C VAL A 16 -23.76 39.89 -7.56
N THR A 17 -24.25 40.54 -6.51
CA THR A 17 -23.40 40.94 -5.39
C THR A 17 -23.77 40.00 -4.24
N VAL A 18 -22.83 39.19 -3.80
CA VAL A 18 -23.11 38.25 -2.73
C VAL A 18 -22.30 38.47 -1.46
N ALA A 19 -22.83 38.00 -0.35
CA ALA A 19 -22.15 38.11 0.92
C ALA A 19 -21.82 36.71 1.37
N GLY A 20 -20.63 36.52 1.93
CA GLY A 20 -20.25 35.21 2.39
C GLY A 20 -19.68 35.23 3.80
N ILE A 21 -20.02 34.21 4.58
CA ILE A 21 -19.48 34.14 5.93
C ILE A 21 -18.89 32.76 6.14
N ASP A 22 -17.66 32.74 6.61
CA ASP A 22 -16.94 31.51 6.89
C ASP A 22 -16.73 31.47 8.41
N CYS A 23 -17.44 30.57 9.07
CA CYS A 23 -17.36 30.43 10.51
C CYS A 23 -16.52 29.21 10.88
N GLY A 24 -15.28 29.45 11.29
CA GLY A 24 -14.39 28.36 11.64
C GLY A 24 -14.29 28.04 13.11
N THR A 25 -13.15 27.48 13.50
CA THR A 25 -12.91 27.09 14.89
C THR A 25 -12.28 28.21 15.71
N ASN A 26 -11.41 29.00 15.08
CA ASN A 26 -10.77 30.08 15.80
C ASN A 26 -11.38 31.43 15.46
N SER A 27 -11.92 31.56 14.26
CA SER A 27 -12.50 32.82 13.85
C SER A 27 -13.67 32.72 12.90
N ILE A 28 -14.30 33.87 12.65
CA ILE A 28 -15.43 33.98 11.75
C ILE A 28 -15.10 35.17 10.84
N ARG A 29 -15.36 35.01 9.55
CA ARG A 29 -15.03 36.06 8.59
C ARG A 29 -16.19 36.42 7.68
N LEU A 30 -16.24 37.69 7.29
CA LEU A 30 -17.30 38.17 6.39
C LEU A 30 -16.67 38.74 5.14
N LYS A 31 -17.32 38.53 3.99
CA LYS A 31 -16.82 39.07 2.74
C LYS A 31 -18.00 39.30 1.81
N ILE A 32 -18.01 40.44 1.14
CA ILE A 32 -19.07 40.77 0.20
C ILE A 32 -18.40 41.18 -1.11
N ALA A 33 -18.90 40.65 -2.22
CA ALA A 33 -18.28 41.00 -3.50
C ALA A 33 -19.22 40.88 -4.67
N ARG A 34 -18.78 41.44 -5.79
CA ARG A 34 -19.52 41.40 -7.05
C ARG A 34 -18.99 40.21 -7.83
N VAL A 35 -19.88 39.44 -8.45
CA VAL A 35 -19.45 38.29 -9.22
C VAL A 35 -20.09 38.25 -10.60
N ASP A 36 -19.25 38.12 -11.62
CA ASP A 36 -19.70 38.01 -13.00
C ASP A 36 -18.77 37.03 -13.70
N ALA A 37 -18.84 36.96 -15.03
CA ALA A 37 -17.99 36.03 -15.77
C ALA A 37 -16.51 36.24 -15.53
N ASP A 38 -16.10 37.46 -15.21
CA ASP A 38 -14.68 37.75 -14.98
C ASP A 38 -14.27 37.66 -13.50
N GLY A 39 -14.60 36.55 -12.85
CA GLY A 39 -14.24 36.38 -11.45
C GLY A 39 -15.06 37.22 -10.49
N MSE A 40 -14.44 37.60 -9.38
CA MSE A 40 -15.15 38.41 -8.39
C MSE A 40 -14.46 39.76 -8.16
O MSE A 40 -13.27 39.91 -8.41
CB MSE A 40 -15.26 37.65 -7.06
CG MSE A 40 -13.95 37.49 -6.31
SE MSE A 40 -14.17 36.57 -4.62
CE MSE A 40 -13.49 34.83 -5.10
N HIS A 41 -15.23 40.72 -7.68
CA HIS A 41 -14.71 42.05 -7.43
C HIS A 41 -15.06 42.48 -6.02
N GLU A 42 -14.02 42.66 -5.21
CA GLU A 42 -14.15 43.04 -3.82
C GLU A 42 -15.01 44.28 -3.58
N VAL A 43 -15.90 44.17 -2.59
CA VAL A 43 -16.76 45.27 -2.19
C VAL A 43 -16.38 45.54 -0.73
N VAL A 44 -16.19 44.44 0.00
CA VAL A 44 -15.80 44.48 1.40
C VAL A 44 -14.66 43.51 1.59
N PRO A 45 -13.42 44.00 1.67
CA PRO A 45 -12.35 43.02 1.87
C PRO A 45 -12.54 42.34 3.24
N ARG A 46 -12.26 41.05 3.30
CA ARG A 46 -12.41 40.24 4.50
C ARG A 46 -12.36 40.94 5.86
N ILE A 47 -13.41 40.73 6.65
CA ILE A 47 -13.46 41.30 7.99
C ILE A 47 -13.28 40.11 8.94
N LEU A 48 -12.19 40.15 9.69
CA LEU A 48 -11.85 39.08 10.63
C LEU A 48 -12.21 39.35 12.09
N ARG A 49 -12.82 38.35 12.71
CA ARG A 49 -13.20 38.42 14.11
C ARG A 49 -12.77 37.06 14.67
N VAL A 50 -11.78 37.06 15.55
CA VAL A 50 -11.28 35.82 16.14
C VAL A 50 -12.11 35.54 17.39
N ILE A 51 -13.24 34.86 17.21
CA ILE A 51 -14.16 34.55 18.28
C ILE A 51 -13.94 33.22 19.00
N ARG A 52 -13.02 32.41 18.48
CA ARG A 52 -12.69 31.11 19.11
C ARG A 52 -13.93 30.32 19.47
N LEU A 53 -14.81 30.14 18.50
CA LEU A 53 -16.04 29.40 18.73
C LEU A 53 -15.82 27.94 19.05
N GLY A 54 -14.68 27.39 18.63
CA GLY A 54 -14.41 25.98 18.87
C GLY A 54 -13.66 25.69 20.16
N GLN A 55 -13.52 26.72 20.99
CA GLN A 55 -12.82 26.60 22.27
C GLN A 55 -13.33 25.42 23.10
N ASP A 56 -12.44 24.49 23.41
CA ASP A 56 -12.73 23.30 24.21
C ASP A 56 -13.72 22.33 23.59
N VAL A 57 -14.10 22.56 22.33
CA VAL A 57 -15.03 21.66 21.68
C VAL A 57 -14.42 20.28 21.46
N ASP A 58 -13.11 20.23 21.19
CA ASP A 58 -12.45 18.94 20.96
C ASP A 58 -12.66 18.01 22.15
N LYS A 59 -12.65 18.58 23.35
CA LYS A 59 -12.85 17.79 24.55
C LYS A 59 -14.33 17.62 24.91
N THR A 60 -15.07 18.72 24.96
CA THR A 60 -16.48 18.73 25.35
C THR A 60 -17.53 18.34 24.30
N HIS A 61 -17.18 18.46 23.03
CA HIS A 61 -18.13 18.12 21.97
C HIS A 61 -19.37 19.00 21.96
N ARG A 62 -19.22 20.25 22.40
CA ARG A 62 -20.33 21.19 22.41
C ARG A 62 -19.78 22.61 22.59
N PHE A 63 -20.51 23.60 22.07
CA PHE A 63 -20.08 24.98 22.18
C PHE A 63 -20.27 25.49 23.59
N ALA A 64 -19.33 26.30 24.06
CA ALA A 64 -19.41 26.88 25.40
C ALA A 64 -20.25 28.15 25.27
N ASP A 65 -20.97 28.48 26.35
CA ASP A 65 -21.84 29.66 26.37
C ASP A 65 -21.17 30.96 25.97
N GLU A 66 -19.92 31.17 26.40
CA GLU A 66 -19.20 32.40 26.08
C GLU A 66 -18.75 32.42 24.63
N ALA A 67 -18.57 31.24 24.06
CA ALA A 67 -18.16 31.11 22.67
C ALA A 67 -19.38 31.51 21.85
N LEU A 68 -20.50 30.85 22.13
CA LEU A 68 -21.76 31.15 21.46
C LEU A 68 -21.97 32.65 21.44
N GLU A 69 -21.91 33.25 22.62
CA GLU A 69 -22.12 34.69 22.77
C GLU A 69 -21.14 35.54 21.97
N ARG A 70 -19.86 35.15 21.92
CA ARG A 70 -18.90 35.91 21.15
C ARG A 70 -19.29 35.83 19.67
N ALA A 71 -19.83 34.68 19.28
CA ALA A 71 -20.24 34.47 17.90
C ALA A 71 -21.46 35.35 17.57
N TYR A 72 -22.39 35.48 18.52
CA TYR A 72 -23.56 36.29 18.27
C TYR A 72 -23.19 37.75 18.20
N VAL A 73 -22.18 38.15 18.96
CA VAL A 73 -21.73 39.53 18.91
C VAL A 73 -21.19 39.79 17.51
N ALA A 74 -20.34 38.89 17.03
CA ALA A 74 -19.75 39.05 15.71
C ALA A 74 -20.86 39.01 14.65
N ALA A 75 -21.79 38.07 14.81
CA ALA A 75 -22.91 37.93 13.87
C ALA A 75 -23.67 39.24 13.73
N ARG A 76 -24.09 39.81 14.86
CA ARG A 76 -24.83 41.07 14.85
C ARG A 76 -24.07 42.21 14.19
N GLU A 77 -22.75 42.23 14.33
CA GLU A 77 -21.97 43.27 13.67
C GLU A 77 -21.99 43.04 12.15
N PHE A 78 -21.87 41.78 11.73
CA PHE A 78 -21.89 41.44 10.32
C PHE A 78 -23.25 41.78 9.71
N ALA A 79 -24.32 41.50 10.44
CA ALA A 79 -25.66 41.82 9.96
C ALA A 79 -25.69 43.32 9.69
N GLY A 80 -25.02 44.08 10.55
CA GLY A 80 -24.98 45.52 10.40
C GLY A 80 -24.19 45.96 9.17
N VAL A 81 -23.07 45.29 8.91
CA VAL A 81 -22.24 45.64 7.77
C VAL A 81 -22.95 45.28 6.47
N ILE A 82 -23.62 44.14 6.45
CA ILE A 82 -24.33 43.72 5.27
C ILE A 82 -25.48 44.67 4.95
N ALA A 83 -26.18 45.13 5.98
CA ALA A 83 -27.30 46.04 5.80
C ALA A 83 -26.87 47.42 5.30
N GLU A 84 -25.57 47.60 5.04
CA GLU A 84 -25.08 48.88 4.56
C GLU A 84 -24.85 48.85 3.05
N HIS A 85 -25.37 47.83 2.38
CA HIS A 85 -25.22 47.67 0.94
C HIS A 85 -26.10 46.51 0.51
N PRO A 86 -27.01 46.74 -0.44
CA PRO A 86 -27.89 45.65 -0.87
C PRO A 86 -27.12 44.44 -1.41
N ILE A 87 -27.67 43.26 -1.20
CA ILE A 87 -27.04 42.04 -1.67
C ILE A 87 -28.09 41.10 -2.24
N ASP A 88 -27.67 40.27 -3.17
CA ASP A 88 -28.56 39.32 -3.82
C ASP A 88 -28.60 38.00 -3.06
N GLY A 89 -27.70 37.84 -2.10
CA GLY A 89 -27.67 36.61 -1.33
C GLY A 89 -26.55 36.50 -0.30
N LEU A 90 -26.76 35.60 0.66
CA LEU A 90 -25.80 35.37 1.72
C LEU A 90 -25.67 33.87 2.00
N ARG A 91 -24.43 33.40 2.08
CA ARG A 91 -24.22 32.01 2.41
C ARG A 91 -23.36 32.00 3.66
N PHE A 92 -23.85 31.36 4.71
CA PHE A 92 -23.13 31.27 5.97
C PHE A 92 -22.63 29.84 6.06
N VAL A 93 -21.31 29.67 5.98
CA VAL A 93 -20.73 28.34 6.05
C VAL A 93 -20.12 28.09 7.42
N ALA A 94 -20.41 26.92 7.98
CA ALA A 94 -19.87 26.54 9.30
C ALA A 94 -18.99 25.31 9.11
N THR A 95 -17.82 25.29 9.75
CA THR A 95 -16.95 24.14 9.56
C THR A 95 -16.71 23.18 10.74
N SER A 96 -15.45 22.85 10.98
CA SER A 96 -15.07 21.90 12.02
C SER A 96 -15.74 22.05 13.40
N ALA A 97 -15.58 23.23 14.02
CA ALA A 97 -16.16 23.47 15.33
C ALA A 97 -17.66 23.13 15.36
N THR A 98 -18.39 23.55 14.33
CA THR A 98 -19.82 23.27 14.27
C THR A 98 -20.11 21.80 13.94
N ARG A 99 -19.21 21.16 13.19
CA ARG A 99 -19.42 19.76 12.85
C ARG A 99 -19.33 18.93 14.12
N ASP A 100 -18.43 19.32 15.02
CA ASP A 100 -18.22 18.59 16.27
C ASP A 100 -19.19 18.91 17.40
N ALA A 101 -19.74 20.11 17.41
CA ALA A 101 -20.65 20.55 18.46
C ALA A 101 -22.04 19.91 18.42
N GLU A 102 -22.32 19.07 19.43
CA GLU A 102 -23.60 18.39 19.54
C GLU A 102 -24.78 19.32 19.79
N ASN A 103 -24.50 20.60 20.09
CA ASN A 103 -25.56 21.59 20.31
C ASN A 103 -25.50 22.61 19.18
N ARG A 104 -25.22 22.12 17.98
CA ARG A 104 -25.12 22.99 16.80
C ARG A 104 -26.45 23.59 16.36
N GLU A 105 -27.54 22.82 16.51
CA GLU A 105 -28.85 23.31 16.11
C GLU A 105 -29.22 24.60 16.83
N GLU A 106 -28.96 24.64 18.13
CA GLU A 106 -29.24 25.82 18.92
C GLU A 106 -28.48 27.00 18.33
N PHE A 107 -27.23 26.76 17.97
CA PHE A 107 -26.38 27.78 17.39
C PHE A 107 -26.95 28.28 16.07
N GLU A 108 -27.26 27.35 15.17
CA GLU A 108 -27.81 27.68 13.86
C GLU A 108 -29.13 28.46 14.01
N ASP A 109 -29.94 28.07 15.00
CA ASP A 109 -31.22 28.72 15.24
C ASP A 109 -31.11 30.19 15.60
N GLU A 110 -30.00 30.58 16.24
CA GLU A 110 -29.81 31.96 16.64
C GLU A 110 -29.15 32.82 15.55
N ILE A 111 -28.27 32.21 14.76
CA ILE A 111 -27.61 32.95 13.69
C ILE A 111 -28.68 33.20 12.62
N GLU A 112 -29.58 32.25 12.49
CA GLU A 112 -30.67 32.34 11.54
C GLU A 112 -31.59 33.52 11.82
N ARG A 113 -31.82 33.84 13.09
CA ARG A 113 -32.69 34.95 13.43
C ARG A 113 -31.97 36.30 13.42
N ILE A 114 -30.63 36.25 13.47
CA ILE A 114 -29.82 37.47 13.46
C ILE A 114 -29.44 37.87 12.04
N LEU A 115 -29.13 36.88 11.20
CA LEU A 115 -28.72 37.17 9.82
C LEU A 115 -29.75 36.79 8.75
N GLY A 116 -30.76 36.01 9.13
CA GLY A 116 -31.78 35.63 8.17
C GLY A 116 -31.54 34.31 7.47
N VAL A 117 -30.31 33.81 7.56
CA VAL A 117 -29.97 32.56 6.90
C VAL A 117 -29.50 31.54 7.93
N ARG A 118 -29.86 30.28 7.72
CA ARG A 118 -29.45 29.21 8.61
C ARG A 118 -28.06 28.79 8.17
N PRO A 119 -27.12 28.67 9.12
CA PRO A 119 -25.77 28.25 8.72
C PRO A 119 -25.75 26.87 8.08
N GLU A 120 -24.79 26.62 7.21
CA GLU A 120 -24.65 25.33 6.56
C GLU A 120 -23.42 24.61 7.10
N VAL A 121 -23.62 23.39 7.57
CA VAL A 121 -22.53 22.61 8.12
C VAL A 121 -22.06 21.68 7.01
N ILE A 122 -21.21 22.20 6.13
CA ILE A 122 -20.69 21.44 5.01
C ILE A 122 -19.70 20.36 5.44
N PRO A 123 -19.71 19.21 4.75
CA PRO A 123 -18.77 18.16 5.12
C PRO A 123 -17.32 18.58 4.81
N GLY A 124 -16.36 17.80 5.30
CA GLY A 124 -14.95 18.11 5.11
C GLY A 124 -14.44 18.19 3.67
N THR A 125 -14.98 17.38 2.78
CA THR A 125 -14.53 17.39 1.39
C THR A 125 -15.06 18.61 0.64
N GLU A 126 -16.24 19.09 1.00
CA GLU A 126 -16.79 20.27 0.34
C GLU A 126 -15.98 21.48 0.78
N GLU A 127 -15.56 21.47 2.04
CA GLU A 127 -14.75 22.56 2.60
C GLU A 127 -13.44 22.63 1.82
N ALA A 128 -12.87 21.46 1.55
CA ALA A 128 -11.62 21.36 0.80
C ALA A 128 -11.82 21.84 -0.65
N ASP A 129 -12.91 21.43 -1.30
CA ASP A 129 -13.19 21.83 -2.68
C ASP A 129 -13.24 23.36 -2.80
N LEU A 130 -14.04 23.99 -1.95
CA LEU A 130 -14.18 25.44 -1.97
C LEU A 130 -12.87 26.15 -1.65
N SER A 131 -12.12 25.59 -0.71
CA SER A 131 -10.84 26.17 -0.31
C SER A 131 -9.87 26.13 -1.50
N PHE A 132 -9.94 25.05 -2.25
CA PHE A 132 -9.09 24.89 -3.43
C PHE A 132 -9.48 25.94 -4.47
N LEU A 133 -10.79 26.13 -4.65
CA LEU A 133 -11.31 27.10 -5.60
C LEU A 133 -10.79 28.49 -5.22
N GLY A 134 -11.07 28.91 -3.98
CA GLY A 134 -10.63 30.21 -3.52
C GLY A 134 -9.15 30.50 -3.68
N ALA A 135 -8.30 29.51 -3.40
CA ALA A 135 -6.86 29.72 -3.49
C ALA A 135 -6.27 29.54 -4.87
N THR A 136 -6.95 28.78 -5.71
CA THR A 136 -6.43 28.48 -7.03
C THR A 136 -6.98 29.31 -8.20
N SER A 137 -8.07 30.04 -7.97
CA SER A 137 -8.67 30.83 -9.04
C SER A 137 -7.88 32.09 -9.40
N VAL A 138 -6.85 32.42 -8.63
CA VAL A 138 -6.08 33.61 -8.94
C VAL A 138 -4.57 33.40 -9.06
N VAL A 139 -4.11 32.16 -8.89
CA VAL A 139 -2.68 31.91 -9.01
C VAL A 139 -2.18 32.30 -10.39
N ASN A 140 -0.95 32.81 -10.42
CA ASN A 140 -0.31 33.22 -11.66
C ASN A 140 0.42 31.99 -12.25
N ARG A 141 -0.07 31.50 -13.37
CA ARG A 141 0.53 30.35 -14.03
C ARG A 141 1.95 30.60 -14.53
N ASP A 142 2.33 31.87 -14.70
CA ASP A 142 3.68 32.16 -15.15
C ASP A 142 4.67 31.86 -14.04
N ASP A 143 4.21 31.97 -12.79
CA ASP A 143 5.08 31.77 -11.63
C ASP A 143 4.96 30.43 -10.89
N LEU A 144 3.74 29.89 -10.84
CA LEU A 144 3.52 28.64 -10.11
C LEU A 144 3.14 27.43 -10.94
N PRO A 145 3.96 26.38 -10.89
CA PRO A 145 3.68 25.14 -11.63
C PRO A 145 2.69 24.22 -10.92
N ALA A 146 1.75 23.66 -11.69
CA ALA A 146 0.77 22.75 -11.13
C ALA A 146 1.41 21.37 -11.17
N PRO A 147 0.82 20.37 -10.49
CA PRO A 147 -0.39 20.38 -9.65
C PRO A 147 -0.26 21.31 -8.46
N TYR A 148 -1.36 21.94 -8.08
CA TYR A 148 -1.38 22.82 -6.94
C TYR A 148 -1.91 22.03 -5.76
N LEU A 149 -1.13 21.98 -4.69
CA LEU A 149 -1.59 21.29 -3.47
C LEU A 149 -1.91 22.39 -2.48
N VAL A 150 -3.19 22.53 -2.16
CA VAL A 150 -3.63 23.54 -1.22
C VAL A 150 -3.84 22.96 0.17
N VAL A 151 -3.19 23.59 1.15
CA VAL A 151 -3.31 23.15 2.54
C VAL A 151 -4.04 24.23 3.32
N ASP A 152 -5.24 23.92 3.79
CA ASP A 152 -5.98 24.88 4.57
C ASP A 152 -5.84 24.39 6.00
N LEU A 153 -4.96 25.03 6.76
CA LEU A 153 -4.71 24.64 8.14
C LEU A 153 -5.58 25.51 9.05
N GLY A 154 -6.69 24.95 9.52
CA GLY A 154 -7.60 25.70 10.38
C GLY A 154 -7.42 25.44 11.87
N GLY A 155 -8.35 25.94 12.67
CA GLY A 155 -8.29 25.73 14.12
C GLY A 155 -8.60 24.31 14.53
N GLY A 156 -9.59 23.69 13.87
CA GLY A 156 -9.99 22.33 14.18
C GLY A 156 -9.75 21.30 13.07
N SER A 157 -9.70 21.76 11.82
CA SER A 157 -9.46 20.85 10.69
C SER A 157 -8.40 21.36 9.74
N THR A 158 -7.78 20.42 9.03
CA THR A 158 -6.77 20.76 8.05
C THR A 158 -7.07 19.96 6.80
N GLU A 159 -7.37 20.64 5.70
CA GLU A 159 -7.61 19.87 4.49
C GLU A 159 -6.49 19.98 3.48
N LEU A 160 -6.26 18.87 2.80
CA LEU A 160 -5.25 18.74 1.76
C LEU A 160 -6.04 18.50 0.47
N VAL A 161 -5.91 19.43 -0.49
CA VAL A 161 -6.62 19.32 -1.79
C VAL A 161 -5.61 19.55 -2.90
N ILE A 162 -5.63 18.67 -3.90
CA ILE A 162 -4.70 18.79 -5.01
C ILE A 162 -5.45 18.72 -6.34
N GLY A 163 -5.05 19.55 -7.29
CA GLY A 163 -5.68 19.56 -8.62
C GLY A 163 -4.88 18.82 -9.67
N GLY A 164 -5.17 19.07 -10.94
CA GLY A 164 -4.47 18.39 -12.01
C GLY A 164 -3.21 19.11 -12.45
N ASP A 165 -2.35 18.44 -13.22
CA ASP A 165 -1.13 19.10 -13.67
C ASP A 165 -1.37 19.99 -14.88
N GLY A 166 -2.58 19.91 -15.44
CA GLY A 166 -2.89 20.73 -16.59
C GLY A 166 -2.68 20.03 -17.93
N VAL A 167 -2.20 18.79 -17.88
CA VAL A 167 -1.96 17.98 -19.06
C VAL A 167 -2.92 16.79 -19.05
N SER A 168 -2.76 15.89 -18.08
CA SER A 168 -3.66 14.75 -17.96
C SER A 168 -5.02 15.18 -17.38
N ALA A 169 -5.05 16.30 -16.67
CA ALA A 169 -6.31 16.79 -16.11
C ALA A 169 -6.13 18.26 -15.81
N PRO A 170 -7.21 19.05 -15.87
CA PRO A 170 -7.19 20.49 -15.60
C PRO A 170 -6.54 20.83 -14.25
N THR A 171 -5.88 21.98 -14.18
CA THR A 171 -5.25 22.40 -12.93
C THR A 171 -6.30 22.83 -11.91
N THR A 172 -7.51 23.13 -12.39
CA THR A 172 -8.60 23.57 -11.52
C THR A 172 -9.56 22.46 -11.12
N GLN A 173 -9.28 21.24 -11.57
CA GLN A 173 -10.16 20.13 -11.23
C GLN A 173 -9.50 19.32 -10.13
N VAL A 174 -10.20 19.24 -8.99
CA VAL A 174 -9.73 18.50 -7.82
C VAL A 174 -9.46 17.03 -8.12
N GLN A 175 -8.24 16.58 -7.87
CA GLN A 175 -7.88 15.16 -8.09
C GLN A 175 -8.00 14.37 -6.77
N GLY A 176 -7.82 15.06 -5.64
CA GLY A 176 -7.94 14.41 -4.34
C GLY A 176 -8.20 15.43 -3.24
N ALA A 177 -9.02 15.07 -2.27
CA ALA A 177 -9.31 15.97 -1.17
C ALA A 177 -9.60 15.20 0.10
N PHE A 178 -9.01 15.64 1.19
CA PHE A 178 -9.22 14.99 2.46
C PHE A 178 -9.19 16.02 3.58
N SER A 179 -10.07 15.85 4.55
CA SER A 179 -10.13 16.77 5.67
C SER A 179 -9.68 16.04 6.92
N MSE A 180 -8.51 16.38 7.44
CA MSE A 180 -8.00 15.74 8.64
C MSE A 180 -8.52 16.48 9.87
O MSE A 180 -8.70 17.70 9.85
CB MSE A 180 -6.47 15.82 8.66
CG MSE A 180 -5.76 15.22 7.49
SE MSE A 180 -3.87 15.31 7.78
CE MSE A 180 -3.60 17.25 7.67
N ASN A 181 -8.75 15.76 10.95
CA ASN A 181 -9.21 16.43 12.16
C ASN A 181 -8.10 16.89 13.06
N ILE A 182 -7.24 17.75 12.55
CA ILE A 182 -6.15 18.29 13.34
C ILE A 182 -6.12 19.77 12.97
N GLY A 183 -5.72 20.62 13.92
CA GLY A 183 -5.67 22.04 13.66
C GLY A 183 -4.88 22.74 14.73
N SER A 184 -4.70 24.04 14.58
CA SER A 184 -3.94 24.82 15.55
C SER A 184 -4.58 24.79 16.93
N VAL A 185 -5.90 24.92 16.98
CA VAL A 185 -6.63 24.90 18.25
C VAL A 185 -6.68 23.50 18.85
N ARG A 186 -7.19 22.56 18.07
CA ARG A 186 -7.33 21.17 18.52
C ARG A 186 -6.02 20.55 19.03
N MSE A 187 -4.91 20.85 18.37
CA MSE A 187 -3.61 20.31 18.79
C MSE A 187 -3.07 20.99 20.03
O MSE A 187 -2.35 20.38 20.82
CB MSE A 187 -2.57 20.41 17.68
CG MSE A 187 -2.81 19.51 16.50
SE MSE A 187 -2.98 17.63 16.97
CE MSE A 187 -4.93 17.53 17.01
N THR A 188 -3.39 22.27 20.19
CA THR A 188 -2.92 22.97 21.37
C THR A 188 -3.64 22.41 22.59
N GLU A 189 -4.96 22.38 22.54
CA GLU A 189 -5.76 21.89 23.65
C GLU A 189 -5.52 20.42 23.99
N ARG A 190 -5.24 19.61 22.98
CA ARG A 190 -5.04 18.19 23.21
C ARG A 190 -3.68 17.78 23.73
N HIS A 191 -2.64 18.53 23.35
CA HIS A 191 -1.29 18.18 23.72
C HIS A 191 -0.39 19.23 24.38
N LEU A 192 -0.40 20.46 23.83
CA LEU A 192 0.46 21.54 24.34
C LEU A 192 -0.10 22.29 25.55
N THR A 193 -0.23 21.57 26.65
CA THR A 193 -0.79 22.13 27.88
C THR A 193 0.11 23.04 28.70
N ASN A 194 1.42 22.95 28.52
CA ASN A 194 2.32 23.80 29.31
C ASN A 194 2.79 25.04 28.56
N ASP A 195 3.00 26.11 29.31
CA ASP A 195 3.46 27.38 28.76
C ASP A 195 4.88 27.59 29.28
N PRO A 196 5.90 27.29 28.45
CA PRO A 196 5.88 26.79 27.08
C PRO A 196 5.74 25.27 27.03
N PRO A 197 5.32 24.72 25.87
CA PRO A 197 5.16 23.27 25.76
C PRO A 197 6.46 22.49 25.91
N THR A 198 6.36 21.32 26.54
CA THR A 198 7.53 20.47 26.77
C THR A 198 7.81 19.59 25.56
N GLN A 199 9.00 19.01 25.51
CA GLN A 199 9.35 18.14 24.40
C GLN A 199 8.40 16.95 24.32
N THR A 200 7.98 16.44 25.48
CA THR A 200 7.07 15.30 25.51
C THR A 200 5.70 15.63 24.93
N GLN A 201 5.26 16.86 25.14
CA GLN A 201 3.96 17.27 24.63
C GLN A 201 4.09 17.47 23.14
N ILE A 202 5.20 18.07 22.72
CA ILE A 202 5.44 18.29 21.31
C ILE A 202 5.50 16.94 20.58
N ASP A 203 6.21 15.97 21.15
CA ASP A 203 6.32 14.64 20.54
C ASP A 203 4.96 13.97 20.39
N GLU A 204 4.07 14.20 21.35
CA GLU A 204 2.74 13.59 21.29
C GLU A 204 1.83 14.31 20.29
N ALA A 205 2.09 15.59 20.05
CA ALA A 205 1.30 16.34 19.08
C ALA A 205 1.78 15.86 17.71
N VAL A 206 3.10 15.78 17.56
CA VAL A 206 3.72 15.33 16.33
C VAL A 206 3.24 13.94 15.92
N ALA A 207 3.22 13.02 16.88
CA ALA A 207 2.79 11.66 16.60
C ALA A 207 1.33 11.66 16.18
N ASP A 208 0.51 12.49 16.80
CA ASP A 208 -0.91 12.54 16.45
C ASP A 208 -1.08 13.08 15.02
N VAL A 209 -0.33 14.13 14.68
CA VAL A 209 -0.39 14.73 13.34
C VAL A 209 0.03 13.75 12.23
N ASP A 210 1.18 13.12 12.38
CA ASP A 210 1.67 12.17 11.38
C ASP A 210 0.71 10.99 11.16
N GLU A 211 -0.03 10.62 12.19
CA GLU A 211 -0.96 9.52 12.03
C GLU A 211 -2.11 9.98 11.15
N HIS A 212 -2.54 11.22 11.31
CA HIS A 212 -3.62 11.75 10.50
C HIS A 212 -3.17 11.95 9.05
N ILE A 213 -1.92 12.35 8.87
CA ILE A 213 -1.36 12.54 7.55
C ILE A 213 -1.32 11.19 6.82
N ASP A 214 -1.00 10.13 7.56
CA ASP A 214 -0.94 8.79 6.98
C ASP A 214 -2.30 8.45 6.37
N GLU A 215 -3.35 8.71 7.14
CA GLU A 215 -4.70 8.44 6.67
C GLU A 215 -5.05 9.34 5.48
N ALA A 216 -4.69 10.61 5.56
CA ALA A 216 -4.98 11.54 4.48
C ALA A 216 -4.31 11.10 3.19
N PHE A 217 -3.04 10.72 3.29
CA PHE A 217 -2.28 10.28 2.11
C PHE A 217 -2.85 9.04 1.44
N ARG A 218 -3.66 8.25 2.15
CA ARG A 218 -4.23 7.07 1.52
C ARG A 218 -5.34 7.52 0.58
N THR A 219 -5.74 8.78 0.71
CA THR A 219 -6.79 9.33 -0.14
C THR A 219 -6.21 10.33 -1.13
N VAL A 220 -5.49 11.32 -0.64
CA VAL A 220 -4.90 12.33 -1.50
C VAL A 220 -3.47 11.97 -1.89
N ASP A 221 -3.23 11.84 -3.19
CA ASP A 221 -1.91 11.52 -3.72
C ASP A 221 -1.12 12.83 -3.71
N ALA A 222 -0.77 13.29 -2.51
CA ALA A 222 -0.05 14.55 -2.31
C ALA A 222 1.30 14.64 -3.00
N GLY A 223 1.92 13.48 -3.25
CA GLY A 223 3.22 13.49 -3.89
C GLY A 223 3.23 14.05 -5.31
N LYS A 224 2.06 14.19 -5.93
CA LYS A 224 1.98 14.73 -7.28
C LYS A 224 2.20 16.23 -7.30
N ALA A 225 2.18 16.86 -6.14
CA ALA A 225 2.34 18.30 -6.01
C ALA A 225 3.68 18.88 -6.49
N ARG A 226 3.61 20.04 -7.13
CA ARG A 226 4.83 20.68 -7.58
C ARG A 226 4.84 22.05 -6.90
N THR A 227 3.68 22.45 -6.40
CA THR A 227 3.56 23.71 -5.68
C THR A 227 2.62 23.58 -4.46
N ILE A 228 3.11 23.99 -3.29
CA ILE A 228 2.32 23.94 -2.05
C ILE A 228 1.77 25.36 -1.79
N ILE A 229 0.44 25.48 -1.68
CA ILE A 229 -0.17 26.77 -1.38
C ILE A 229 -0.80 26.64 0.01
N GLY A 230 -0.37 27.48 0.93
CA GLY A 230 -0.91 27.41 2.29
C GLY A 230 -1.84 28.55 2.57
N VAL A 231 -3.02 28.25 3.11
CA VAL A 231 -3.97 29.30 3.41
C VAL A 231 -4.36 29.30 4.88
N SER A 232 -5.00 30.39 5.31
CA SER A 232 -5.51 30.57 6.67
C SER A 232 -4.57 31.14 7.73
N GLY A 233 -5.15 31.38 8.90
CA GLY A 233 -4.44 31.98 10.04
C GLY A 233 -3.02 31.57 10.40
N THR A 234 -2.79 30.27 10.56
CA THR A 234 -1.46 29.77 10.91
C THR A 234 -0.43 30.05 9.83
N VAL A 235 -0.71 29.67 8.59
CA VAL A 235 0.26 29.89 7.53
C VAL A 235 0.62 31.35 7.33
N THR A 236 -0.37 32.20 7.19
CA THR A 236 -0.09 33.61 6.94
C THR A 236 0.68 34.27 8.10
N THR A 237 0.34 33.91 9.32
CA THR A 237 1.00 34.49 10.49
C THR A 237 2.46 34.06 10.57
N MSE A 238 2.70 32.75 10.41
CA MSE A 238 4.07 32.24 10.43
C MSE A 238 4.86 32.88 9.31
O MSE A 238 6.03 33.24 9.49
CB MSE A 238 4.08 30.70 10.23
CG MSE A 238 3.45 29.89 11.37
SE MSE A 238 4.10 30.35 13.16
CE MSE A 238 5.99 30.39 12.80
N THR A 239 4.25 33.03 8.15
CA THR A 239 4.94 33.65 7.03
C THR A 239 5.27 35.10 7.37
N ALA A 240 4.30 35.81 7.94
CA ALA A 240 4.52 37.21 8.32
C ALA A 240 5.69 37.27 9.32
N LEU A 241 5.72 36.31 10.23
CA LEU A 241 6.79 36.26 11.21
C LEU A 241 8.12 35.99 10.53
N ALA A 242 8.14 35.05 9.59
CA ALA A 242 9.39 34.72 8.89
C ALA A 242 9.92 35.93 8.10
N MSE A 243 9.03 36.85 7.73
CA MSE A 243 9.42 38.02 6.99
C MSE A 243 9.89 39.16 7.88
O MSE A 243 10.36 40.20 7.40
CB MSE A 243 8.26 38.48 6.10
CG MSE A 243 7.95 37.52 4.98
SE MSE A 243 6.30 37.95 4.07
CE MSE A 243 6.94 39.47 3.04
N GLY A 244 9.76 38.98 9.19
CA GLY A 244 10.19 40.01 10.12
C GLY A 244 9.22 41.18 10.24
N LEU A 245 7.97 41.00 9.81
CA LEU A 245 7.00 42.08 9.90
C LEU A 245 6.72 42.42 11.35
N LYS A 246 6.62 43.72 11.66
CA LYS A 246 6.36 44.16 13.03
C LYS A 246 4.87 44.32 13.28
N GLU A 247 4.08 44.32 12.21
CA GLU A 247 2.63 44.43 12.27
C GLU A 247 2.13 43.67 11.05
N TYR A 248 0.97 43.05 11.13
CA TYR A 248 0.49 42.29 9.99
C TYR A 248 0.10 43.17 8.81
N ASP A 249 0.34 42.64 7.60
CA ASP A 249 0.01 43.34 6.36
C ASP A 249 -0.24 42.30 5.27
N HIS A 250 -1.51 42.01 5.02
CA HIS A 250 -1.91 41.00 4.04
C HIS A 250 -1.37 41.20 2.64
N THR A 251 -1.22 42.44 2.20
CA THR A 251 -0.74 42.69 0.84
C THR A 251 0.66 42.13 0.60
N VAL A 252 1.51 42.20 1.60
CA VAL A 252 2.88 41.72 1.44
C VAL A 252 3.06 40.22 1.69
N VAL A 253 2.12 39.62 2.41
CA VAL A 253 2.18 38.19 2.72
C VAL A 253 1.60 37.33 1.59
N ASP A 254 0.51 37.81 0.99
CA ASP A 254 -0.15 37.08 -0.08
C ASP A 254 0.79 36.88 -1.26
N GLY A 255 0.91 35.63 -1.70
CA GLY A 255 1.79 35.32 -2.83
C GLY A 255 3.25 35.19 -2.48
N HIS A 256 3.61 35.35 -1.21
CA HIS A 256 5.01 35.25 -0.82
C HIS A 256 5.50 33.81 -0.71
N ARG A 257 6.67 33.56 -1.31
CA ARG A 257 7.28 32.24 -1.29
C ARG A 257 8.26 32.16 -0.13
N LEU A 258 8.03 31.19 0.74
CA LEU A 258 8.87 31.01 1.91
C LEU A 258 9.59 29.68 1.76
N SER A 259 10.89 29.67 2.02
CA SER A 259 11.65 28.43 1.93
C SER A 259 11.27 27.54 3.11
N PHE A 260 11.51 26.24 2.97
CA PHE A 260 11.23 25.29 4.04
C PHE A 260 12.14 25.59 5.24
N GLU A 261 13.37 26.01 4.96
CA GLU A 261 14.32 26.32 6.02
C GLU A 261 13.77 27.41 6.92
N ASP A 262 13.35 28.52 6.33
CA ASP A 262 12.78 29.61 7.10
C ASP A 262 11.48 29.18 7.79
N ALA A 263 10.70 28.33 7.14
CA ALA A 263 9.45 27.87 7.72
C ALA A 263 9.67 26.99 8.95
N TYR A 264 10.62 26.07 8.87
CA TYR A 264 10.87 25.19 10.02
C TYR A 264 11.39 26.02 11.19
N ALA A 265 12.26 26.99 10.89
CA ALA A 265 12.83 27.83 11.92
C ALA A 265 11.81 28.69 12.68
N VAL A 266 10.92 29.42 12.01
CA VAL A 266 9.96 30.22 12.76
C VAL A 266 8.96 29.30 13.45
N ASP A 267 8.56 28.24 12.77
CA ASP A 267 7.63 27.29 13.37
C ASP A 267 8.14 26.80 14.73
N ASP A 268 9.43 26.45 14.79
CA ASP A 268 10.01 25.94 16.03
C ASP A 268 10.23 27.01 17.11
N LYS A 269 10.72 28.18 16.71
CA LYS A 269 10.94 29.26 17.66
C LYS A 269 9.66 29.60 18.39
N PHE A 270 8.61 29.89 17.63
CA PHE A 270 7.33 30.25 18.20
C PHE A 270 6.60 29.12 18.90
N LEU A 271 6.87 27.88 18.51
CA LEU A 271 6.25 26.73 19.15
C LEU A 271 6.74 26.72 20.61
N ARG A 272 8.05 26.80 20.76
CA ARG A 272 8.71 26.74 22.04
C ARG A 272 8.72 28.02 22.83
N MSE A 273 8.08 29.04 22.28
CA MSE A 273 8.01 30.31 22.94
C MSE A 273 6.87 30.39 23.96
O MSE A 273 5.81 29.79 23.80
CB MSE A 273 7.82 31.40 21.89
CG MSE A 273 8.75 32.56 22.04
SE MSE A 273 8.32 33.85 20.69
CE MSE A 273 9.99 33.89 19.72
N THR A 274 7.14 31.13 25.02
CA THR A 274 6.20 31.38 26.10
C THR A 274 5.08 32.26 25.52
N ARG A 275 3.88 32.24 26.10
CA ARG A 275 2.83 33.10 25.56
C ARG A 275 3.20 34.57 25.73
N ALA A 276 3.90 34.88 26.82
CA ALA A 276 4.34 36.26 27.05
C ALA A 276 5.35 36.68 25.98
N GLU A 277 6.21 35.75 25.58
CA GLU A 277 7.21 36.05 24.55
C GLU A 277 6.51 36.25 23.21
N ARG A 278 5.54 35.40 22.90
CA ARG A 278 4.81 35.52 21.65
C ARG A 278 4.14 36.90 21.50
N ARG A 279 3.58 37.41 22.60
CA ARG A 279 2.89 38.70 22.57
C ARG A 279 3.75 39.87 22.15
N GLU A 280 5.06 39.79 22.34
CA GLU A 280 5.94 40.86 21.92
C GLU A 280 5.84 41.09 20.40
N TYR A 281 5.44 40.06 19.66
CA TYR A 281 5.33 40.16 18.21
C TYR A 281 3.92 40.59 17.81
N LYS A 282 3.74 41.88 17.60
CA LYS A 282 2.44 42.43 17.27
C LYS A 282 1.84 41.90 15.98
N THR A 283 2.66 41.25 15.15
CA THR A 283 2.15 40.71 13.90
C THR A 283 1.18 39.56 14.18
N ILE A 284 1.24 38.99 15.38
CA ILE A 284 0.36 37.90 15.76
C ILE A 284 -0.91 38.43 16.36
N HIS A 285 -2.05 38.16 15.71
CA HIS A 285 -3.33 38.63 16.23
C HIS A 285 -3.51 38.12 17.67
N PRO A 286 -3.86 39.02 18.59
CA PRO A 286 -4.06 38.64 20.00
C PRO A 286 -4.84 37.34 20.19
N GLY A 287 -5.81 37.07 19.32
CA GLY A 287 -6.61 35.86 19.45
C GLY A 287 -5.96 34.60 18.90
N ARG A 288 -4.74 34.68 18.42
CA ARG A 288 -4.05 33.50 17.89
C ARG A 288 -2.87 33.10 18.74
N ILE A 289 -2.43 34.02 19.58
CA ILE A 289 -1.29 33.79 20.44
C ILE A 289 -1.31 32.48 21.24
N ASP A 290 -2.48 32.08 21.72
CA ASP A 290 -2.57 30.86 22.51
C ASP A 290 -2.50 29.56 21.71
N VAL A 291 -2.88 29.60 20.45
CA VAL A 291 -2.89 28.38 19.64
C VAL A 291 -1.86 28.34 18.53
N VAL A 292 -1.02 29.35 18.43
CA VAL A 292 -0.03 29.38 17.38
C VAL A 292 0.89 28.16 17.47
N GLY A 293 1.13 27.68 18.68
CA GLY A 293 1.97 26.51 18.85
C GLY A 293 1.41 25.30 18.13
N GLY A 294 0.10 25.09 18.23
CA GLY A 294 -0.52 23.96 17.56
C GLY A 294 -0.38 24.03 16.04
N GLY A 295 -0.54 25.22 15.49
CA GLY A 295 -0.42 25.41 14.06
C GLY A 295 1.00 25.18 13.59
N ALA A 296 1.96 25.57 14.40
CA ALA A 296 3.37 25.39 14.04
C ALA A 296 3.72 23.90 13.85
N VAL A 297 3.25 23.05 14.74
CA VAL A 297 3.55 21.63 14.65
C VAL A 297 2.87 20.98 13.46
N VAL A 298 1.61 21.30 13.23
CA VAL A 298 0.86 20.75 12.09
C VAL A 298 1.52 21.17 10.77
N TRP A 299 1.76 22.47 10.61
CA TRP A 299 2.37 23.04 9.42
C TRP A 299 3.71 22.37 9.11
N SER A 300 4.63 22.36 10.07
CA SER A 300 5.94 21.77 9.84
C SER A 300 5.87 20.32 9.38
N ARG A 301 4.98 19.53 9.98
CA ARG A 301 4.85 18.12 9.62
C ARG A 301 4.17 17.95 8.26
N VAL A 302 3.17 18.76 7.97
CA VAL A 302 2.52 18.63 6.69
C VAL A 302 3.55 18.95 5.59
N LEU A 303 4.34 20.00 5.80
CA LEU A 303 5.36 20.37 4.83
C LEU A 303 6.39 19.27 4.61
N ALA A 304 6.88 18.70 5.69
CA ALA A 304 7.89 17.65 5.60
C ALA A 304 7.33 16.41 4.92
N ARG A 305 6.10 16.05 5.24
CA ARG A 305 5.49 14.88 4.65
C ARG A 305 5.11 15.03 3.18
N VAL A 306 4.71 16.23 2.76
CA VAL A 306 4.35 16.42 1.37
C VAL A 306 5.60 16.41 0.53
N SER A 307 6.68 16.95 1.09
CA SER A 307 7.95 16.97 0.40
C SER A 307 8.43 15.54 0.15
N GLU A 308 8.50 14.71 1.20
CA GLU A 308 8.93 13.32 1.08
C GLU A 308 8.07 12.58 0.08
N ALA A 309 6.76 12.85 0.11
CA ALA A 309 5.84 12.19 -0.80
C ALA A 309 6.11 12.64 -2.25
N ALA A 310 6.59 13.86 -2.41
CA ALA A 310 6.88 14.37 -3.74
C ALA A 310 8.14 13.70 -4.27
N LYS A 311 9.18 13.62 -3.45
CA LYS A 311 10.41 13.01 -3.89
C LYS A 311 10.19 11.56 -4.26
N ALA A 312 9.30 10.88 -3.54
CA ALA A 312 9.03 9.48 -3.84
C ALA A 312 8.21 9.34 -5.12
N ASP A 313 7.35 10.32 -5.38
CA ASP A 313 6.49 10.28 -6.56
C ASP A 313 7.20 10.59 -7.87
N HIS A 314 7.95 11.68 -7.92
CA HIS A 314 8.62 12.07 -9.15
C HIS A 314 10.06 12.53 -8.97
N GLY A 315 10.69 12.03 -7.90
CA GLY A 315 12.09 12.33 -7.65
C GLY A 315 12.48 13.74 -7.29
N GLU A 316 11.54 14.56 -6.85
CA GLU A 316 11.89 15.94 -6.50
C GLU A 316 11.28 16.36 -5.16
N ALA A 317 12.09 16.95 -4.29
CA ALA A 317 11.59 17.39 -3.01
C ALA A 317 11.09 18.82 -3.11
N ILE A 318 10.07 19.15 -2.33
CA ILE A 318 9.53 20.49 -2.33
C ILE A 318 10.34 21.20 -1.25
N ASP A 319 10.79 22.41 -1.53
CA ASP A 319 11.60 23.17 -0.61
C ASP A 319 11.02 24.55 -0.30
N SER A 320 9.79 24.79 -0.70
CA SER A 320 9.18 26.08 -0.41
C SER A 320 7.68 25.96 -0.53
N PHE A 321 6.98 27.04 -0.21
CA PHE A 321 5.53 27.07 -0.34
C PHE A 321 5.12 28.51 -0.56
N VAL A 322 3.92 28.70 -1.04
CA VAL A 322 3.44 30.04 -1.29
C VAL A 322 2.27 30.28 -0.36
N ALA A 323 2.33 31.40 0.37
CA ALA A 323 1.27 31.75 1.30
C ALA A 323 0.22 32.47 0.49
N SER A 324 -1.05 32.20 0.80
CA SER A 324 -2.13 32.85 0.08
C SER A 324 -3.19 33.33 1.05
N GLU A 325 -3.68 34.55 0.80
CA GLU A 325 -4.72 35.12 1.64
C GLU A 325 -6.09 34.76 1.09
N HIS A 326 -6.13 33.93 0.05
CA HIS A 326 -7.41 33.52 -0.54
C HIS A 326 -7.70 32.05 -0.27
N GLY A 327 -8.70 31.78 0.55
CA GLY A 327 -9.04 30.41 0.88
C GLY A 327 -10.51 30.06 0.76
N LEU A 328 -11.05 29.47 1.81
CA LEU A 328 -12.44 29.04 1.83
C LEU A 328 -13.45 30.16 1.54
N LEU A 329 -13.24 31.32 2.15
CA LEU A 329 -14.15 32.45 1.95
C LEU A 329 -14.32 32.80 0.46
N ASP A 330 -13.20 33.05 -0.21
CA ASP A 330 -13.23 33.37 -1.63
C ASP A 330 -13.97 32.27 -2.39
N GLY A 331 -13.71 31.02 -2.03
CA GLY A 331 -14.38 29.92 -2.68
C GLY A 331 -15.88 30.03 -2.48
N ILE A 332 -16.29 30.41 -1.27
CA ILE A 332 -17.71 30.56 -0.94
C ILE A 332 -18.36 31.62 -1.81
N VAL A 333 -17.81 32.84 -1.79
CA VAL A 333 -18.36 33.95 -2.56
C VAL A 333 -18.31 33.75 -4.07
N LEU A 334 -17.29 33.05 -4.57
CA LEU A 334 -17.17 32.81 -6.01
C LEU A 334 -18.17 31.74 -6.42
N ASP A 335 -18.23 30.64 -5.67
CA ASP A 335 -19.16 29.56 -5.99
C ASP A 335 -20.60 30.03 -5.92
N TYR A 336 -20.96 30.69 -4.81
CA TYR A 336 -22.31 31.18 -4.64
C TYR A 336 -22.64 32.17 -5.75
N GLY A 337 -21.75 33.12 -5.96
CA GLY A 337 -21.97 34.11 -7.01
C GLY A 337 -22.30 33.47 -8.34
N ARG A 338 -21.39 32.64 -8.84
CA ARG A 338 -21.58 31.98 -10.13
C ARG A 338 -22.75 31.00 -10.10
N ARG A 339 -23.19 30.63 -8.90
CA ARG A 339 -24.33 29.72 -8.78
C ARG A 339 -25.62 30.51 -8.94
N LEU A 340 -25.57 31.79 -8.58
CA LEU A 340 -26.75 32.65 -8.70
C LEU A 340 -26.87 33.09 -10.15
N LEU A 341 -25.73 33.24 -10.81
CA LEU A 341 -25.71 33.63 -12.21
C LEU A 341 -26.12 32.45 -13.08
N ALA A 342 -27.07 31.66 -12.60
CA ALA A 342 -27.56 30.51 -13.32
C ALA A 342 -28.88 30.08 -12.69
N GLN A 343 -29.04 30.43 -11.42
CA GLN A 343 -30.24 30.11 -10.66
C GLN A 343 -30.15 30.79 -9.29
N GLU B 14 5.63 -5.19 -11.41
CA GLU B 14 6.37 -5.79 -12.56
C GLU B 14 5.93 -7.24 -12.81
N SER B 15 6.63 -7.92 -13.71
CA SER B 15 6.34 -9.31 -14.03
C SER B 15 7.62 -10.09 -14.33
N VAL B 16 7.53 -11.41 -14.25
CA VAL B 16 8.67 -12.28 -14.53
C VAL B 16 8.25 -13.43 -15.43
N THR B 17 9.22 -14.09 -16.03
CA THR B 17 8.94 -15.22 -16.90
C THR B 17 9.68 -16.42 -16.34
N VAL B 18 8.98 -17.26 -15.59
CA VAL B 18 9.62 -18.42 -15.01
C VAL B 18 9.29 -19.69 -15.77
N ALA B 19 10.08 -20.72 -15.53
CA ALA B 19 9.88 -22.01 -16.17
C ALA B 19 9.78 -23.02 -15.04
N GLY B 20 8.88 -23.98 -15.21
CA GLY B 20 8.73 -25.00 -14.18
C GLY B 20 8.77 -26.36 -14.83
N ILE B 21 9.43 -27.30 -14.18
CA ILE B 21 9.50 -28.64 -14.70
C ILE B 21 8.99 -29.54 -13.63
N ASP B 22 8.06 -30.42 -14.00
CA ASP B 22 7.46 -31.37 -13.08
C ASP B 22 7.91 -32.73 -13.57
N CYS B 23 8.67 -33.46 -12.76
CA CYS B 23 9.14 -34.77 -13.16
C CYS B 23 8.52 -35.85 -12.29
N GLY B 24 7.62 -36.62 -12.90
CA GLY B 24 6.95 -37.66 -12.17
C GLY B 24 7.60 -39.03 -12.23
N THR B 25 6.76 -40.07 -12.17
CA THR B 25 7.24 -41.44 -12.21
C THR B 25 7.13 -41.97 -13.62
N ASN B 26 6.17 -41.43 -14.37
CA ASN B 26 5.96 -41.90 -15.73
C ASN B 26 6.26 -40.81 -16.76
N SER B 27 6.21 -39.55 -16.34
CA SER B 27 6.49 -38.49 -17.31
C SER B 27 7.12 -37.24 -16.71
N ILE B 28 7.57 -36.36 -17.59
CA ILE B 28 8.19 -35.10 -17.17
C ILE B 28 7.51 -34.00 -17.96
N ARG B 29 7.16 -32.91 -17.28
CA ARG B 29 6.46 -31.81 -17.92
C ARG B 29 7.22 -30.49 -17.83
N LEU B 30 6.97 -29.62 -18.80
CA LEU B 30 7.58 -28.29 -18.82
C LEU B 30 6.54 -27.24 -19.18
N LYS B 31 6.67 -26.08 -18.58
CA LYS B 31 5.75 -24.98 -18.85
C LYS B 31 6.49 -23.68 -18.54
N ILE B 32 6.34 -22.71 -19.43
CA ILE B 32 6.97 -21.41 -19.23
C ILE B 32 5.88 -20.36 -19.35
N ALA B 33 5.79 -19.48 -18.36
CA ALA B 33 4.76 -18.44 -18.39
C ALA B 33 5.22 -17.17 -17.72
N ARG B 34 4.44 -16.12 -17.94
CA ARG B 34 4.71 -14.81 -17.36
C ARG B 34 3.83 -14.72 -16.11
N VAL B 35 4.38 -14.18 -15.03
CA VAL B 35 3.64 -14.07 -13.78
C VAL B 35 3.59 -12.65 -13.20
N ASP B 36 2.46 -11.98 -13.40
CA ASP B 36 2.28 -10.63 -12.87
C ASP B 36 1.22 -10.68 -11.77
N ALA B 37 0.64 -9.53 -11.44
CA ALA B 37 -0.38 -9.48 -10.40
C ALA B 37 -1.66 -10.19 -10.85
N ASP B 38 -1.95 -10.09 -12.15
CA ASP B 38 -3.14 -10.72 -12.72
C ASP B 38 -2.91 -12.18 -13.13
N GLY B 39 -2.38 -12.97 -12.20
CA GLY B 39 -2.13 -14.37 -12.51
C GLY B 39 -1.02 -14.64 -13.52
N MSE B 40 -1.14 -15.77 -14.22
CA MSE B 40 -0.14 -16.14 -15.21
C MSE B 40 -0.68 -16.27 -16.63
O MSE B 40 -1.84 -16.60 -16.84
CB MSE B 40 0.53 -17.46 -14.81
CG MSE B 40 -0.43 -18.63 -14.68
SE MSE B 40 0.45 -20.34 -14.40
CE MSE B 40 0.14 -21.10 -16.15
N HIS B 41 0.19 -16.00 -17.59
CA HIS B 41 -0.13 -16.09 -19.01
C HIS B 41 0.95 -16.97 -19.65
N GLU B 42 0.54 -18.02 -20.35
CA GLU B 42 1.51 -18.92 -20.98
C GLU B 42 2.30 -18.29 -22.12
N VAL B 43 3.58 -18.63 -22.19
CA VAL B 43 4.46 -18.12 -23.24
C VAL B 43 4.68 -19.25 -24.23
N VAL B 44 4.69 -20.48 -23.71
CA VAL B 44 4.89 -21.66 -24.53
C VAL B 44 3.97 -22.77 -24.07
N PRO B 45 3.21 -23.38 -25.00
CA PRO B 45 2.29 -24.44 -24.62
C PRO B 45 3.01 -25.58 -23.89
N ARG B 46 2.42 -26.02 -22.78
CA ARG B 46 2.98 -27.08 -21.95
C ARG B 46 3.47 -28.29 -22.75
N ILE B 47 4.65 -28.79 -22.41
CA ILE B 47 5.21 -29.96 -23.08
C ILE B 47 5.18 -31.16 -22.14
N LEU B 48 4.84 -32.33 -22.67
CA LEU B 48 4.80 -33.54 -21.86
C LEU B 48 5.57 -34.67 -22.52
N ARG B 49 6.40 -35.37 -21.75
CA ARG B 49 7.16 -36.49 -22.28
C ARG B 49 7.04 -37.68 -21.36
N VAL B 50 6.43 -38.74 -21.85
CA VAL B 50 6.28 -39.94 -21.04
C VAL B 50 7.62 -40.63 -21.16
N ILE B 51 8.46 -40.44 -20.16
CA ILE B 51 9.80 -41.02 -20.16
C ILE B 51 9.94 -42.23 -19.25
N ARG B 52 8.86 -42.60 -18.56
CA ARG B 52 8.86 -43.76 -17.66
C ARG B 52 10.12 -43.85 -16.79
N LEU B 53 10.49 -42.73 -16.18
CA LEU B 53 11.68 -42.66 -15.34
C LEU B 53 11.73 -43.62 -14.16
N GLY B 54 10.58 -43.90 -13.54
CA GLY B 54 10.56 -44.78 -12.38
C GLY B 54 10.57 -46.26 -12.69
N GLN B 55 10.80 -46.60 -13.96
CA GLN B 55 10.82 -47.98 -14.43
C GLN B 55 11.52 -49.00 -13.52
N ASP B 56 10.71 -49.87 -12.91
CA ASP B 56 11.20 -50.94 -12.04
C ASP B 56 12.06 -50.55 -10.84
N VAL B 57 11.93 -49.31 -10.38
CA VAL B 57 12.72 -48.85 -9.23
C VAL B 57 12.25 -49.52 -7.94
N ASP B 58 11.03 -50.05 -7.93
CA ASP B 58 10.50 -50.71 -6.75
C ASP B 58 11.22 -52.02 -6.47
N LYS B 59 11.61 -52.72 -7.53
CA LYS B 59 12.33 -53.99 -7.39
C LYS B 59 13.83 -53.77 -7.33
N THR B 60 14.36 -53.02 -8.30
CA THR B 60 15.78 -52.75 -8.39
C THR B 60 16.30 -51.67 -7.45
N HIS B 61 15.40 -50.82 -6.95
CA HIS B 61 15.80 -49.74 -6.04
C HIS B 61 16.77 -48.76 -6.71
N ARG B 62 16.73 -48.70 -8.04
CA ARG B 62 17.62 -47.80 -8.78
C ARG B 62 17.05 -47.50 -10.18
N PHE B 63 17.49 -46.39 -10.77
CA PHE B 63 17.03 -46.01 -12.10
C PHE B 63 17.74 -46.78 -13.22
N ALA B 64 16.96 -47.36 -14.12
CA ALA B 64 17.51 -48.11 -15.25
C ALA B 64 18.23 -47.13 -16.17
N ASP B 65 19.28 -47.61 -16.85
CA ASP B 65 20.02 -46.75 -17.75
C ASP B 65 19.11 -46.18 -18.85
N GLU B 66 18.35 -47.05 -19.48
CA GLU B 66 17.44 -46.65 -20.54
C GLU B 66 16.52 -45.50 -20.08
N ALA B 67 15.95 -45.65 -18.89
CA ALA B 67 15.06 -44.63 -18.34
C ALA B 67 15.83 -43.33 -18.14
N LEU B 68 16.94 -43.43 -17.41
CA LEU B 68 17.76 -42.27 -17.14
C LEU B 68 18.08 -41.54 -18.45
N GLU B 69 18.38 -42.30 -19.50
CA GLU B 69 18.68 -41.73 -20.81
C GLU B 69 17.49 -41.02 -21.42
N ARG B 70 16.29 -41.58 -21.23
CA ARG B 70 15.08 -40.97 -21.77
C ARG B 70 14.85 -39.62 -21.10
N ALA B 71 15.25 -39.50 -19.85
CA ALA B 71 15.09 -38.25 -19.11
C ALA B 71 15.98 -37.18 -19.70
N TYR B 72 17.23 -37.53 -19.93
CA TYR B 72 18.19 -36.58 -20.49
C TYR B 72 17.75 -36.10 -21.87
N VAL B 73 17.23 -37.01 -22.70
CA VAL B 73 16.76 -36.60 -24.02
C VAL B 73 15.74 -35.47 -23.84
N ALA B 74 14.86 -35.64 -22.87
CA ALA B 74 13.82 -34.64 -22.58
C ALA B 74 14.41 -33.35 -21.99
N ALA B 75 15.36 -33.50 -21.07
CA ALA B 75 15.99 -32.34 -20.46
C ALA B 75 16.68 -31.51 -21.55
N ARG B 76 17.34 -32.18 -22.51
CA ARG B 76 18.01 -31.47 -23.58
C ARG B 76 17.00 -30.69 -24.42
N GLU B 77 15.86 -31.33 -24.70
CA GLU B 77 14.82 -30.67 -25.48
C GLU B 77 14.29 -29.47 -24.69
N PHE B 78 14.15 -29.64 -23.38
CA PHE B 78 13.67 -28.57 -22.52
C PHE B 78 14.67 -27.45 -22.42
N ALA B 79 15.96 -27.77 -22.61
CA ALA B 79 17.01 -26.76 -22.57
C ALA B 79 16.85 -25.89 -23.81
N GLY B 80 16.56 -26.54 -24.92
CA GLY B 80 16.36 -25.83 -26.17
C GLY B 80 15.18 -24.87 -26.09
N VAL B 81 14.04 -25.38 -25.64
CA VAL B 81 12.84 -24.57 -25.51
C VAL B 81 13.08 -23.35 -24.63
N ILE B 82 13.84 -23.54 -23.56
CA ILE B 82 14.15 -22.45 -22.63
C ILE B 82 15.09 -21.45 -23.32
N ALA B 83 15.83 -21.91 -24.31
CA ALA B 83 16.74 -21.04 -25.04
C ALA B 83 15.92 -20.16 -25.97
N GLU B 84 14.96 -20.75 -26.66
CA GLU B 84 14.10 -20.01 -27.58
C GLU B 84 13.21 -19.02 -26.84
N HIS B 85 12.97 -19.26 -25.56
CA HIS B 85 12.14 -18.37 -24.76
C HIS B 85 12.82 -18.06 -23.45
N PRO B 86 13.72 -17.07 -23.44
CA PRO B 86 14.44 -16.69 -22.22
C PRO B 86 13.53 -16.53 -21.00
N ILE B 87 14.04 -16.94 -19.83
CA ILE B 87 13.28 -16.83 -18.60
C ILE B 87 14.13 -16.26 -17.47
N ASP B 88 13.46 -15.85 -16.41
CA ASP B 88 14.15 -15.27 -15.26
C ASP B 88 14.47 -16.30 -14.19
N GLY B 89 13.91 -17.50 -14.32
CA GLY B 89 14.15 -18.54 -13.34
C GLY B 89 13.58 -19.88 -13.76
N LEU B 90 14.14 -20.95 -13.20
CA LEU B 90 13.67 -22.30 -13.52
C LEU B 90 13.66 -23.16 -12.28
N ARG B 91 12.52 -23.76 -11.99
CA ARG B 91 12.44 -24.64 -10.84
C ARG B 91 12.12 -26.04 -11.33
N PHE B 92 12.93 -27.01 -10.91
CA PHE B 92 12.74 -28.39 -11.32
C PHE B 92 12.34 -29.15 -10.07
N VAL B 93 11.17 -29.77 -10.09
CA VAL B 93 10.68 -30.54 -8.94
C VAL B 93 10.50 -32.00 -9.35
N ALA B 94 10.98 -32.91 -8.50
CA ALA B 94 10.87 -34.34 -8.77
C ALA B 94 9.96 -35.06 -7.79
N THR B 95 9.38 -36.17 -8.24
CA THR B 95 8.46 -36.97 -7.43
C THR B 95 9.04 -37.44 -6.09
N SER B 96 8.15 -37.68 -5.13
CA SER B 96 8.56 -38.13 -3.80
C SER B 96 9.18 -39.53 -3.89
N ALA B 97 8.66 -40.36 -4.78
CA ALA B 97 9.17 -41.71 -4.98
C ALA B 97 10.46 -41.67 -5.79
N THR B 98 11.46 -40.97 -5.26
CA THR B 98 12.75 -40.84 -5.92
C THR B 98 13.83 -41.28 -4.94
N ARG B 99 13.52 -41.22 -3.66
CA ARG B 99 14.44 -41.62 -2.61
C ARG B 99 14.62 -43.13 -2.63
N ASP B 100 13.82 -43.81 -3.45
CA ASP B 100 13.88 -45.25 -3.60
C ASP B 100 14.76 -45.58 -4.82
N ALA B 101 15.79 -44.76 -4.99
CA ALA B 101 16.74 -44.92 -6.09
C ALA B 101 18.14 -44.65 -5.54
N GLU B 102 18.95 -45.70 -5.46
CA GLU B 102 20.30 -45.58 -4.95
C GLU B 102 21.14 -44.62 -5.79
N ASN B 103 20.96 -44.68 -7.10
CA ASN B 103 21.70 -43.82 -8.03
C ASN B 103 20.94 -42.51 -8.30
N ARG B 104 20.34 -41.95 -7.26
CA ARG B 104 19.58 -40.71 -7.41
C ARG B 104 20.48 -39.49 -7.51
N GLU B 105 21.69 -39.60 -6.96
CA GLU B 105 22.63 -38.48 -7.02
C GLU B 105 23.07 -38.28 -8.45
N GLU B 106 23.44 -39.37 -9.10
CA GLU B 106 23.88 -39.32 -10.50
C GLU B 106 22.82 -38.61 -11.33
N PHE B 107 21.56 -38.94 -11.08
CA PHE B 107 20.44 -38.35 -11.81
C PHE B 107 20.38 -36.83 -11.67
N GLU B 108 20.37 -36.36 -10.43
CA GLU B 108 20.29 -34.93 -10.16
C GLU B 108 21.51 -34.17 -10.67
N ASP B 109 22.66 -34.81 -10.63
CA ASP B 109 23.89 -34.19 -11.11
C ASP B 109 23.81 -34.00 -12.62
N GLU B 110 23.43 -35.06 -13.33
CA GLU B 110 23.32 -35.00 -14.77
C GLU B 110 22.26 -34.03 -15.28
N ILE B 111 21.18 -33.86 -14.53
CA ILE B 111 20.13 -32.92 -14.92
C ILE B 111 20.63 -31.50 -14.71
N GLU B 112 21.46 -31.31 -13.69
CA GLU B 112 22.00 -29.98 -13.43
C GLU B 112 22.99 -29.56 -14.53
N ARG B 113 23.71 -30.53 -15.09
CA ARG B 113 24.67 -30.22 -16.14
C ARG B 113 23.95 -29.76 -17.40
N ILE B 114 22.75 -30.26 -17.63
CA ILE B 114 21.99 -29.92 -18.82
C ILE B 114 21.18 -28.62 -18.68
N LEU B 115 20.52 -28.45 -17.53
CA LEU B 115 19.66 -27.28 -17.30
C LEU B 115 20.16 -26.22 -16.31
N GLY B 116 21.20 -26.54 -15.54
CA GLY B 116 21.70 -25.56 -14.59
C GLY B 116 21.16 -25.71 -13.17
N VAL B 117 19.86 -25.96 -13.02
CA VAL B 117 19.27 -26.11 -11.69
C VAL B 117 19.22 -27.57 -11.26
N ARG B 118 19.18 -27.80 -9.95
CA ARG B 118 19.16 -29.15 -9.43
C ARG B 118 17.72 -29.54 -9.05
N PRO B 119 17.29 -30.75 -9.45
CA PRO B 119 15.94 -31.22 -9.14
C PRO B 119 15.67 -31.16 -7.63
N GLU B 120 14.48 -30.72 -7.26
CA GLU B 120 14.10 -30.62 -5.85
C GLU B 120 13.00 -31.63 -5.51
N VAL B 121 13.13 -32.26 -4.36
CA VAL B 121 12.13 -33.19 -3.88
C VAL B 121 11.53 -32.42 -2.71
N ILE B 122 10.42 -31.74 -2.98
CA ILE B 122 9.75 -30.92 -1.97
C ILE B 122 8.87 -31.69 -0.98
N PRO B 123 8.68 -31.13 0.23
CA PRO B 123 7.86 -31.76 1.27
C PRO B 123 6.37 -31.81 0.92
N GLY B 124 5.71 -32.87 1.38
CA GLY B 124 4.29 -33.06 1.12
C GLY B 124 3.43 -31.82 1.31
N THR B 125 3.71 -31.05 2.35
CA THR B 125 2.94 -29.85 2.62
C THR B 125 3.00 -28.90 1.44
N GLU B 126 4.21 -28.73 0.89
CA GLU B 126 4.40 -27.83 -0.25
C GLU B 126 3.76 -28.38 -1.51
N GLU B 127 3.94 -29.68 -1.77
CA GLU B 127 3.35 -30.28 -2.95
C GLU B 127 1.85 -30.11 -2.84
N ALA B 128 1.32 -30.39 -1.65
CA ALA B 128 -0.11 -30.27 -1.39
C ALA B 128 -0.58 -28.87 -1.80
N ASP B 129 0.06 -27.84 -1.26
CA ASP B 129 -0.30 -26.47 -1.55
C ASP B 129 -0.12 -26.06 -3.02
N LEU B 130 0.99 -26.45 -3.64
CA LEU B 130 1.20 -26.10 -5.03
C LEU B 130 0.19 -26.82 -5.91
N SER B 131 -0.04 -28.10 -5.64
CA SER B 131 -1.01 -28.88 -6.42
C SER B 131 -2.38 -28.21 -6.37
N PHE B 132 -2.85 -27.93 -5.15
CA PHE B 132 -4.15 -27.30 -4.96
C PHE B 132 -4.18 -25.94 -5.65
N LEU B 133 -3.21 -25.11 -5.35
CA LEU B 133 -3.11 -23.78 -5.95
C LEU B 133 -3.24 -23.84 -7.47
N GLY B 134 -2.52 -24.76 -8.11
CA GLY B 134 -2.57 -24.88 -9.56
C GLY B 134 -3.92 -25.27 -10.12
N ALA B 135 -4.58 -26.22 -9.46
CA ALA B 135 -5.88 -26.67 -9.92
C ALA B 135 -6.98 -25.68 -9.58
N THR B 136 -6.81 -24.99 -8.46
CA THR B 136 -7.81 -24.04 -7.96
C THR B 136 -7.78 -22.61 -8.52
N SER B 137 -6.60 -22.08 -8.83
CA SER B 137 -6.47 -20.71 -9.32
C SER B 137 -7.31 -20.37 -10.54
N VAL B 138 -7.75 -21.39 -11.29
CA VAL B 138 -8.53 -21.14 -12.50
C VAL B 138 -10.01 -21.53 -12.45
N VAL B 139 -10.43 -22.27 -11.42
CA VAL B 139 -11.83 -22.70 -11.35
C VAL B 139 -12.81 -21.53 -11.35
N ASN B 140 -13.97 -21.77 -11.95
CA ASN B 140 -15.01 -20.74 -12.03
C ASN B 140 -16.04 -20.99 -10.93
N ARG B 141 -16.06 -20.13 -9.93
CA ARG B 141 -16.98 -20.25 -8.80
C ARG B 141 -18.45 -20.31 -9.20
N ASP B 142 -18.79 -19.76 -10.37
CA ASP B 142 -20.18 -19.77 -10.81
C ASP B 142 -20.71 -21.18 -11.07
N ASP B 143 -19.84 -22.08 -11.49
CA ASP B 143 -20.24 -23.45 -11.80
C ASP B 143 -19.84 -24.50 -10.77
N LEU B 144 -18.65 -24.34 -10.21
CA LEU B 144 -18.14 -25.31 -9.24
C LEU B 144 -18.23 -24.89 -7.76
N PRO B 145 -19.06 -25.59 -6.99
CA PRO B 145 -19.23 -25.30 -5.56
C PRO B 145 -18.10 -25.88 -4.71
N ALA B 146 -17.68 -25.12 -3.70
CA ALA B 146 -16.60 -25.56 -2.80
C ALA B 146 -17.22 -26.32 -1.64
N PRO B 147 -16.41 -27.10 -0.90
CA PRO B 147 -14.97 -27.36 -0.99
C PRO B 147 -14.54 -28.09 -2.26
N TYR B 148 -13.33 -27.79 -2.74
CA TYR B 148 -12.81 -28.45 -3.93
C TYR B 148 -11.89 -29.56 -3.45
N LEU B 149 -12.04 -30.73 -4.04
CA LEU B 149 -11.21 -31.87 -3.70
C LEU B 149 -10.45 -32.21 -4.97
N VAL B 150 -9.14 -31.94 -4.95
CA VAL B 150 -8.30 -32.21 -6.09
C VAL B 150 -7.68 -33.58 -5.96
N VAL B 151 -7.76 -34.36 -7.02
CA VAL B 151 -7.21 -35.71 -7.02
C VAL B 151 -6.14 -35.76 -8.09
N ASP B 152 -4.88 -35.75 -7.68
CA ASP B 152 -3.77 -35.83 -8.63
C ASP B 152 -3.36 -37.28 -8.65
N LEU B 153 -3.81 -38.00 -9.68
CA LEU B 153 -3.53 -39.43 -9.79
C LEU B 153 -2.36 -39.67 -10.75
N GLY B 154 -1.20 -40.00 -10.18
CA GLY B 154 -0.04 -40.25 -11.01
C GLY B 154 0.31 -41.73 -11.10
N GLY B 155 1.47 -42.04 -11.69
CA GLY B 155 1.87 -43.42 -11.83
C GLY B 155 2.36 -44.08 -10.56
N GLY B 156 2.91 -43.29 -9.65
CA GLY B 156 3.41 -43.87 -8.42
C GLY B 156 2.65 -43.49 -7.16
N SER B 157 2.10 -42.29 -7.14
CA SER B 157 1.37 -41.81 -5.96
C SER B 157 0.12 -41.03 -6.33
N THR B 158 -0.83 -40.98 -5.40
CA THR B 158 -2.08 -40.27 -5.63
C THR B 158 -2.37 -39.35 -4.47
N GLU B 159 -2.29 -38.05 -4.72
CA GLU B 159 -2.54 -37.07 -3.69
C GLU B 159 -3.97 -36.54 -3.69
N LEU B 160 -4.49 -36.33 -2.49
CA LEU B 160 -5.84 -35.82 -2.31
C LEU B 160 -5.70 -34.56 -1.47
N VAL B 161 -6.15 -33.44 -2.01
CA VAL B 161 -6.07 -32.18 -1.30
C VAL B 161 -7.42 -31.52 -1.34
N ILE B 162 -7.93 -31.13 -0.17
CA ILE B 162 -9.22 -30.47 -0.12
C ILE B 162 -9.10 -29.12 0.57
N GLY B 163 -9.82 -28.12 0.04
CA GLY B 163 -9.79 -26.78 0.62
C GLY B 163 -11.02 -26.45 1.44
N GLY B 164 -11.23 -25.16 1.70
CA GLY B 164 -12.36 -24.71 2.49
C GLY B 164 -13.62 -24.48 1.69
N ASP B 165 -14.75 -24.25 2.38
CA ASP B 165 -16.01 -24.04 1.68
C ASP B 165 -16.35 -22.57 1.42
N GLY B 166 -15.47 -21.66 1.82
CA GLY B 166 -15.74 -20.26 1.58
C GLY B 166 -16.42 -19.55 2.74
N VAL B 167 -16.97 -20.32 3.66
CA VAL B 167 -17.65 -19.74 4.82
C VAL B 167 -16.77 -19.89 6.06
N SER B 168 -16.54 -21.12 6.50
CA SER B 168 -15.72 -21.36 7.68
C SER B 168 -14.21 -21.26 7.40
N ALA B 169 -13.82 -21.40 6.14
CA ALA B 169 -12.41 -21.31 5.76
C ALA B 169 -12.35 -20.90 4.29
N PRO B 170 -11.29 -20.19 3.89
CA PRO B 170 -11.19 -19.76 2.49
C PRO B 170 -11.24 -20.90 1.47
N THR B 171 -11.82 -20.59 0.33
CA THR B 171 -11.95 -21.52 -0.77
C THR B 171 -10.57 -21.98 -1.28
N THR B 172 -9.57 -21.09 -1.17
CA THR B 172 -8.23 -21.37 -1.65
C THR B 172 -7.27 -21.91 -0.60
N GLN B 173 -7.76 -22.12 0.61
CA GLN B 173 -6.90 -22.61 1.67
C GLN B 173 -7.02 -24.09 1.98
N VAL B 174 -5.92 -24.82 1.81
CA VAL B 174 -5.88 -26.24 2.08
C VAL B 174 -6.30 -26.55 3.51
N GLN B 175 -7.21 -27.51 3.67
CA GLN B 175 -7.69 -27.93 4.99
C GLN B 175 -7.20 -29.32 5.35
N GLY B 176 -6.81 -30.09 4.35
CA GLY B 176 -6.31 -31.43 4.59
C GLY B 176 -5.67 -31.96 3.32
N ALA B 177 -4.77 -32.93 3.47
CA ALA B 177 -4.11 -33.48 2.31
C ALA B 177 -3.42 -34.77 2.70
N PHE B 178 -3.24 -35.65 1.71
CA PHE B 178 -2.58 -36.92 1.95
C PHE B 178 -2.09 -37.44 0.61
N SER B 179 -0.92 -38.05 0.62
CA SER B 179 -0.34 -38.60 -0.58
C SER B 179 -0.35 -40.12 -0.42
N MSE B 180 -1.08 -40.80 -1.31
CA MSE B 180 -1.18 -42.24 -1.22
C MSE B 180 -0.04 -42.96 -1.93
O MSE B 180 0.41 -42.57 -3.00
CB MSE B 180 -2.52 -42.72 -1.79
CG MSE B 180 -3.73 -42.38 -0.93
SE MSE B 180 -5.36 -43.31 -1.48
CE MSE B 180 -5.84 -42.19 -3.00
N ASN B 181 0.38 -44.05 -1.27
CA ASN B 181 1.46 -44.94 -1.70
C ASN B 181 1.12 -45.76 -2.96
N ILE B 182 0.18 -45.28 -3.78
CA ILE B 182 -0.23 -46.01 -4.99
C ILE B 182 -0.61 -45.16 -6.21
N GLY B 183 -0.54 -45.78 -7.39
CA GLY B 183 -0.87 -45.07 -8.62
C GLY B 183 -1.11 -46.00 -9.81
N SER B 184 -1.42 -45.41 -10.96
CA SER B 184 -1.71 -46.17 -12.17
C SER B 184 -0.64 -47.22 -12.46
N VAL B 185 0.62 -46.78 -12.49
CA VAL B 185 1.73 -47.67 -12.74
C VAL B 185 1.86 -48.75 -11.68
N ARG B 186 2.03 -48.33 -10.42
CA ARG B 186 2.19 -49.27 -9.31
C ARG B 186 1.11 -50.35 -9.18
N MSE B 187 -0.14 -50.00 -9.42
CA MSE B 187 -1.22 -50.97 -9.33
C MSE B 187 -1.16 -51.95 -10.50
O MSE B 187 -1.39 -53.14 -10.34
CB MSE B 187 -2.58 -50.27 -9.28
CG MSE B 187 -2.82 -49.49 -7.98
SE MSE B 187 -2.86 -50.62 -6.40
CE MSE B 187 -0.99 -50.60 -5.93
N THR B 188 -0.84 -51.42 -11.69
CA THR B 188 -0.75 -52.24 -12.88
C THR B 188 0.21 -53.42 -12.67
N GLU B 189 1.48 -53.10 -12.41
CA GLU B 189 2.48 -54.14 -12.22
C GLU B 189 2.38 -54.92 -10.92
N ARG B 190 1.61 -54.41 -9.97
CA ARG B 190 1.49 -55.10 -8.68
C ARG B 190 0.30 -56.06 -8.59
N HIS B 191 -0.63 -55.95 -9.54
CA HIS B 191 -1.82 -56.80 -9.53
C HIS B 191 -2.30 -57.24 -10.92
N LEU B 192 -2.45 -56.30 -11.83
CA LEU B 192 -2.93 -56.58 -13.18
C LEU B 192 -1.85 -57.23 -14.08
N THR B 193 -1.49 -58.46 -13.75
CA THR B 193 -0.47 -59.20 -14.47
C THR B 193 -0.85 -59.65 -15.88
N ASN B 194 -1.92 -60.44 -15.98
CA ASN B 194 -2.36 -60.94 -17.28
C ASN B 194 -2.90 -59.82 -18.14
N ASP B 195 -2.92 -60.07 -19.46
CA ASP B 195 -3.39 -59.10 -20.44
C ASP B 195 -4.44 -59.74 -21.34
N PRO B 196 -5.72 -59.40 -21.16
CA PRO B 196 -6.26 -58.46 -20.18
C PRO B 196 -6.26 -59.03 -18.77
N PRO B 197 -6.45 -58.17 -17.76
CA PRO B 197 -6.45 -58.65 -16.38
C PRO B 197 -7.64 -59.55 -16.08
N THR B 198 -7.48 -60.40 -15.08
CA THR B 198 -8.53 -61.34 -14.66
C THR B 198 -9.38 -60.69 -13.57
N GLN B 199 -10.53 -61.29 -13.27
CA GLN B 199 -11.39 -60.72 -12.24
C GLN B 199 -10.71 -60.80 -10.89
N THR B 200 -9.94 -61.86 -10.66
CA THR B 200 -9.25 -62.03 -9.37
C THR B 200 -8.19 -60.95 -9.19
N GLN B 201 -7.49 -60.63 -10.26
CA GLN B 201 -6.46 -59.60 -10.20
C GLN B 201 -7.11 -58.23 -9.96
N ILE B 202 -8.26 -57.99 -10.60
CA ILE B 202 -8.99 -56.74 -10.42
C ILE B 202 -9.45 -56.63 -8.96
N ASP B 203 -9.93 -57.75 -8.41
CA ASP B 203 -10.42 -57.76 -7.04
C ASP B 203 -9.29 -57.41 -6.07
N GLU B 204 -8.11 -57.98 -6.30
CA GLU B 204 -6.95 -57.71 -5.44
C GLU B 204 -6.59 -56.24 -5.52
N ALA B 205 -6.47 -55.72 -6.74
CA ALA B 205 -6.14 -54.32 -6.96
C ALA B 205 -7.13 -53.43 -6.24
N VAL B 206 -8.42 -53.73 -6.40
CA VAL B 206 -9.46 -52.94 -5.77
C VAL B 206 -9.33 -52.97 -4.25
N ALA B 207 -9.17 -54.16 -3.68
CA ALA B 207 -9.03 -54.29 -2.23
C ALA B 207 -7.81 -53.51 -1.72
N ASP B 208 -6.75 -53.45 -2.53
CA ASP B 208 -5.54 -52.74 -2.15
C ASP B 208 -5.80 -51.25 -2.14
N VAL B 209 -6.37 -50.74 -3.23
CA VAL B 209 -6.66 -49.32 -3.33
C VAL B 209 -7.56 -48.87 -2.19
N ASP B 210 -8.55 -49.68 -1.85
CA ASP B 210 -9.47 -49.32 -0.78
C ASP B 210 -8.78 -49.18 0.57
N GLU B 211 -7.89 -50.10 0.90
CA GLU B 211 -7.20 -50.02 2.19
C GLU B 211 -6.38 -48.72 2.23
N HIS B 212 -5.84 -48.33 1.09
CA HIS B 212 -5.08 -47.08 1.02
C HIS B 212 -6.00 -45.89 1.19
N ILE B 213 -7.19 -45.95 0.59
CA ILE B 213 -8.12 -44.84 0.71
C ILE B 213 -8.57 -44.75 2.17
N ASP B 214 -8.68 -45.90 2.82
CA ASP B 214 -9.06 -45.96 4.24
C ASP B 214 -8.07 -45.17 5.07
N GLU B 215 -6.78 -45.32 4.74
CA GLU B 215 -5.71 -44.63 5.44
C GLU B 215 -5.79 -43.14 5.14
N ALA B 216 -5.85 -42.80 3.86
CA ALA B 216 -5.92 -41.40 3.49
C ALA B 216 -7.09 -40.69 4.18
N PHE B 217 -8.23 -41.36 4.24
CA PHE B 217 -9.42 -40.79 4.86
C PHE B 217 -9.29 -40.55 6.36
N ARG B 218 -8.35 -41.21 7.01
CA ARG B 218 -8.17 -41.00 8.44
C ARG B 218 -7.46 -39.68 8.71
N THR B 219 -6.83 -39.08 7.71
CA THR B 219 -6.16 -37.80 7.91
C THR B 219 -6.85 -36.69 7.13
N VAL B 220 -7.29 -36.99 5.92
CA VAL B 220 -8.00 -35.99 5.13
C VAL B 220 -9.50 -36.32 5.09
N ASP B 221 -10.31 -35.35 5.54
CA ASP B 221 -11.76 -35.52 5.57
C ASP B 221 -12.38 -35.14 4.23
N ALA B 222 -12.33 -36.11 3.30
CA ALA B 222 -12.83 -35.93 1.93
C ALA B 222 -14.33 -35.71 1.82
N GLY B 223 -15.09 -36.25 2.77
CA GLY B 223 -16.53 -36.10 2.74
C GLY B 223 -17.02 -34.67 2.61
N LYS B 224 -16.21 -33.70 3.05
CA LYS B 224 -16.59 -32.29 2.98
C LYS B 224 -16.64 -31.78 1.54
N ALA B 225 -16.08 -32.55 0.63
CA ALA B 225 -16.04 -32.14 -0.77
C ALA B 225 -17.39 -32.00 -1.45
N ARG B 226 -17.47 -31.06 -2.38
CA ARG B 226 -18.68 -30.85 -3.16
C ARG B 226 -18.36 -30.83 -4.64
N THR B 227 -17.07 -30.81 -4.97
CA THR B 227 -16.63 -30.80 -6.36
C THR B 227 -15.30 -31.53 -6.46
N ILE B 228 -15.23 -32.49 -7.37
CA ILE B 228 -14.00 -33.26 -7.57
C ILE B 228 -13.32 -32.80 -8.84
N ILE B 229 -12.07 -32.33 -8.71
CA ILE B 229 -11.28 -31.89 -9.85
C ILE B 229 -10.17 -32.91 -10.02
N GLY B 230 -10.18 -33.63 -11.13
CA GLY B 230 -9.16 -34.64 -11.38
C GLY B 230 -8.07 -34.14 -12.30
N VAL B 231 -6.83 -34.39 -11.93
CA VAL B 231 -5.69 -33.96 -12.74
C VAL B 231 -4.71 -35.07 -13.03
N SER B 232 -3.88 -34.86 -14.05
CA SER B 232 -2.84 -35.81 -14.50
C SER B 232 -3.32 -36.74 -15.60
N GLY B 233 -2.38 -37.51 -16.14
CA GLY B 233 -2.63 -38.42 -17.24
C GLY B 233 -3.86 -39.32 -17.23
N THR B 234 -4.02 -40.11 -16.18
CA THR B 234 -5.16 -41.03 -16.10
C THR B 234 -6.51 -40.33 -16.29
N VAL B 235 -6.76 -39.30 -15.49
CA VAL B 235 -8.01 -38.56 -15.56
C VAL B 235 -8.30 -37.93 -16.89
N THR B 236 -7.31 -37.22 -17.43
CA THR B 236 -7.50 -36.54 -18.71
C THR B 236 -7.67 -37.50 -19.88
N THR B 237 -6.99 -38.65 -19.83
CA THR B 237 -7.10 -39.63 -20.89
C THR B 237 -8.50 -40.27 -20.86
N MSE B 238 -8.87 -40.81 -19.70
CA MSE B 238 -10.19 -41.44 -19.53
C MSE B 238 -11.30 -40.48 -19.96
O MSE B 238 -12.28 -40.88 -20.58
CB MSE B 238 -10.42 -41.85 -18.08
CG MSE B 238 -9.41 -42.83 -17.53
SE MSE B 238 -9.18 -44.39 -18.63
CE MSE B 238 -11.04 -44.80 -18.93
N THR B 239 -11.14 -39.21 -19.62
CA THR B 239 -12.14 -38.21 -19.98
C THR B 239 -12.17 -38.03 -21.49
N ALA B 240 -11.01 -38.05 -22.12
CA ALA B 240 -10.91 -37.90 -23.56
C ALA B 240 -11.65 -39.08 -24.18
N LEU B 241 -11.32 -40.27 -23.70
CA LEU B 241 -11.94 -41.50 -24.18
C LEU B 241 -13.45 -41.42 -24.02
N ALA B 242 -13.91 -41.09 -22.82
CA ALA B 242 -15.34 -40.99 -22.54
C ALA B 242 -16.09 -40.05 -23.48
N MSE B 243 -15.38 -39.04 -24.01
CA MSE B 243 -16.01 -38.09 -24.91
C MSE B 243 -15.95 -38.63 -26.34
O MSE B 243 -16.65 -38.14 -27.23
CB MSE B 243 -15.28 -36.75 -24.85
CG MSE B 243 -15.34 -36.08 -23.49
SE MSE B 243 -14.27 -34.45 -23.44
CE MSE B 243 -15.60 -33.23 -24.13
N GLY B 244 -15.12 -39.65 -26.55
CA GLY B 244 -14.99 -40.24 -27.87
C GLY B 244 -14.14 -39.40 -28.79
N LEU B 245 -12.83 -39.43 -28.57
CA LEU B 245 -11.90 -38.65 -29.39
C LEU B 245 -10.91 -39.54 -30.10
N LYS B 246 -10.52 -39.13 -31.31
CA LYS B 246 -9.57 -39.90 -32.10
C LYS B 246 -8.12 -39.61 -31.69
N GLU B 247 -7.79 -38.33 -31.59
CA GLU B 247 -6.45 -37.90 -31.19
C GLU B 247 -6.60 -37.03 -29.95
N TYR B 248 -5.65 -37.08 -29.04
CA TYR B 248 -5.75 -36.30 -27.81
C TYR B 248 -5.81 -34.80 -28.02
N ASP B 249 -6.75 -34.15 -27.33
CA ASP B 249 -6.94 -32.72 -27.44
C ASP B 249 -7.20 -32.11 -26.06
N HIS B 250 -6.20 -31.42 -25.52
CA HIS B 250 -6.34 -30.79 -24.21
C HIS B 250 -7.40 -29.70 -24.32
N THR B 251 -7.61 -29.21 -25.53
CA THR B 251 -8.57 -28.15 -25.80
C THR B 251 -9.97 -28.46 -25.29
N VAL B 252 -10.39 -29.71 -25.38
CA VAL B 252 -11.72 -30.10 -24.95
C VAL B 252 -11.79 -30.78 -23.59
N VAL B 253 -10.74 -31.49 -23.22
CA VAL B 253 -10.72 -32.20 -21.95
C VAL B 253 -10.77 -31.24 -20.75
N ASP B 254 -9.84 -30.30 -20.71
CA ASP B 254 -9.77 -29.33 -19.61
C ASP B 254 -11.10 -28.64 -19.30
N GLY B 255 -11.52 -28.69 -18.04
CA GLY B 255 -12.76 -28.06 -17.63
C GLY B 255 -14.03 -28.86 -17.84
N HIS B 256 -13.98 -29.84 -18.73
CA HIS B 256 -15.15 -30.66 -19.01
C HIS B 256 -15.60 -31.50 -17.82
N ARG B 257 -16.89 -31.38 -17.49
CA ARG B 257 -17.47 -32.14 -16.39
C ARG B 257 -17.95 -33.49 -16.95
N LEU B 258 -17.48 -34.57 -16.33
CA LEU B 258 -17.80 -35.93 -16.76
C LEU B 258 -18.62 -36.61 -15.67
N SER B 259 -19.71 -37.26 -16.04
CA SER B 259 -20.54 -37.92 -15.03
C SER B 259 -19.92 -39.22 -14.50
N PHE B 260 -20.24 -39.55 -13.27
CA PHE B 260 -19.73 -40.77 -12.68
C PHE B 260 -20.15 -41.94 -13.55
N GLU B 261 -21.39 -41.90 -14.04
CA GLU B 261 -21.91 -42.95 -14.90
C GLU B 261 -20.95 -43.23 -16.06
N ASP B 262 -20.64 -42.21 -16.85
CA ASP B 262 -19.72 -42.37 -17.98
C ASP B 262 -18.30 -42.68 -17.49
N ALA B 263 -17.90 -42.09 -16.37
CA ALA B 263 -16.56 -42.32 -15.83
C ALA B 263 -16.37 -43.79 -15.51
N TYR B 264 -17.31 -44.38 -14.77
CA TYR B 264 -17.24 -45.79 -14.41
C TYR B 264 -17.26 -46.67 -15.66
N ALA B 265 -17.99 -46.25 -16.68
CA ALA B 265 -18.09 -47.03 -17.92
C ALA B 265 -16.78 -47.09 -18.70
N VAL B 266 -16.14 -45.94 -18.94
CA VAL B 266 -14.86 -45.99 -19.68
C VAL B 266 -13.78 -46.68 -18.85
N ASP B 267 -13.74 -46.42 -17.55
CA ASP B 267 -12.74 -47.05 -16.72
C ASP B 267 -12.82 -48.57 -16.87
N ASP B 268 -14.03 -49.11 -16.67
CA ASP B 268 -14.19 -50.54 -16.77
C ASP B 268 -13.98 -51.09 -18.18
N LYS B 269 -14.52 -50.41 -19.19
CA LYS B 269 -14.37 -50.86 -20.56
C LYS B 269 -12.90 -50.98 -20.98
N PHE B 270 -12.11 -49.94 -20.69
CA PHE B 270 -10.69 -49.94 -21.05
C PHE B 270 -9.81 -50.78 -20.13
N LEU B 271 -10.30 -51.04 -18.94
CA LEU B 271 -9.56 -51.84 -17.98
C LEU B 271 -9.51 -53.30 -18.42
N ARG B 272 -10.62 -53.79 -18.98
CA ARG B 272 -10.71 -55.19 -19.40
C ARG B 272 -10.23 -55.45 -20.82
N MSE B 273 -9.73 -54.42 -21.46
CA MSE B 273 -9.19 -54.48 -22.82
C MSE B 273 -7.73 -54.91 -22.83
O MSE B 273 -6.94 -54.48 -22.00
CB MSE B 273 -9.29 -53.13 -23.47
CG MSE B 273 -10.32 -52.99 -24.54
SE MSE B 273 -10.05 -51.29 -25.37
CE MSE B 273 -11.80 -50.49 -25.07
N THR B 274 -7.36 -55.76 -23.78
CA THR B 274 -5.98 -56.22 -23.92
C THR B 274 -5.18 -54.99 -24.35
N ARG B 275 -3.88 -55.00 -24.10
CA ARG B 275 -3.04 -53.87 -24.48
C ARG B 275 -3.13 -53.63 -25.97
N ALA B 276 -3.19 -54.72 -26.73
CA ALA B 276 -3.30 -54.62 -28.18
C ALA B 276 -4.55 -53.86 -28.56
N GLU B 277 -5.67 -54.17 -27.90
CA GLU B 277 -6.92 -53.50 -28.19
C GLU B 277 -6.84 -52.02 -27.82
N ARG B 278 -6.20 -51.71 -26.70
CA ARG B 278 -6.06 -50.32 -26.27
C ARG B 278 -5.32 -49.48 -27.30
N ARG B 279 -4.28 -50.05 -27.92
CA ARG B 279 -3.49 -49.32 -28.91
C ARG B 279 -4.30 -48.82 -30.09
N GLU B 280 -5.47 -49.41 -30.33
CA GLU B 280 -6.33 -48.98 -31.42
C GLU B 280 -6.88 -47.57 -31.19
N TYR B 281 -6.90 -47.15 -29.92
CA TYR B 281 -7.40 -45.82 -29.58
C TYR B 281 -6.20 -44.89 -29.52
N LYS B 282 -6.13 -43.95 -30.46
CA LYS B 282 -5.00 -43.04 -30.56
C LYS B 282 -4.90 -41.95 -29.48
N THR B 283 -5.97 -41.73 -28.72
CA THR B 283 -5.92 -40.71 -27.68
C THR B 283 -5.08 -41.14 -26.49
N ILE B 284 -4.72 -42.42 -26.43
CA ILE B 284 -3.90 -42.91 -25.34
C ILE B 284 -2.43 -42.93 -25.78
N HIS B 285 -1.59 -42.11 -25.17
CA HIS B 285 -0.19 -42.10 -25.52
C HIS B 285 0.35 -43.50 -25.26
N PRO B 286 1.07 -44.08 -26.23
CA PRO B 286 1.62 -45.43 -26.06
C PRO B 286 2.32 -45.67 -24.73
N GLY B 287 2.98 -44.62 -24.21
CA GLY B 287 3.67 -44.76 -22.95
C GLY B 287 2.73 -45.01 -21.78
N ARG B 288 1.46 -44.64 -21.96
CA ARG B 288 0.44 -44.80 -20.94
C ARG B 288 -0.40 -46.07 -21.12
N ILE B 289 -0.40 -46.62 -22.33
CA ILE B 289 -1.16 -47.82 -22.64
C ILE B 289 -1.03 -49.00 -21.70
N ASP B 290 0.19 -49.30 -21.26
CA ASP B 290 0.39 -50.43 -20.37
C ASP B 290 -0.19 -50.20 -18.97
N VAL B 291 -0.57 -48.96 -18.66
CA VAL B 291 -1.11 -48.68 -17.35
C VAL B 291 -2.48 -48.00 -17.33
N VAL B 292 -3.21 -48.06 -18.43
CA VAL B 292 -4.54 -47.46 -18.46
C VAL B 292 -5.42 -48.20 -17.47
N GLY B 293 -5.20 -49.51 -17.36
CA GLY B 293 -5.98 -50.32 -16.45
C GLY B 293 -5.69 -50.06 -14.98
N GLY B 294 -4.42 -49.91 -14.65
CA GLY B 294 -4.05 -49.63 -13.27
C GLY B 294 -4.65 -48.32 -12.82
N GLY B 295 -4.68 -47.36 -13.73
CA GLY B 295 -5.24 -46.06 -13.43
C GLY B 295 -6.76 -46.11 -13.40
N ALA B 296 -7.33 -47.02 -14.18
CA ALA B 296 -8.79 -47.17 -14.24
C ALA B 296 -9.31 -47.56 -12.86
N VAL B 297 -8.70 -48.57 -12.26
CA VAL B 297 -9.08 -49.04 -10.94
C VAL B 297 -8.96 -47.94 -9.89
N VAL B 298 -7.78 -47.33 -9.79
CA VAL B 298 -7.60 -46.29 -8.81
C VAL B 298 -8.63 -45.17 -8.95
N TRP B 299 -8.83 -44.67 -10.16
CA TRP B 299 -9.77 -43.58 -10.39
C TRP B 299 -11.22 -43.94 -9.98
N SER B 300 -11.64 -45.18 -10.28
CA SER B 300 -13.00 -45.59 -9.93
C SER B 300 -13.23 -45.71 -8.43
N ARG B 301 -12.26 -46.28 -7.72
CA ARG B 301 -12.41 -46.42 -6.27
C ARG B 301 -12.40 -45.06 -5.59
N VAL B 302 -11.51 -44.17 -6.01
CA VAL B 302 -11.45 -42.84 -5.42
C VAL B 302 -12.79 -42.12 -5.60
N LEU B 303 -13.28 -42.07 -6.83
CA LEU B 303 -14.56 -41.41 -7.09
C LEU B 303 -15.68 -41.97 -6.23
N ALA B 304 -15.76 -43.30 -6.16
CA ALA B 304 -16.80 -43.94 -5.36
C ALA B 304 -16.63 -43.64 -3.86
N ARG B 305 -15.42 -43.82 -3.33
CA ARG B 305 -15.14 -43.58 -1.93
C ARG B 305 -15.41 -42.14 -1.49
N VAL B 306 -15.05 -41.19 -2.34
CA VAL B 306 -15.27 -39.79 -2.02
C VAL B 306 -16.77 -39.51 -1.99
N SER B 307 -17.49 -40.03 -2.98
CA SER B 307 -18.94 -39.84 -3.03
C SER B 307 -19.62 -40.38 -1.77
N GLU B 308 -19.32 -41.63 -1.43
CA GLU B 308 -19.92 -42.24 -0.24
C GLU B 308 -19.60 -41.42 1.01
N ALA B 309 -18.43 -40.79 1.04
CA ALA B 309 -18.02 -39.98 2.18
C ALA B 309 -18.75 -38.64 2.21
N ALA B 310 -19.08 -38.12 1.03
CA ALA B 310 -19.81 -36.86 0.96
C ALA B 310 -21.27 -37.06 1.36
N LYS B 311 -21.79 -38.26 1.13
CA LYS B 311 -23.17 -38.60 1.46
C LYS B 311 -23.28 -38.86 2.95
N ALA B 312 -22.21 -39.34 3.55
CA ALA B 312 -22.21 -39.62 4.98
C ALA B 312 -21.87 -38.36 5.76
N ASP B 313 -21.18 -37.43 5.11
CA ASP B 313 -20.80 -36.19 5.76
C ASP B 313 -21.94 -35.16 5.75
N HIS B 314 -22.45 -34.86 4.56
CA HIS B 314 -23.53 -33.89 4.43
C HIS B 314 -24.74 -34.36 3.60
N GLY B 315 -25.08 -35.65 3.75
CA GLY B 315 -26.22 -36.22 3.06
C GLY B 315 -26.42 -36.07 1.56
N GLU B 316 -25.36 -36.05 0.78
CA GLU B 316 -25.52 -35.95 -0.66
C GLU B 316 -24.32 -36.49 -1.43
N ALA B 317 -24.59 -37.39 -2.37
CA ALA B 317 -23.55 -37.98 -3.17
C ALA B 317 -23.00 -36.98 -4.18
N ILE B 318 -21.93 -37.39 -4.86
CA ILE B 318 -21.32 -36.58 -5.90
C ILE B 318 -21.44 -37.47 -7.12
N ASP B 319 -21.92 -36.93 -8.25
CA ASP B 319 -22.08 -37.79 -9.41
C ASP B 319 -21.40 -37.31 -10.69
N SER B 320 -20.39 -36.43 -10.52
CA SER B 320 -19.63 -35.91 -11.65
C SER B 320 -18.28 -35.40 -11.15
N PHE B 321 -17.38 -35.09 -12.08
CA PHE B 321 -16.07 -34.57 -11.73
C PHE B 321 -15.55 -33.73 -12.88
N VAL B 322 -14.81 -32.68 -12.56
CA VAL B 322 -14.26 -31.83 -13.59
C VAL B 322 -12.83 -32.25 -13.87
N ALA B 323 -12.54 -32.55 -15.13
CA ALA B 323 -11.20 -32.94 -15.52
C ALA B 323 -10.41 -31.63 -15.68
N SER B 324 -9.15 -31.65 -15.28
CA SER B 324 -8.34 -30.45 -15.37
C SER B 324 -6.96 -30.72 -15.92
N GLU B 325 -6.38 -29.69 -16.51
CA GLU B 325 -5.04 -29.79 -17.09
C GLU B 325 -4.07 -29.01 -16.22
N HIS B 326 -4.60 -28.38 -15.15
CA HIS B 326 -3.80 -27.57 -14.25
C HIS B 326 -3.61 -28.19 -12.87
N GLY B 327 -2.36 -28.50 -12.53
CA GLY B 327 -2.08 -29.11 -11.24
C GLY B 327 -0.82 -28.66 -10.55
N LEU B 328 0.09 -29.61 -10.31
CA LEU B 328 1.34 -29.33 -9.64
C LEU B 328 2.24 -28.40 -10.45
N LEU B 329 2.31 -28.62 -11.75
CA LEU B 329 3.16 -27.79 -12.62
C LEU B 329 2.74 -26.33 -12.56
N ASP B 330 1.44 -26.09 -12.69
CA ASP B 330 0.93 -24.71 -12.67
C ASP B 330 1.14 -24.01 -11.34
N GLY B 331 1.05 -24.76 -10.25
CA GLY B 331 1.25 -24.17 -8.94
C GLY B 331 2.72 -23.89 -8.69
N ILE B 332 3.59 -24.60 -9.42
CA ILE B 332 5.02 -24.39 -9.25
C ILE B 332 5.42 -23.07 -9.90
N VAL B 333 4.98 -22.84 -11.13
CA VAL B 333 5.31 -21.62 -11.83
C VAL B 333 4.73 -20.40 -11.10
N LEU B 334 3.48 -20.50 -10.66
CA LEU B 334 2.83 -19.40 -9.95
C LEU B 334 3.57 -19.07 -8.66
N ASP B 335 3.77 -20.09 -7.83
CA ASP B 335 4.45 -19.90 -6.55
C ASP B 335 5.87 -19.36 -6.70
N TYR B 336 6.59 -19.84 -7.72
CA TYR B 336 7.95 -19.39 -7.96
C TYR B 336 7.98 -18.00 -8.59
N GLY B 337 7.11 -17.78 -9.58
CA GLY B 337 7.07 -16.48 -10.24
C GLY B 337 6.65 -15.40 -9.25
N ARG B 338 5.79 -15.79 -8.32
CA ARG B 338 5.28 -14.89 -7.30
C ARG B 338 6.33 -14.63 -6.22
N ARG B 339 7.12 -15.66 -5.93
CA ARG B 339 8.17 -15.55 -4.91
C ARG B 339 9.34 -14.69 -5.39
N LEU B 340 9.42 -14.47 -6.70
CA LEU B 340 10.49 -13.64 -7.28
C LEU B 340 10.14 -12.16 -7.16
N LEU B 341 8.91 -11.82 -7.52
CA LEU B 341 8.43 -10.45 -7.45
C LEU B 341 8.37 -9.97 -6.00
N ALA B 342 8.72 -10.86 -5.07
CA ALA B 342 8.70 -10.52 -3.65
C ALA B 342 10.12 -10.30 -3.14
N GLN B 343 11.10 -10.47 -4.02
CA GLN B 343 12.50 -10.27 -3.66
C GLN B 343 12.86 -8.79 -3.58
N MSE C 11 13.75 -21.98 -58.37
CA MSE C 11 14.93 -21.26 -57.77
C MSE C 11 14.51 -20.62 -56.45
O MSE C 11 13.57 -21.08 -55.80
CB MSE C 11 15.44 -20.20 -58.75
CG MSE C 11 16.88 -19.79 -58.52
SE MSE C 11 17.48 -18.35 -59.69
CE MSE C 11 17.50 -16.89 -58.40
N SER C 12 15.22 -19.56 -56.04
CA SER C 12 14.92 -18.86 -54.80
C SER C 12 13.67 -18.00 -54.99
N LYS C 13 12.92 -17.77 -53.93
CA LYS C 13 11.71 -16.96 -54.04
C LYS C 13 12.10 -15.56 -54.50
N GLU C 14 11.24 -14.95 -55.31
CA GLU C 14 11.51 -13.62 -55.86
C GLU C 14 11.61 -12.51 -54.81
N SER C 15 12.65 -11.70 -54.91
CA SER C 15 12.88 -10.61 -53.99
C SER C 15 13.57 -9.43 -54.64
N VAL C 16 13.75 -8.37 -53.84
CA VAL C 16 14.41 -7.16 -54.28
C VAL C 16 15.04 -6.55 -53.05
N THR C 17 16.10 -5.78 -53.23
CA THR C 17 16.75 -5.12 -52.11
C THR C 17 16.56 -3.62 -52.31
N VAL C 18 15.83 -2.99 -51.40
CA VAL C 18 15.60 -1.56 -51.52
C VAL C 18 16.09 -0.76 -50.34
N ALA C 19 16.29 0.52 -50.58
CA ALA C 19 16.74 1.42 -49.55
C ALA C 19 15.64 2.43 -49.34
N GLY C 20 15.40 2.74 -48.07
CA GLY C 20 14.40 3.72 -47.74
C GLY C 20 15.02 4.80 -46.85
N ILE C 21 14.62 6.05 -47.10
CA ILE C 21 15.09 7.13 -46.28
C ILE C 21 13.87 7.93 -45.86
N ASP C 22 13.71 8.06 -44.55
CA ASP C 22 12.59 8.81 -43.97
C ASP C 22 13.21 10.05 -43.36
N CYS C 23 12.95 11.20 -43.98
CA CYS C 23 13.48 12.48 -43.54
C CYS C 23 12.40 13.30 -42.84
N GLY C 24 12.52 13.39 -41.52
CA GLY C 24 11.51 14.11 -40.76
C GLY C 24 11.85 15.52 -40.34
N THR C 25 11.31 15.90 -39.18
CA THR C 25 11.46 17.22 -38.63
C THR C 25 12.60 17.24 -37.61
N ASN C 26 12.72 16.16 -36.86
CA ASN C 26 13.75 16.05 -35.86
C ASN C 26 14.87 15.13 -36.34
N SER C 27 14.54 14.10 -37.10
CA SER C 27 15.59 13.21 -37.57
C SER C 27 15.41 12.65 -38.98
N ILE C 28 16.48 12.00 -39.47
CA ILE C 28 16.48 11.37 -40.78
C ILE C 28 16.97 9.95 -40.57
N ARG C 29 16.28 9.00 -41.19
CA ARG C 29 16.60 7.58 -41.05
C ARG C 29 16.85 6.85 -42.37
N LEU C 30 17.69 5.84 -42.32
CA LEU C 30 18.02 5.04 -43.48
C LEU C 30 17.88 3.56 -43.17
N LYS C 31 17.37 2.80 -44.12
CA LYS C 31 17.21 1.38 -43.94
C LYS C 31 17.29 0.69 -45.29
N ILE C 32 18.04 -0.40 -45.34
CA ILE C 32 18.16 -1.18 -46.57
C ILE C 32 17.69 -2.58 -46.19
N ALA C 33 16.80 -3.14 -47.00
CA ALA C 33 16.31 -4.47 -46.70
C ALA C 33 15.89 -5.24 -47.94
N ARG C 34 15.95 -6.56 -47.84
CA ARG C 34 15.54 -7.43 -48.93
C ARG C 34 14.06 -7.65 -48.69
N VAL C 35 13.23 -7.47 -49.72
CA VAL C 35 11.80 -7.63 -49.55
C VAL C 35 11.20 -8.61 -50.55
N ASP C 36 10.26 -9.43 -50.07
CA ASP C 36 9.58 -10.40 -50.92
C ASP C 36 8.15 -10.55 -50.42
N ALA C 37 7.39 -11.43 -51.06
CA ALA C 37 5.99 -11.66 -50.70
C ALA C 37 5.75 -11.86 -49.21
N ASP C 38 6.69 -12.51 -48.55
CA ASP C 38 6.57 -12.79 -47.13
C ASP C 38 6.94 -11.64 -46.21
N GLY C 39 7.70 -10.68 -46.71
CA GLY C 39 8.09 -9.54 -45.89
C GLY C 39 9.48 -9.04 -46.19
N MSE C 40 10.11 -8.45 -45.19
CA MSE C 40 11.46 -7.91 -45.36
C MSE C 40 12.47 -8.52 -44.40
O MSE C 40 12.11 -9.06 -43.35
CB MSE C 40 11.45 -6.39 -45.20
CG MSE C 40 10.77 -5.90 -43.94
SE MSE C 40 11.22 -4.06 -43.52
CE MSE C 40 12.50 -4.43 -42.11
N HIS C 41 13.74 -8.41 -44.79
CA HIS C 41 14.84 -8.93 -43.99
C HIS C 41 15.91 -7.85 -44.00
N GLU C 42 16.25 -7.33 -42.83
CA GLU C 42 17.23 -6.26 -42.71
C GLU C 42 18.59 -6.58 -43.27
N VAL C 43 19.07 -5.73 -44.16
CA VAL C 43 20.39 -5.89 -44.74
C VAL C 43 21.25 -4.98 -43.89
N VAL C 44 20.82 -3.73 -43.80
CA VAL C 44 21.48 -2.71 -43.01
C VAL C 44 20.47 -2.21 -41.99
N PRO C 45 20.69 -2.50 -40.71
CA PRO C 45 19.76 -2.04 -39.67
C PRO C 45 19.61 -0.51 -39.63
N ARG C 46 18.45 -0.05 -39.17
CA ARG C 46 18.15 1.38 -39.06
C ARG C 46 19.29 2.25 -38.57
N ILE C 47 19.60 3.30 -39.34
CA ILE C 47 20.62 4.26 -38.95
C ILE C 47 19.85 5.56 -38.70
N LEU C 48 20.03 6.11 -37.51
CA LEU C 48 19.33 7.32 -37.09
C LEU C 48 20.26 8.50 -36.90
N ARG C 49 19.96 9.60 -37.58
CA ARG C 49 20.75 10.81 -37.43
C ARG C 49 19.77 11.92 -37.09
N VAL C 50 19.88 12.44 -35.88
CA VAL C 50 18.99 13.49 -35.42
C VAL C 50 19.59 14.81 -35.93
N ILE C 51 19.13 15.27 -37.08
CA ILE C 51 19.65 16.52 -37.65
C ILE C 51 18.71 17.71 -37.51
N ARG C 52 17.55 17.49 -36.90
CA ARG C 52 16.55 18.54 -36.72
C ARG C 52 16.47 19.49 -37.91
N LEU C 53 16.01 18.93 -39.02
CA LEU C 53 15.87 19.69 -40.25
C LEU C 53 14.77 20.74 -40.11
N GLY C 54 13.83 20.49 -39.21
CA GLY C 54 12.72 21.42 -39.02
C GLY C 54 13.00 22.54 -38.04
N GLN C 55 14.25 22.65 -37.61
CA GLN C 55 14.64 23.69 -36.67
C GLN C 55 14.08 25.07 -37.06
N ASP C 56 13.21 25.58 -36.21
CA ASP C 56 12.57 26.89 -36.38
C ASP C 56 11.64 27.07 -37.56
N VAL C 57 11.44 26.02 -38.36
CA VAL C 57 10.58 26.12 -39.53
C VAL C 57 9.17 26.59 -39.19
N ASP C 58 8.63 26.15 -38.06
CA ASP C 58 7.29 26.54 -37.65
C ASP C 58 7.13 28.06 -37.63
N LYS C 59 8.15 28.76 -37.16
CA LYS C 59 8.09 30.21 -37.09
C LYS C 59 8.58 30.90 -38.38
N THR C 60 9.70 30.43 -38.90
CA THR C 60 10.32 31.00 -40.09
C THR C 60 9.72 30.59 -41.44
N HIS C 61 9.02 29.46 -41.45
CA HIS C 61 8.41 28.90 -42.66
C HIS C 61 9.43 28.49 -43.70
N ARG C 62 10.66 28.21 -43.26
CA ARG C 62 11.69 27.78 -44.19
C ARG C 62 12.86 27.12 -43.47
N PHE C 63 13.63 26.29 -44.16
CA PHE C 63 14.77 25.64 -43.54
C PHE C 63 15.88 26.63 -43.22
N ALA C 64 16.55 26.44 -42.08
CA ALA C 64 17.68 27.29 -41.70
C ALA C 64 18.88 26.68 -42.43
N ASP C 65 19.84 27.54 -42.78
CA ASP C 65 21.04 27.09 -43.49
C ASP C 65 21.77 25.98 -42.74
N GLU C 66 21.96 26.16 -41.44
CA GLU C 66 22.67 25.17 -40.63
C GLU C 66 21.94 23.83 -40.67
N ALA C 67 20.61 23.87 -40.67
CA ALA C 67 19.81 22.65 -40.70
C ALA C 67 20.03 21.98 -42.05
N LEU C 68 20.02 22.76 -43.11
CA LEU C 68 20.25 22.23 -44.45
C LEU C 68 21.61 21.51 -44.45
N GLU C 69 22.66 22.20 -43.99
CA GLU C 69 23.99 21.59 -43.98
C GLU C 69 24.07 20.31 -43.15
N ARG C 70 23.40 20.26 -42.00
CA ARG C 70 23.43 19.02 -41.21
C ARG C 70 22.75 17.89 -41.98
N ALA C 71 21.80 18.23 -42.84
CA ALA C 71 21.11 17.22 -43.63
C ALA C 71 22.02 16.69 -44.76
N TYR C 72 22.81 17.59 -45.35
CA TYR C 72 23.73 17.19 -46.42
C TYR C 72 24.79 16.24 -45.83
N VAL C 73 25.28 16.55 -44.64
CA VAL C 73 26.24 15.68 -43.96
C VAL C 73 25.63 14.28 -43.80
N ALA C 74 24.37 14.20 -43.39
CA ALA C 74 23.75 12.89 -43.24
C ALA C 74 23.54 12.25 -44.60
N ALA C 75 23.19 13.05 -45.60
CA ALA C 75 22.96 12.53 -46.95
C ALA C 75 24.23 11.90 -47.54
N ARG C 76 25.38 12.52 -47.35
CA ARG C 76 26.62 11.94 -47.88
C ARG C 76 26.81 10.60 -47.20
N GLU C 77 26.78 10.61 -45.88
CA GLU C 77 26.96 9.39 -45.10
C GLU C 77 26.09 8.25 -45.62
N PHE C 78 24.81 8.54 -45.88
CA PHE C 78 23.92 7.49 -46.38
C PHE C 78 24.29 7.01 -47.78
N ALA C 79 24.84 7.90 -48.61
CA ALA C 79 25.24 7.51 -49.96
C ALA C 79 26.39 6.52 -49.82
N GLY C 80 27.22 6.71 -48.80
CA GLY C 80 28.34 5.82 -48.58
C GLY C 80 27.81 4.44 -48.24
N VAL C 81 26.87 4.37 -47.28
CA VAL C 81 26.29 3.10 -46.88
C VAL C 81 25.58 2.45 -48.05
N ILE C 82 24.84 3.24 -48.84
CA ILE C 82 24.15 2.70 -49.99
C ILE C 82 25.16 2.18 -51.00
N ALA C 83 26.29 2.86 -51.11
CA ALA C 83 27.33 2.45 -52.05
C ALA C 83 27.88 1.08 -51.63
N GLU C 84 27.92 0.83 -50.33
CA GLU C 84 28.42 -0.44 -49.79
C GLU C 84 27.49 -1.64 -49.99
N HIS C 85 26.23 -1.38 -50.33
CA HIS C 85 25.27 -2.46 -50.53
C HIS C 85 24.44 -2.24 -51.77
N PRO C 86 24.61 -3.09 -52.79
CA PRO C 86 23.82 -2.92 -54.01
C PRO C 86 22.34 -3.10 -53.77
N ILE C 87 21.55 -2.19 -54.33
CA ILE C 87 20.10 -2.25 -54.19
C ILE C 87 19.43 -2.06 -55.55
N ASP C 88 18.16 -2.45 -55.62
CA ASP C 88 17.38 -2.33 -56.84
C ASP C 88 16.67 -0.98 -56.91
N GLY C 89 16.75 -0.24 -55.81
CA GLY C 89 16.10 1.06 -55.76
C GLY C 89 16.15 1.75 -54.41
N LEU C 90 15.99 3.06 -54.46
CA LEU C 90 16.00 3.90 -53.27
C LEU C 90 14.85 4.88 -53.28
N ARG C 91 14.09 4.93 -52.20
CA ARG C 91 13.01 5.90 -52.11
C ARG C 91 13.34 6.80 -50.92
N PHE C 92 13.36 8.10 -51.19
CA PHE C 92 13.67 9.10 -50.16
C PHE C 92 12.39 9.85 -49.89
N VAL C 93 11.86 9.71 -48.68
CA VAL C 93 10.61 10.38 -48.31
C VAL C 93 10.86 11.53 -47.32
N ALA C 94 10.26 12.69 -47.58
CA ALA C 94 10.42 13.86 -46.72
C ALA C 94 9.03 14.18 -46.19
N THR C 95 8.93 14.49 -44.91
CA THR C 95 7.60 14.75 -44.40
C THR C 95 7.28 16.17 -43.98
N SER C 96 6.77 16.32 -42.76
CA SER C 96 6.33 17.61 -42.23
C SER C 96 7.19 18.86 -42.46
N ALA C 97 8.43 18.85 -42.02
CA ALA C 97 9.30 20.01 -42.19
C ALA C 97 9.47 20.42 -43.66
N THR C 98 9.51 19.43 -44.56
CA THR C 98 9.67 19.71 -45.98
C THR C 98 8.36 20.18 -46.63
N ARG C 99 7.23 19.68 -46.14
CA ARG C 99 5.95 20.13 -46.68
C ARG C 99 5.85 21.61 -46.32
N ASP C 100 6.30 21.97 -45.11
CA ASP C 100 6.25 23.35 -44.61
C ASP C 100 7.29 24.33 -45.22
N ALA C 101 8.55 23.88 -45.38
CA ALA C 101 9.62 24.74 -45.88
C ALA C 101 9.45 25.36 -47.27
N GLU C 102 9.37 26.68 -47.32
CA GLU C 102 9.20 27.36 -48.60
C GLU C 102 10.39 27.21 -49.53
N ASN C 103 11.56 26.92 -48.98
CA ASN C 103 12.75 26.73 -49.81
C ASN C 103 12.98 25.24 -50.01
N ARG C 104 11.90 24.46 -50.05
CA ARG C 104 12.02 23.02 -50.22
C ARG C 104 12.65 22.59 -51.55
N GLU C 105 12.39 23.32 -52.62
CA GLU C 105 12.98 22.93 -53.91
C GLU C 105 14.51 22.95 -53.86
N GLU C 106 15.07 23.93 -53.17
CA GLU C 106 16.52 24.04 -53.02
C GLU C 106 17.05 22.78 -52.32
N PHE C 107 16.40 22.41 -51.21
CA PHE C 107 16.79 21.22 -50.46
C PHE C 107 16.66 19.97 -51.32
N GLU C 108 15.58 19.86 -52.08
CA GLU C 108 15.38 18.70 -52.94
C GLU C 108 16.45 18.61 -54.03
N ASP C 109 16.93 19.77 -54.52
CA ASP C 109 17.96 19.83 -55.56
C ASP C 109 19.26 19.25 -55.04
N GLU C 110 19.66 19.69 -53.84
CA GLU C 110 20.89 19.25 -53.21
C GLU C 110 20.91 17.78 -52.78
N ILE C 111 19.79 17.30 -52.24
CA ILE C 111 19.73 15.90 -51.84
C ILE C 111 19.84 15.08 -53.13
N GLU C 112 19.17 15.53 -54.17
CA GLU C 112 19.21 14.81 -55.44
C GLU C 112 20.63 14.76 -55.99
N ARG C 113 21.39 15.82 -55.79
CA ARG C 113 22.75 15.86 -56.30
C ARG C 113 23.69 14.95 -55.49
N ILE C 114 23.30 14.61 -54.26
CA ILE C 114 24.13 13.75 -53.44
C ILE C 114 23.75 12.26 -53.56
N LEU C 115 22.44 11.97 -53.58
CA LEU C 115 21.97 10.58 -53.64
C LEU C 115 21.40 10.19 -54.99
N GLY C 116 21.53 11.05 -56.00
CA GLY C 116 21.00 10.72 -57.31
C GLY C 116 19.51 10.45 -57.37
N VAL C 117 18.80 10.80 -56.31
CA VAL C 117 17.35 10.61 -56.26
C VAL C 117 16.74 11.86 -55.66
N ARG C 118 15.58 12.26 -56.14
CA ARG C 118 14.92 13.45 -55.60
C ARG C 118 13.92 13.08 -54.51
N PRO C 119 13.94 13.81 -53.39
CA PRO C 119 13.00 13.52 -52.31
C PRO C 119 11.56 13.67 -52.76
N GLU C 120 10.67 12.87 -52.19
CA GLU C 120 9.25 12.95 -52.49
C GLU C 120 8.61 13.51 -51.23
N VAL C 121 7.96 14.66 -51.37
CA VAL C 121 7.29 15.28 -50.24
C VAL C 121 5.89 14.73 -50.27
N ILE C 122 5.59 13.77 -49.40
CA ILE C 122 4.26 13.18 -49.41
C ILE C 122 3.28 13.84 -48.46
N PRO C 123 1.98 13.80 -48.82
CA PRO C 123 0.93 14.41 -47.99
C PRO C 123 0.83 13.69 -46.64
N GLY C 124 0.18 14.34 -45.67
CA GLY C 124 0.03 13.71 -44.37
C GLY C 124 -0.73 12.40 -44.45
N THR C 125 -1.68 12.31 -45.39
CA THR C 125 -2.45 11.09 -45.55
C THR C 125 -1.61 9.90 -46.01
N GLU C 126 -0.61 10.14 -46.84
CA GLU C 126 0.25 9.05 -47.31
C GLU C 126 1.24 8.70 -46.20
N GLU C 127 1.65 9.69 -45.41
CA GLU C 127 2.57 9.42 -44.30
C GLU C 127 1.85 8.50 -43.29
N ALA C 128 0.58 8.79 -43.01
CA ALA C 128 -0.19 7.99 -42.06
C ALA C 128 -0.39 6.57 -42.57
N ASP C 129 -0.70 6.41 -43.87
CA ASP C 129 -0.92 5.07 -44.41
C ASP C 129 0.33 4.20 -44.31
N LEU C 130 1.48 4.79 -44.62
CA LEU C 130 2.74 4.06 -44.55
C LEU C 130 3.12 3.72 -43.10
N SER C 131 2.89 4.64 -42.16
CA SER C 131 3.20 4.37 -40.76
C SER C 131 2.33 3.21 -40.28
N PHE C 132 1.06 3.24 -40.68
CA PHE C 132 0.14 2.20 -40.29
C PHE C 132 0.66 0.85 -40.79
N LEU C 133 0.99 0.79 -42.08
CA LEU C 133 1.51 -0.42 -42.71
C LEU C 133 2.68 -0.98 -41.91
N GLY C 134 3.65 -0.12 -41.61
CA GLY C 134 4.84 -0.56 -40.91
C GLY C 134 4.66 -1.05 -39.49
N ALA C 135 3.77 -0.40 -38.74
CA ALA C 135 3.54 -0.78 -37.35
C ALA C 135 2.60 -1.96 -37.23
N THR C 136 1.99 -2.32 -38.34
CA THR C 136 1.01 -3.38 -38.38
C THR C 136 1.36 -4.64 -39.16
N SER C 137 2.36 -4.56 -40.04
CA SER C 137 2.74 -5.73 -40.83
C SER C 137 4.04 -6.37 -40.36
N VAL C 138 5.03 -5.55 -40.00
CA VAL C 138 6.32 -6.08 -39.56
C VAL C 138 6.16 -7.09 -38.42
N VAL C 139 5.58 -6.67 -37.31
CA VAL C 139 5.33 -7.59 -36.20
C VAL C 139 3.83 -7.87 -36.18
N ASN C 140 3.47 -9.14 -36.22
CA ASN C 140 2.07 -9.52 -36.20
C ASN C 140 1.42 -9.15 -34.87
N ARG C 141 0.35 -8.37 -34.95
CA ARG C 141 -0.37 -7.92 -33.77
C ARG C 141 -1.80 -8.49 -33.78
N ASP C 142 -1.97 -9.60 -34.50
CA ASP C 142 -3.26 -10.27 -34.63
C ASP C 142 -3.94 -10.60 -33.29
N ASP C 143 -3.17 -11.04 -32.31
CA ASP C 143 -3.74 -11.41 -31.02
C ASP C 143 -4.37 -10.25 -30.23
N LEU C 144 -4.09 -9.02 -30.63
CA LEU C 144 -4.63 -7.84 -29.95
C LEU C 144 -5.99 -7.39 -30.51
N PRO C 145 -6.90 -6.95 -29.64
CA PRO C 145 -8.23 -6.51 -30.07
C PRO C 145 -8.19 -5.31 -31.02
N ALA C 146 -8.91 -5.41 -32.13
CA ALA C 146 -8.96 -4.35 -33.13
C ALA C 146 -10.28 -3.60 -32.98
N PRO C 147 -10.39 -2.43 -33.60
CA PRO C 147 -9.45 -1.70 -34.45
C PRO C 147 -8.17 -1.24 -33.76
N TYR C 148 -7.07 -1.20 -34.53
CA TYR C 148 -5.77 -0.73 -34.03
C TYR C 148 -5.66 0.74 -34.43
N LEU C 149 -5.37 1.60 -33.45
CA LEU C 149 -5.18 3.03 -33.72
C LEU C 149 -3.68 3.22 -33.65
N VAL C 150 -3.10 3.71 -34.74
CA VAL C 150 -1.67 3.94 -34.75
C VAL C 150 -1.43 5.43 -34.63
N VAL C 151 -0.57 5.80 -33.68
CA VAL C 151 -0.22 7.20 -33.44
C VAL C 151 1.26 7.37 -33.74
N ASP C 152 1.59 8.12 -34.80
CA ASP C 152 2.98 8.38 -35.16
C ASP C 152 3.23 9.83 -34.75
N LEU C 153 3.93 10.02 -33.65
CA LEU C 153 4.18 11.37 -33.12
C LEU C 153 5.54 11.82 -33.56
N GLY C 154 5.56 12.71 -34.56
CA GLY C 154 6.84 13.16 -35.10
C GLY C 154 7.29 14.48 -34.51
N GLY C 155 8.31 15.06 -35.12
CA GLY C 155 8.82 16.34 -34.67
C GLY C 155 7.90 17.49 -35.06
N GLY C 156 7.30 17.41 -36.27
CA GLY C 156 6.42 18.48 -36.73
C GLY C 156 4.97 18.08 -36.96
N SER C 157 4.73 16.77 -37.14
CA SER C 157 3.40 16.25 -37.36
C SER C 157 3.10 15.00 -36.55
N THR C 158 1.82 14.75 -36.35
CA THR C 158 1.37 13.57 -35.61
C THR C 158 0.22 12.93 -36.37
N GLU C 159 0.41 11.68 -36.78
CA GLU C 159 -0.65 11.02 -37.53
C GLU C 159 -1.46 10.06 -36.67
N LEU C 160 -2.77 10.07 -36.86
CA LEU C 160 -3.67 9.14 -36.19
C LEU C 160 -4.22 8.32 -37.35
N VAL C 161 -3.95 7.01 -37.34
CA VAL C 161 -4.41 6.12 -38.39
C VAL C 161 -5.08 4.96 -37.74
N ILE C 162 -6.26 4.60 -38.24
CA ILE C 162 -7.00 3.49 -37.66
C ILE C 162 -7.48 2.51 -38.72
N GLY C 163 -7.38 1.21 -38.40
CA GLY C 163 -7.83 0.16 -39.31
C GLY C 163 -9.20 -0.37 -38.96
N GLY C 164 -9.60 -1.48 -39.57
CA GLY C 164 -10.91 -2.05 -39.28
C GLY C 164 -10.93 -2.94 -38.05
N ASP C 165 -12.13 -3.33 -37.63
CA ASP C 165 -12.26 -4.21 -36.46
C ASP C 165 -12.11 -5.69 -36.82
N GLY C 166 -12.03 -6.01 -38.10
CA GLY C 166 -11.89 -7.40 -38.49
C GLY C 166 -13.19 -8.06 -38.91
N VAL C 167 -14.30 -7.43 -38.54
CA VAL C 167 -15.62 -7.94 -38.89
C VAL C 167 -16.16 -7.08 -40.03
N SER C 168 -16.40 -5.80 -39.73
CA SER C 168 -16.91 -4.87 -40.72
C SER C 168 -15.85 -4.59 -41.81
N ALA C 169 -14.57 -4.62 -41.46
CA ALA C 169 -13.51 -4.36 -42.44
C ALA C 169 -12.21 -4.98 -41.95
N PRO C 170 -11.30 -5.31 -42.88
CA PRO C 170 -10.03 -5.93 -42.49
C PRO C 170 -9.28 -5.14 -41.40
N THR C 171 -8.58 -5.88 -40.55
CA THR C 171 -7.84 -5.30 -39.47
C THR C 171 -6.65 -4.46 -39.96
N THR C 172 -6.25 -4.68 -41.21
CA THR C 172 -5.11 -3.96 -41.76
C THR C 172 -5.48 -2.99 -42.89
N GLN C 173 -6.77 -2.74 -43.08
CA GLN C 173 -7.20 -1.81 -44.09
C GLN C 173 -7.53 -0.51 -43.37
N VAL C 174 -6.87 0.56 -43.76
CA VAL C 174 -7.08 1.86 -43.14
C VAL C 174 -8.52 2.35 -43.35
N GLN C 175 -9.13 2.87 -42.30
CA GLN C 175 -10.51 3.39 -42.37
C GLN C 175 -10.51 4.91 -42.26
N GLY C 176 -9.51 5.45 -41.60
CA GLY C 176 -9.41 6.88 -41.41
C GLY C 176 -7.97 7.26 -41.12
N ALA C 177 -7.58 8.45 -41.54
CA ALA C 177 -6.22 8.90 -41.35
C ALA C 177 -6.19 10.40 -41.39
N PHE C 178 -5.42 10.99 -40.48
CA PHE C 178 -5.32 12.43 -40.44
C PHE C 178 -3.94 12.81 -39.93
N SER C 179 -3.34 13.82 -40.53
CA SER C 179 -2.03 14.26 -40.12
C SER C 179 -2.18 15.58 -39.40
N MSE C 180 -1.94 15.57 -38.11
CA MSE C 180 -2.05 16.77 -37.32
C MSE C 180 -0.73 17.51 -37.32
O MSE C 180 0.34 16.90 -37.14
CB MSE C 180 -2.41 16.44 -35.88
CG MSE C 180 -3.69 15.69 -35.71
SE MSE C 180 -4.11 15.68 -33.81
CE MSE C 180 -2.76 14.35 -33.31
N ASN C 181 -0.80 18.82 -37.52
CA ASN C 181 0.42 19.61 -37.49
C ASN C 181 0.85 19.96 -36.05
N ILE C 182 1.11 18.92 -35.26
CA ILE C 182 1.63 19.11 -33.90
C ILE C 182 2.70 18.04 -33.74
N GLY C 183 3.73 18.34 -32.96
CA GLY C 183 4.80 17.38 -32.77
C GLY C 183 5.73 17.88 -31.70
N SER C 184 6.72 17.07 -31.35
CA SER C 184 7.66 17.41 -30.28
C SER C 184 8.45 18.68 -30.54
N VAL C 185 8.95 18.86 -31.75
CA VAL C 185 9.72 20.04 -32.07
C VAL C 185 8.82 21.27 -32.21
N ARG C 186 7.74 21.15 -32.96
CA ARG C 186 6.84 22.28 -33.17
C ARG C 186 6.27 22.86 -31.86
N MSE C 187 5.81 21.99 -30.97
CA MSE C 187 5.23 22.44 -29.72
C MSE C 187 6.29 23.03 -28.79
O MSE C 187 6.04 24.04 -28.10
CB MSE C 187 4.49 21.28 -29.04
CG MSE C 187 3.23 20.84 -29.81
SE MSE C 187 1.87 22.25 -30.05
CE MSE C 187 2.24 22.82 -31.90
N THR C 188 7.49 22.45 -28.79
CA THR C 188 8.55 23.00 -27.97
C THR C 188 8.89 24.42 -28.43
N GLU C 189 9.11 24.59 -29.73
CA GLU C 189 9.49 25.90 -30.28
C GLU C 189 8.34 26.91 -30.25
N ARG C 190 7.11 26.43 -30.34
CA ARG C 190 5.98 27.32 -30.35
C ARG C 190 5.47 27.77 -28.98
N HIS C 191 5.59 26.91 -27.99
CA HIS C 191 5.07 27.22 -26.66
C HIS C 191 6.02 27.07 -25.49
N LEU C 192 6.74 25.95 -25.44
CA LEU C 192 7.63 25.67 -24.31
C LEU C 192 9.00 26.33 -24.40
N THR C 193 9.01 27.66 -24.37
CA THR C 193 10.25 28.42 -24.48
C THR C 193 11.16 28.45 -23.25
N ASN C 194 10.57 28.38 -22.06
CA ASN C 194 11.38 28.40 -20.84
C ASN C 194 11.98 27.03 -20.49
N ASP C 195 13.04 27.05 -19.71
CA ASP C 195 13.71 25.82 -19.30
C ASP C 195 13.78 25.80 -17.77
N PRO C 196 12.86 25.05 -17.12
CA PRO C 196 11.78 24.22 -17.66
C PRO C 196 10.61 25.12 -18.07
N PRO C 197 9.64 24.59 -18.82
CA PRO C 197 8.49 25.40 -19.24
C PRO C 197 7.57 25.81 -18.09
N THR C 198 7.02 27.02 -18.16
CA THR C 198 6.12 27.51 -17.12
C THR C 198 4.76 26.86 -17.30
N GLN C 199 3.92 26.97 -16.29
CA GLN C 199 2.60 26.39 -16.37
C GLN C 199 1.79 27.10 -17.44
N THR C 200 2.00 28.41 -17.61
CA THR C 200 1.29 29.14 -18.66
C THR C 200 1.62 28.56 -20.04
N GLN C 201 2.90 28.24 -20.27
CA GLN C 201 3.35 27.68 -21.54
C GLN C 201 2.78 26.27 -21.77
N ILE C 202 2.78 25.45 -20.73
CA ILE C 202 2.24 24.11 -20.84
C ILE C 202 0.76 24.22 -21.19
N ASP C 203 0.02 25.10 -20.51
CA ASP C 203 -1.42 25.28 -20.75
C ASP C 203 -1.70 25.70 -22.20
N GLU C 204 -0.90 26.62 -22.72
CA GLU C 204 -1.09 27.09 -24.08
C GLU C 204 -0.82 25.96 -25.08
N ALA C 205 0.20 25.15 -24.83
CA ALA C 205 0.52 24.03 -25.69
C ALA C 205 -0.62 23.00 -25.63
N VAL C 206 -1.14 22.75 -24.43
CA VAL C 206 -2.22 21.80 -24.27
C VAL C 206 -3.46 22.27 -25.02
N ALA C 207 -3.79 23.55 -24.91
CA ALA C 207 -4.97 24.06 -25.60
C ALA C 207 -4.78 23.94 -27.12
N ASP C 208 -3.60 24.28 -27.59
CA ASP C 208 -3.29 24.21 -29.02
C ASP C 208 -3.45 22.75 -29.47
N VAL C 209 -2.83 21.84 -28.73
CA VAL C 209 -2.91 20.42 -29.04
C VAL C 209 -4.34 19.89 -29.10
N ASP C 210 -5.17 20.33 -28.16
CA ASP C 210 -6.55 19.87 -28.13
C ASP C 210 -7.38 20.39 -29.30
N GLU C 211 -7.02 21.55 -29.84
CA GLU C 211 -7.76 22.07 -30.98
C GLU C 211 -7.40 21.21 -32.20
N HIS C 212 -6.18 20.72 -32.26
CA HIS C 212 -5.78 19.89 -33.40
C HIS C 212 -6.46 18.52 -33.28
N ILE C 213 -6.67 18.04 -32.06
CA ILE C 213 -7.34 16.75 -31.86
C ILE C 213 -8.80 16.95 -32.30
N ASP C 214 -9.42 18.05 -31.89
CA ASP C 214 -10.81 18.36 -32.26
C ASP C 214 -10.98 18.25 -33.77
N GLU C 215 -10.02 18.81 -34.51
CA GLU C 215 -10.07 18.78 -35.96
C GLU C 215 -9.79 17.39 -36.53
N ALA C 216 -8.82 16.70 -35.96
CA ALA C 216 -8.52 15.35 -36.43
C ALA C 216 -9.69 14.40 -36.18
N PHE C 217 -10.37 14.52 -35.04
CA PHE C 217 -11.50 13.63 -34.76
C PHE C 217 -12.68 13.89 -35.68
N ARG C 218 -12.60 14.91 -36.53
CA ARG C 218 -13.72 15.15 -37.44
C ARG C 218 -13.58 14.31 -38.71
N THR C 219 -12.43 13.67 -38.93
CA THR C 219 -12.30 12.83 -40.11
C THR C 219 -11.88 11.41 -39.74
N VAL C 220 -11.20 11.24 -38.62
CA VAL C 220 -10.80 9.90 -38.18
C VAL C 220 -11.56 9.58 -36.89
N ASP C 221 -12.35 8.51 -36.95
CA ASP C 221 -13.18 8.09 -35.82
C ASP C 221 -12.35 7.27 -34.83
N ALA C 222 -11.41 7.95 -34.17
CA ALA C 222 -10.51 7.32 -33.21
C ALA C 222 -11.22 6.53 -32.11
N GLY C 223 -12.45 6.92 -31.79
CA GLY C 223 -13.19 6.24 -30.75
C GLY C 223 -13.43 4.75 -30.98
N LYS C 224 -13.36 4.30 -32.24
CA LYS C 224 -13.58 2.88 -32.57
C LYS C 224 -12.45 1.99 -32.04
N ALA C 225 -11.31 2.60 -31.73
CA ALA C 225 -10.14 1.87 -31.26
C ALA C 225 -10.27 1.05 -29.98
N ARG C 226 -9.53 -0.05 -29.92
CA ARG C 226 -9.51 -0.87 -28.72
C ARG C 226 -8.05 -1.03 -28.30
N THR C 227 -7.16 -0.82 -29.26
CA THR C 227 -5.71 -0.89 -29.03
C THR C 227 -5.05 0.37 -29.63
N ILE C 228 -4.10 0.93 -28.91
CA ILE C 228 -3.38 2.11 -29.39
C ILE C 228 -1.94 1.67 -29.55
N ILE C 229 -1.37 1.88 -30.74
CA ILE C 229 0.03 1.54 -31.00
C ILE C 229 0.79 2.84 -31.23
N GLY C 230 1.75 3.15 -30.38
CA GLY C 230 2.49 4.38 -30.53
C GLY C 230 3.82 4.17 -31.22
N VAL C 231 4.16 5.03 -32.16
CA VAL C 231 5.44 4.86 -32.84
C VAL C 231 6.26 6.13 -32.89
N SER C 232 7.55 5.95 -33.21
CA SER C 232 8.53 7.02 -33.34
C SER C 232 9.27 7.42 -32.05
N GLY C 233 10.19 8.37 -32.19
CA GLY C 233 11.03 8.84 -31.10
C GLY C 233 10.46 9.19 -29.74
N THR C 234 9.42 10.01 -29.71
CA THR C 234 8.82 10.39 -28.43
C THR C 234 8.30 9.17 -27.69
N VAL C 235 7.47 8.38 -28.36
CA VAL C 235 6.88 7.21 -27.73
C VAL C 235 7.88 6.21 -27.19
N THR C 236 8.81 5.78 -28.04
CA THR C 236 9.79 4.80 -27.62
C THR C 236 10.69 5.32 -26.52
N THR C 237 10.97 6.62 -26.50
CA THR C 237 11.83 7.18 -25.46
C THR C 237 11.07 7.25 -24.13
N MSE C 238 9.82 7.71 -24.15
CA MSE C 238 9.04 7.77 -22.92
C MSE C 238 8.87 6.36 -22.38
O MSE C 238 9.02 6.12 -21.18
CB MSE C 238 7.66 8.40 -23.15
CG MSE C 238 7.67 9.86 -23.59
SE MSE C 238 8.87 11.03 -22.57
CE MSE C 238 7.96 11.00 -20.88
N THR C 239 8.56 5.43 -23.27
CA THR C 239 8.37 4.04 -22.89
C THR C 239 9.62 3.47 -22.24
N ALA C 240 10.77 3.70 -22.85
CA ALA C 240 12.04 3.21 -22.30
C ALA C 240 12.27 3.90 -20.94
N LEU C 241 12.04 5.20 -20.90
CA LEU C 241 12.20 5.96 -19.67
C LEU C 241 11.31 5.36 -18.57
N ALA C 242 10.05 5.11 -18.92
CA ALA C 242 9.09 4.53 -17.96
C ALA C 242 9.55 3.17 -17.48
N MSE C 243 10.15 2.39 -18.37
CA MSE C 243 10.64 1.07 -18.01
C MSE C 243 11.88 1.19 -17.14
O MSE C 243 12.41 0.18 -16.68
CB MSE C 243 10.98 0.27 -19.27
CG MSE C 243 9.78 -0.16 -20.08
SE MSE C 243 10.31 -0.97 -21.75
CE MSE C 243 11.14 -2.58 -21.05
N GLY C 244 12.33 2.41 -16.91
CA GLY C 244 13.51 2.60 -16.09
C GLY C 244 14.84 2.22 -16.74
N LEU C 245 14.85 1.98 -18.05
CA LEU C 245 16.07 1.62 -18.76
C LEU C 245 17.14 2.69 -18.55
N LYS C 246 18.39 2.26 -18.43
CA LYS C 246 19.49 3.19 -18.20
C LYS C 246 20.18 3.51 -19.53
N GLU C 247 20.00 2.62 -20.50
CA GLU C 247 20.57 2.76 -21.84
C GLU C 247 19.48 2.36 -22.82
N TYR C 248 19.15 3.23 -23.76
CA TYR C 248 18.09 2.93 -24.73
C TYR C 248 18.31 1.60 -25.47
N ASP C 249 17.42 0.66 -25.23
CA ASP C 249 17.46 -0.67 -25.84
C ASP C 249 16.18 -0.89 -26.63
N HIS C 250 16.29 -0.79 -27.95
CA HIS C 250 15.14 -0.95 -28.84
C HIS C 250 14.43 -2.30 -28.80
N THR C 251 15.17 -3.36 -28.47
CA THR C 251 14.59 -4.70 -28.43
C THR C 251 13.53 -4.90 -27.35
N VAL C 252 13.75 -4.31 -26.17
CA VAL C 252 12.80 -4.47 -25.09
C VAL C 252 11.68 -3.45 -25.10
N VAL C 253 11.76 -2.46 -25.98
CA VAL C 253 10.70 -1.45 -26.05
C VAL C 253 9.61 -1.89 -27.01
N ASP C 254 10.02 -2.46 -28.13
CA ASP C 254 9.10 -2.93 -29.16
C ASP C 254 8.13 -3.98 -28.60
N GLY C 255 6.83 -3.75 -28.78
CA GLY C 255 5.83 -4.68 -28.29
C GLY C 255 5.48 -4.51 -26.82
N HIS C 256 6.26 -3.69 -26.12
CA HIS C 256 6.01 -3.46 -24.70
C HIS C 256 4.74 -2.64 -24.47
N ARG C 257 3.93 -3.09 -23.51
CA ARG C 257 2.69 -2.42 -23.16
C ARG C 257 2.88 -1.56 -21.92
N LEU C 258 2.50 -0.29 -22.01
CA LEU C 258 2.63 0.65 -20.88
C LEU C 258 1.25 1.14 -20.49
N SER C 259 0.99 1.29 -19.19
CA SER C 259 -0.32 1.76 -18.73
C SER C 259 -0.42 3.30 -18.84
N PHE C 260 -1.63 3.82 -18.95
CA PHE C 260 -1.79 5.26 -19.03
C PHE C 260 -1.15 5.88 -17.80
N GLU C 261 -1.36 5.24 -16.65
CA GLU C 261 -0.81 5.73 -15.38
C GLU C 261 0.68 6.01 -15.49
N ASP C 262 1.46 5.01 -15.89
CA ASP C 262 2.90 5.19 -16.04
C ASP C 262 3.20 6.22 -17.15
N ALA C 263 2.39 6.23 -18.20
CA ALA C 263 2.59 7.14 -19.32
C ALA C 263 2.41 8.58 -18.88
N TYR C 264 1.32 8.86 -18.18
CA TYR C 264 1.07 10.22 -17.70
C TYR C 264 2.15 10.68 -16.74
N ALA C 265 2.57 9.79 -15.85
CA ALA C 265 3.60 10.11 -14.86
C ALA C 265 4.95 10.35 -15.49
N VAL C 266 5.37 9.49 -16.44
CA VAL C 266 6.67 9.71 -17.03
C VAL C 266 6.68 10.98 -17.90
N ASP C 267 5.59 11.25 -18.60
CA ASP C 267 5.50 12.46 -19.43
C ASP C 267 5.62 13.70 -18.54
N ASP C 268 4.89 13.71 -17.42
CA ASP C 268 4.93 14.83 -16.49
C ASP C 268 6.32 15.01 -15.93
N LYS C 269 6.90 13.92 -15.46
CA LYS C 269 8.23 13.95 -14.88
C LYS C 269 9.30 14.58 -15.76
N PHE C 270 9.30 14.27 -17.05
CA PHE C 270 10.31 14.82 -17.93
C PHE C 270 9.96 16.17 -18.55
N LEU C 271 8.66 16.45 -18.68
CA LEU C 271 8.22 17.73 -19.21
C LEU C 271 8.75 18.83 -18.26
N ARG C 272 8.55 18.62 -16.95
CA ARG C 272 8.94 19.55 -15.89
C ARG C 272 10.42 19.59 -15.57
N MSE C 273 11.18 18.70 -16.18
CA MSE C 273 12.61 18.66 -15.93
C MSE C 273 13.38 19.72 -16.71
O MSE C 273 12.98 20.10 -17.81
CB MSE C 273 13.13 17.28 -16.29
CG MSE C 273 13.97 16.63 -15.25
SE MSE C 273 14.49 14.88 -15.82
CE MSE C 273 13.05 13.85 -15.02
N THR C 274 14.48 20.18 -16.14
CA THR C 274 15.33 21.16 -16.77
C THR C 274 16.08 20.41 -17.88
N ARG C 275 16.61 21.14 -18.86
CA ARG C 275 17.34 20.51 -19.95
C ARG C 275 18.55 19.75 -19.38
N ALA C 276 19.23 20.38 -18.43
CA ALA C 276 20.39 19.80 -17.79
C ALA C 276 20.06 18.51 -17.04
N GLU C 277 18.90 18.47 -16.38
CA GLU C 277 18.51 17.27 -15.65
C GLU C 277 18.21 16.11 -16.59
N ARG C 278 17.49 16.39 -17.69
CA ARG C 278 17.16 15.35 -18.66
C ARG C 278 18.43 14.67 -19.19
N ARG C 279 19.51 15.42 -19.33
CA ARG C 279 20.75 14.85 -19.85
C ARG C 279 21.34 13.75 -18.98
N GLU C 280 20.89 13.67 -17.73
CA GLU C 280 21.40 12.65 -16.82
C GLU C 280 20.86 11.28 -17.21
N TYR C 281 19.71 11.28 -17.88
CA TYR C 281 19.09 10.03 -18.33
C TYR C 281 19.65 9.76 -19.71
N LYS C 282 20.49 8.74 -19.83
CA LYS C 282 21.13 8.42 -21.09
C LYS C 282 20.30 7.70 -22.16
N THR C 283 19.14 7.17 -21.79
CA THR C 283 18.32 6.51 -22.81
C THR C 283 17.73 7.55 -23.75
N ILE C 284 17.85 8.83 -23.37
CA ILE C 284 17.32 9.94 -24.17
C ILE C 284 18.43 10.44 -25.09
N HIS C 285 18.27 10.21 -26.39
CA HIS C 285 19.25 10.67 -27.37
C HIS C 285 19.48 12.16 -27.18
N PRO C 286 20.75 12.59 -27.20
CA PRO C 286 21.09 14.01 -27.02
C PRO C 286 20.33 14.94 -27.97
N GLY C 287 19.94 14.44 -29.14
CA GLY C 287 19.21 15.27 -30.09
C GLY C 287 17.73 15.41 -29.78
N ARG C 288 17.26 14.67 -28.77
CA ARG C 288 15.87 14.70 -28.37
C ARG C 288 15.66 15.43 -27.05
N ILE C 289 16.75 15.59 -26.29
CA ILE C 289 16.69 16.24 -25.00
C ILE C 289 15.89 17.55 -24.94
N ASP C 290 16.13 18.42 -25.92
CA ASP C 290 15.47 19.71 -25.97
C ASP C 290 13.98 19.65 -26.28
N VAL C 291 13.54 18.57 -26.92
CA VAL C 291 12.15 18.49 -27.33
C VAL C 291 11.25 17.43 -26.71
N VAL C 292 11.77 16.65 -25.76
CA VAL C 292 10.94 15.63 -25.12
C VAL C 292 9.71 16.27 -24.47
N GLY C 293 9.89 17.51 -24.02
CA GLY C 293 8.78 18.23 -23.39
C GLY C 293 7.61 18.38 -24.33
N GLY C 294 7.90 18.75 -25.57
CA GLY C 294 6.85 18.91 -26.55
C GLY C 294 6.18 17.58 -26.82
N GLY C 295 6.99 16.53 -26.87
CA GLY C 295 6.43 15.22 -27.13
C GLY C 295 5.53 14.79 -26.00
N ALA C 296 5.98 14.98 -24.75
CA ALA C 296 5.19 14.58 -23.58
C ALA C 296 3.78 15.19 -23.60
N VAL C 297 3.68 16.48 -23.87
CA VAL C 297 2.39 17.13 -23.92
C VAL C 297 1.48 16.54 -24.98
N VAL C 298 2.01 16.36 -26.19
CA VAL C 298 1.18 15.82 -27.26
C VAL C 298 0.69 14.41 -26.95
N TRP C 299 1.61 13.54 -26.50
CA TRP C 299 1.32 12.15 -26.18
C TRP C 299 0.26 11.98 -25.08
N SER C 300 0.42 12.70 -23.96
CA SER C 300 -0.55 12.56 -22.88
C SER C 300 -1.93 12.97 -23.36
N ARG C 301 -2.00 14.05 -24.12
CA ARG C 301 -3.28 14.54 -24.63
C ARG C 301 -3.91 13.59 -25.64
N VAL C 302 -3.10 13.03 -26.53
CA VAL C 302 -3.65 12.12 -27.51
C VAL C 302 -4.20 10.87 -26.77
N LEU C 303 -3.43 10.32 -25.85
CA LEU C 303 -3.87 9.14 -25.13
C LEU C 303 -5.20 9.42 -24.44
N ALA C 304 -5.21 10.49 -23.66
CA ALA C 304 -6.38 10.92 -22.92
C ALA C 304 -7.60 11.13 -23.81
N ARG C 305 -7.41 11.82 -24.93
CA ARG C 305 -8.53 12.10 -25.83
C ARG C 305 -9.05 10.85 -26.52
N VAL C 306 -8.15 9.92 -26.87
CA VAL C 306 -8.59 8.69 -27.51
C VAL C 306 -9.35 7.81 -26.52
N SER C 307 -8.79 7.63 -25.33
CA SER C 307 -9.49 6.81 -24.32
C SER C 307 -10.90 7.38 -24.13
N GLU C 308 -10.96 8.69 -23.99
CA GLU C 308 -12.20 9.42 -23.82
C GLU C 308 -13.15 9.11 -24.99
N ALA C 309 -12.63 9.17 -26.22
CA ALA C 309 -13.46 8.89 -27.38
C ALA C 309 -13.89 7.42 -27.47
N ALA C 310 -13.06 6.53 -26.93
CA ALA C 310 -13.36 5.10 -26.97
C ALA C 310 -14.51 4.83 -26.01
N LYS C 311 -14.49 5.50 -24.85
CA LYS C 311 -15.54 5.34 -23.87
C LYS C 311 -16.88 5.82 -24.45
N ALA C 312 -16.88 7.01 -25.05
CA ALA C 312 -18.09 7.55 -25.64
C ALA C 312 -18.56 6.70 -26.82
N ASP C 313 -17.63 6.06 -27.51
CA ASP C 313 -18.01 5.26 -28.66
C ASP C 313 -18.65 3.91 -28.32
N HIS C 314 -17.97 3.10 -27.52
CA HIS C 314 -18.49 1.79 -27.19
C HIS C 314 -18.47 1.43 -25.71
N GLY C 315 -18.53 2.43 -24.84
CA GLY C 315 -18.57 2.17 -23.41
C GLY C 315 -17.32 1.74 -22.67
N GLU C 316 -16.19 1.59 -23.35
CA GLU C 316 -14.98 1.17 -22.64
C GLU C 316 -13.73 2.02 -22.90
N ALA C 317 -13.13 2.48 -21.81
CA ALA C 317 -11.92 3.29 -21.87
C ALA C 317 -10.71 2.46 -22.24
N ILE C 318 -9.66 3.14 -22.62
CA ILE C 318 -8.41 2.50 -22.99
C ILE C 318 -7.45 3.00 -21.94
N ASP C 319 -6.69 2.09 -21.33
CA ASP C 319 -5.76 2.53 -20.30
C ASP C 319 -4.35 1.99 -20.43
N SER C 320 -3.98 1.64 -21.67
CA SER C 320 -2.63 1.17 -21.96
C SER C 320 -2.37 1.31 -23.45
N PHE C 321 -1.11 1.30 -23.86
CA PHE C 321 -0.78 1.37 -25.27
C PHE C 321 0.41 0.46 -25.47
N VAL C 322 0.67 0.09 -26.71
CA VAL C 322 1.79 -0.77 -27.03
C VAL C 322 2.76 0.05 -27.86
N ALA C 323 4.02 0.06 -27.44
CA ALA C 323 5.04 0.81 -28.16
C ALA C 323 5.52 -0.01 -29.33
N SER C 324 5.94 0.67 -30.40
CA SER C 324 6.44 -0.03 -31.58
C SER C 324 7.65 0.67 -32.17
N GLU C 325 8.67 -0.10 -32.54
CA GLU C 325 9.86 0.47 -33.13
C GLU C 325 9.70 0.44 -34.66
N HIS C 326 8.54 0.01 -35.12
CA HIS C 326 8.28 -0.06 -36.55
C HIS C 326 7.21 0.93 -36.98
N GLY C 327 7.59 1.82 -37.90
CA GLY C 327 6.66 2.83 -38.35
C GLY C 327 6.82 3.23 -39.82
N LEU C 328 6.99 4.53 -40.05
CA LEU C 328 7.11 5.05 -41.41
C LEU C 328 8.20 4.43 -42.28
N LEU C 329 9.44 4.41 -41.80
CA LEU C 329 10.55 3.86 -42.56
C LEU C 329 10.23 2.44 -43.00
N ASP C 330 9.80 1.61 -42.05
CA ASP C 330 9.48 0.24 -42.40
C ASP C 330 8.34 0.16 -43.39
N GLY C 331 7.37 1.05 -43.26
CA GLY C 331 6.25 1.05 -44.19
C GLY C 331 6.74 1.46 -45.57
N ILE C 332 7.75 2.32 -45.60
CA ILE C 332 8.32 2.80 -46.85
C ILE C 332 9.02 1.70 -47.66
N VAL C 333 9.87 0.90 -47.01
CA VAL C 333 10.55 -0.16 -47.76
C VAL C 333 9.62 -1.31 -48.15
N LEU C 334 8.65 -1.60 -47.29
CA LEU C 334 7.70 -2.68 -47.61
C LEU C 334 6.87 -2.30 -48.82
N ASP C 335 6.41 -1.06 -48.85
CA ASP C 335 5.58 -0.59 -49.95
C ASP C 335 6.37 -0.45 -51.25
N TYR C 336 7.59 0.07 -51.16
CA TYR C 336 8.44 0.24 -52.33
C TYR C 336 8.84 -1.12 -52.86
N GLY C 337 9.26 -2.01 -51.95
CA GLY C 337 9.64 -3.35 -52.36
C GLY C 337 8.48 -4.02 -53.07
N ARG C 338 7.31 -4.00 -52.46
CA ARG C 338 6.13 -4.61 -53.05
C ARG C 338 5.80 -4.07 -54.45
N ARG C 339 6.08 -2.79 -54.69
CA ARG C 339 5.80 -2.22 -56.00
C ARG C 339 6.81 -2.63 -57.07
N LEU C 340 8.07 -2.77 -56.69
CA LEU C 340 9.11 -3.19 -57.65
C LEU C 340 8.84 -4.62 -58.10
N LEU C 341 8.26 -5.42 -57.20
CA LEU C 341 7.94 -6.81 -57.48
C LEU C 341 6.70 -6.97 -58.37
N ALA C 342 5.87 -5.95 -58.42
CA ALA C 342 4.65 -6.01 -59.23
C ALA C 342 4.80 -5.35 -60.59
N GLN C 343 5.99 -4.85 -60.88
CA GLN C 343 6.26 -4.19 -62.17
C GLN C 343 7.29 -4.98 -62.97
N LYS D 13 19.78 -14.78 13.47
CA LYS D 13 19.62 -13.41 12.90
C LYS D 13 18.57 -12.60 13.67
N GLU D 14 18.16 -13.10 14.84
CA GLU D 14 17.18 -12.40 15.66
C GLU D 14 17.95 -11.70 16.78
N SER D 15 19.18 -12.14 16.99
CA SER D 15 20.02 -11.55 18.02
C SER D 15 21.48 -11.93 17.85
N VAL D 16 22.35 -10.94 18.01
CA VAL D 16 23.80 -11.15 17.89
C VAL D 16 24.46 -10.59 19.15
N THR D 17 25.65 -11.07 19.46
CA THR D 17 26.37 -10.60 20.63
C THR D 17 27.71 -10.05 20.18
N VAL D 18 27.92 -8.77 20.41
CA VAL D 18 29.17 -8.16 19.99
C VAL D 18 29.92 -7.54 21.16
N ALA D 19 31.19 -7.26 20.92
CA ALA D 19 32.06 -6.67 21.92
C ALA D 19 32.76 -5.50 21.24
N GLY D 20 32.95 -4.42 21.97
CA GLY D 20 33.61 -3.28 21.37
C GLY D 20 34.63 -2.68 22.31
N ILE D 21 35.72 -2.17 21.73
CA ILE D 21 36.75 -1.56 22.53
C ILE D 21 36.97 -0.16 21.98
N ASP D 22 36.96 0.81 22.88
CA ASP D 22 37.16 2.21 22.54
C ASP D 22 38.50 2.66 23.07
N CYS D 23 39.48 2.76 22.18
CA CYS D 23 40.81 3.20 22.59
C CYS D 23 40.88 4.70 22.39
N GLY D 24 40.87 5.42 23.51
CA GLY D 24 40.92 6.87 23.45
C GLY D 24 42.32 7.44 23.61
N THR D 25 42.40 8.55 24.34
CA THR D 25 43.67 9.22 24.56
C THR D 25 44.08 9.12 26.02
N ASN D 26 43.10 8.99 26.89
CA ASN D 26 43.35 8.89 28.33
C ASN D 26 42.81 7.58 28.89
N SER D 27 42.14 6.80 28.05
CA SER D 27 41.59 5.52 28.50
C SER D 27 41.27 4.55 27.35
N ILE D 28 40.86 3.36 27.74
CA ILE D 28 40.47 2.32 26.81
C ILE D 28 39.42 1.52 27.56
N ARG D 29 38.28 1.31 26.92
CA ARG D 29 37.16 0.61 27.54
C ARG D 29 36.74 -0.61 26.74
N LEU D 30 36.03 -1.51 27.39
CA LEU D 30 35.54 -2.72 26.73
C LEU D 30 34.12 -2.98 27.20
N LYS D 31 33.29 -3.47 26.29
CA LYS D 31 31.91 -3.79 26.62
C LYS D 31 31.44 -4.90 25.72
N ILE D 32 30.58 -5.76 26.28
CA ILE D 32 30.00 -6.87 25.54
C ILE D 32 28.51 -6.80 25.80
N ALA D 33 27.71 -6.97 24.74
CA ALA D 33 26.27 -6.94 24.89
C ALA D 33 25.57 -7.65 23.75
N ARG D 34 24.31 -8.03 23.98
CA ARG D 34 23.52 -8.69 22.96
C ARG D 34 22.71 -7.59 22.30
N VAL D 35 22.84 -7.46 20.99
CA VAL D 35 22.12 -6.44 20.25
C VAL D 35 21.01 -7.08 19.43
N ASP D 36 19.77 -6.93 19.88
CA ASP D 36 18.64 -7.48 19.16
C ASP D 36 17.70 -6.37 18.75
N ALA D 37 16.43 -6.71 18.54
CA ALA D 37 15.44 -5.72 18.13
C ALA D 37 15.22 -4.64 19.19
N ASP D 38 15.44 -5.00 20.45
CA ASP D 38 15.26 -4.06 21.55
C ASP D 38 16.57 -3.40 21.94
N GLY D 39 17.27 -2.83 20.97
CA GLY D 39 18.54 -2.19 21.26
C GLY D 39 19.53 -3.21 21.78
N MSE D 40 20.30 -2.85 22.80
CA MSE D 40 21.28 -3.77 23.35
C MSE D 40 20.98 -4.21 24.78
O MSE D 40 20.20 -3.60 25.48
CB MSE D 40 22.69 -3.14 23.28
CG MSE D 40 22.92 -1.99 24.24
SE MSE D 40 24.73 -1.27 24.11
CE MSE D 40 24.34 0.33 23.09
N HIS D 41 21.63 -5.31 25.17
CA HIS D 41 21.45 -5.87 26.50
C HIS D 41 22.84 -6.19 27.04
N GLU D 42 23.33 -5.31 27.89
CA GLU D 42 24.66 -5.46 28.48
C GLU D 42 24.91 -6.85 29.03
N VAL D 43 26.03 -7.44 28.65
CA VAL D 43 26.40 -8.76 29.12
C VAL D 43 27.58 -8.59 30.09
N VAL D 44 28.57 -7.82 29.64
CA VAL D 44 29.75 -7.51 30.44
C VAL D 44 29.82 -6.00 30.60
N PRO D 45 29.44 -5.48 31.78
CA PRO D 45 29.47 -4.04 32.00
C PRO D 45 30.80 -3.40 31.61
N ARG D 46 30.76 -2.11 31.29
CA ARG D 46 31.95 -1.37 30.88
C ARG D 46 33.15 -1.66 31.77
N ILE D 47 34.32 -1.74 31.14
CA ILE D 47 35.57 -1.97 31.85
C ILE D 47 36.49 -0.82 31.45
N LEU D 48 36.94 -0.07 32.44
CA LEU D 48 37.80 1.09 32.21
C LEU D 48 39.24 0.89 32.65
N ARG D 49 40.17 1.09 31.72
CA ARG D 49 41.59 0.98 32.02
C ARG D 49 42.25 2.25 31.53
N VAL D 50 42.57 3.14 32.46
CA VAL D 50 43.20 4.41 32.15
C VAL D 50 44.69 4.20 31.83
N ILE D 51 45.00 4.00 30.55
CA ILE D 51 46.38 3.78 30.13
C ILE D 51 47.08 5.05 29.68
N ARG D 52 46.32 6.13 29.51
CA ARG D 52 46.89 7.41 29.09
C ARG D 52 47.81 7.25 27.88
N LEU D 53 47.41 6.39 26.95
CA LEU D 53 48.16 6.13 25.73
C LEU D 53 48.56 7.42 24.99
N GLY D 54 47.79 8.48 25.21
CA GLY D 54 48.09 9.74 24.55
C GLY D 54 49.16 10.54 25.27
N GLN D 55 49.96 9.84 26.06
CA GLN D 55 51.02 10.46 26.82
C GLN D 55 52.01 11.23 25.95
N ASP D 56 52.04 12.55 26.14
CA ASP D 56 52.95 13.42 25.40
C ASP D 56 52.85 13.29 23.89
N VAL D 57 51.76 12.69 23.42
CA VAL D 57 51.56 12.53 21.99
C VAL D 57 51.31 13.87 21.32
N ASP D 58 50.85 14.84 22.10
CA ASP D 58 50.57 16.18 21.56
C ASP D 58 51.84 16.83 21.01
N LYS D 59 52.83 17.00 21.89
CA LYS D 59 54.09 17.61 21.50
C LYS D 59 54.96 16.67 20.65
N THR D 60 55.05 15.41 21.07
CA THR D 60 55.88 14.40 20.39
C THR D 60 55.32 13.86 19.07
N HIS D 61 54.00 13.87 18.92
CA HIS D 61 53.37 13.36 17.71
C HIS D 61 53.81 11.91 17.55
N ARG D 62 54.00 11.21 18.66
CA ARG D 62 54.46 9.83 18.60
C ARG D 62 54.15 9.08 19.89
N PHE D 63 53.91 7.78 19.77
CA PHE D 63 53.62 6.91 20.91
C PHE D 63 54.88 6.64 21.73
N ALA D 64 54.91 7.12 22.97
CA ALA D 64 56.04 6.88 23.85
C ALA D 64 55.97 5.40 24.23
N ASP D 65 57.13 4.74 24.28
CA ASP D 65 57.16 3.32 24.63
C ASP D 65 56.57 3.05 26.02
N GLU D 66 56.76 4.00 26.93
CA GLU D 66 56.24 3.88 28.29
C GLU D 66 54.74 3.56 28.26
N ALA D 67 54.01 4.25 27.37
CA ALA D 67 52.58 4.07 27.24
C ALA D 67 52.22 2.88 26.36
N LEU D 68 52.86 2.80 25.20
CA LEU D 68 52.62 1.74 24.23
C LEU D 68 52.48 0.34 24.85
N GLU D 69 53.38 -0.01 25.77
CA GLU D 69 53.33 -1.32 26.42
C GLU D 69 52.19 -1.40 27.42
N ARG D 70 51.94 -0.28 28.10
CA ARG D 70 50.88 -0.18 29.09
C ARG D 70 49.52 -0.46 28.45
N ALA D 71 49.47 -0.27 27.14
CA ALA D 71 48.25 -0.50 26.38
C ALA D 71 48.06 -1.99 26.16
N TYR D 72 49.15 -2.69 25.86
CA TYR D 72 49.09 -4.12 25.62
C TYR D 72 48.71 -4.85 26.91
N VAL D 73 48.90 -4.19 28.05
CA VAL D 73 48.56 -4.77 29.34
C VAL D 73 47.03 -4.90 29.44
N ALA D 74 46.33 -3.87 28.96
CA ALA D 74 44.87 -3.87 28.98
C ALA D 74 44.38 -4.66 27.77
N ALA D 75 45.08 -4.52 26.66
CA ALA D 75 44.73 -5.22 25.42
C ALA D 75 44.65 -6.72 25.67
N ARG D 76 45.56 -7.24 26.48
CA ARG D 76 45.58 -8.67 26.79
C ARG D 76 44.51 -9.02 27.83
N GLU D 77 44.28 -8.13 28.79
CA GLU D 77 43.27 -8.38 29.81
C GLU D 77 41.89 -8.47 29.16
N PHE D 78 41.64 -7.60 28.19
CA PHE D 78 40.37 -7.62 27.49
C PHE D 78 40.20 -8.94 26.74
N ALA D 79 41.26 -9.37 26.07
CA ALA D 79 41.23 -10.62 25.32
C ALA D 79 40.80 -11.79 26.19
N GLY D 80 41.17 -11.75 27.46
CA GLY D 80 40.82 -12.82 28.38
C GLY D 80 39.35 -12.80 28.77
N VAL D 81 38.75 -11.62 28.73
CA VAL D 81 37.34 -11.49 29.08
C VAL D 81 36.48 -11.89 27.89
N ILE D 82 36.95 -11.56 26.69
CA ILE D 82 36.23 -11.87 25.47
C ILE D 82 36.19 -13.37 25.24
N ALA D 83 37.23 -14.06 25.68
CA ALA D 83 37.31 -15.51 25.53
C ALA D 83 36.23 -16.25 26.33
N GLU D 84 35.88 -15.71 27.50
CA GLU D 84 34.87 -16.33 28.35
C GLU D 84 33.45 -15.97 27.93
N HIS D 85 33.30 -15.31 26.79
CA HIS D 85 31.98 -14.93 26.30
C HIS D 85 31.79 -15.18 24.81
N PRO D 86 30.61 -15.68 24.42
CA PRO D 86 30.29 -15.98 23.02
C PRO D 86 29.99 -14.75 22.16
N ILE D 87 31.00 -14.20 21.50
CA ILE D 87 30.78 -13.04 20.65
C ILE D 87 30.77 -13.40 19.16
N ASP D 88 30.04 -12.60 18.38
CA ASP D 88 29.95 -12.82 16.94
C ASP D 88 30.95 -11.92 16.25
N GLY D 89 31.56 -11.03 17.03
CA GLY D 89 32.53 -10.12 16.47
C GLY D 89 33.00 -9.08 17.46
N LEU D 90 34.14 -8.46 17.15
CA LEU D 90 34.72 -7.44 17.99
C LEU D 90 35.13 -6.28 17.09
N ARG D 91 34.90 -5.06 17.56
CA ARG D 91 35.29 -3.90 16.78
C ARG D 91 36.13 -3.02 17.65
N PHE D 92 37.36 -2.78 17.23
CA PHE D 92 38.28 -1.94 17.97
C PHE D 92 38.32 -0.59 17.28
N VAL D 93 38.16 0.47 18.06
CA VAL D 93 38.18 1.81 17.49
C VAL D 93 39.19 2.67 18.24
N ALA D 94 40.10 3.26 17.49
CA ALA D 94 41.12 4.13 18.06
C ALA D 94 40.79 5.56 17.67
N THR D 95 40.73 6.44 18.65
CA THR D 95 40.39 7.82 18.36
C THR D 95 41.58 8.78 18.33
N SER D 96 41.35 10.00 18.81
CA SER D 96 42.35 11.07 18.82
C SER D 96 43.83 10.71 18.97
N ALA D 97 44.19 10.09 20.08
CA ALA D 97 45.59 9.72 20.34
C ALA D 97 46.24 8.97 19.18
N THR D 98 45.53 7.98 18.64
CA THR D 98 46.04 7.17 17.52
C THR D 98 46.10 7.96 16.22
N ARG D 99 45.18 8.89 16.04
CA ARG D 99 45.13 9.70 14.84
C ARG D 99 46.29 10.69 14.74
N ASP D 100 46.96 10.95 15.85
CA ASP D 100 48.06 11.91 15.86
C ASP D 100 49.46 11.28 15.94
N ALA D 101 49.52 9.97 16.15
CA ALA D 101 50.80 9.27 16.26
C ALA D 101 51.26 8.67 14.92
N GLU D 102 52.46 9.06 14.49
CA GLU D 102 53.03 8.60 13.23
C GLU D 102 53.35 7.11 13.24
N ASN D 103 53.73 6.60 14.41
CA ASN D 103 54.07 5.19 14.54
C ASN D 103 52.84 4.33 14.85
N ARG D 104 51.67 4.83 14.51
CA ARG D 104 50.43 4.11 14.75
C ARG D 104 50.44 2.76 14.04
N GLU D 105 51.26 2.68 12.99
CA GLU D 105 51.42 1.47 12.19
C GLU D 105 51.77 0.28 13.07
N GLU D 106 52.82 0.46 13.89
CA GLU D 106 53.31 -0.57 14.81
C GLU D 106 52.21 -1.02 15.77
N PHE D 107 51.60 -0.04 16.44
CA PHE D 107 50.53 -0.28 17.39
C PHE D 107 49.43 -1.15 16.79
N GLU D 108 49.02 -0.82 15.56
CA GLU D 108 47.98 -1.57 14.87
C GLU D 108 48.40 -3.00 14.58
N ASP D 109 49.65 -3.20 14.16
CA ASP D 109 50.15 -4.52 13.86
C ASP D 109 50.18 -5.44 15.10
N GLU D 110 50.47 -4.87 16.25
CA GLU D 110 50.53 -5.63 17.50
C GLU D 110 49.15 -6.01 18.00
N ILE D 111 48.29 -5.01 18.20
CA ILE D 111 46.94 -5.26 18.69
C ILE D 111 46.16 -6.26 17.84
N GLU D 112 46.38 -6.24 16.53
CA GLU D 112 45.69 -7.17 15.63
C GLU D 112 46.15 -8.58 15.96
N ARG D 113 47.37 -8.67 16.46
CA ARG D 113 47.97 -9.94 16.82
C ARG D 113 47.53 -10.36 18.23
N ILE D 114 47.24 -9.36 19.07
CA ILE D 114 46.82 -9.60 20.44
C ILE D 114 45.33 -9.97 20.55
N LEU D 115 44.48 -9.10 20.01
CA LEU D 115 43.04 -9.29 20.07
C LEU D 115 42.43 -9.99 18.85
N GLY D 116 43.17 -10.07 17.76
CA GLY D 116 42.67 -10.72 16.57
C GLY D 116 42.00 -9.82 15.56
N VAL D 117 41.84 -8.55 15.91
CA VAL D 117 41.21 -7.56 15.04
C VAL D 117 42.08 -6.31 15.03
N ARG D 118 42.32 -5.76 13.84
CA ARG D 118 43.15 -4.57 13.74
C ARG D 118 42.39 -3.31 14.14
N PRO D 119 42.98 -2.50 15.04
CA PRO D 119 42.36 -1.25 15.51
C PRO D 119 41.93 -0.36 14.36
N GLU D 120 40.67 0.02 14.36
CA GLU D 120 40.10 0.87 13.31
C GLU D 120 40.18 2.34 13.71
N VAL D 121 41.13 3.06 13.12
CA VAL D 121 41.30 4.49 13.40
C VAL D 121 40.21 5.25 12.65
N ILE D 122 39.16 5.63 13.36
CA ILE D 122 38.03 6.36 12.75
C ILE D 122 38.21 7.87 12.73
N PRO D 123 37.71 8.53 11.67
CA PRO D 123 37.82 9.99 11.56
C PRO D 123 37.01 10.69 12.66
N GLY D 124 37.18 12.00 12.77
CA GLY D 124 36.47 12.76 13.78
C GLY D 124 34.95 12.70 13.74
N THR D 125 34.36 12.95 12.57
CA THR D 125 32.91 12.93 12.41
C THR D 125 32.26 11.60 12.78
N GLU D 126 32.86 10.49 12.37
CA GLU D 126 32.33 9.17 12.69
C GLU D 126 32.28 8.99 14.21
N GLU D 127 33.35 9.45 14.88
CA GLU D 127 33.46 9.37 16.33
C GLU D 127 32.31 10.15 16.95
N ALA D 128 32.03 11.33 16.38
CA ALA D 128 30.95 12.19 16.86
C ALA D 128 29.60 11.48 16.71
N ASP D 129 29.35 10.90 15.54
CA ASP D 129 28.08 10.22 15.29
C ASP D 129 27.84 9.06 16.26
N LEU D 130 28.87 8.24 16.47
CA LEU D 130 28.74 7.10 17.39
C LEU D 130 28.48 7.60 18.81
N SER D 131 29.16 8.67 19.21
CA SER D 131 28.98 9.24 20.54
C SER D 131 27.52 9.67 20.71
N PHE D 132 27.01 10.33 19.69
CA PHE D 132 25.63 10.80 19.70
C PHE D 132 24.66 9.63 19.87
N LEU D 133 24.94 8.56 19.15
CA LEU D 133 24.10 7.36 19.20
C LEU D 133 24.04 6.77 20.60
N GLY D 134 25.20 6.72 21.26
CA GLY D 134 25.23 6.15 22.59
C GLY D 134 24.56 7.00 23.64
N ALA D 135 24.91 8.29 23.64
CA ALA D 135 24.36 9.23 24.59
C ALA D 135 22.86 9.44 24.45
N THR D 136 22.31 9.09 23.30
CA THR D 136 20.89 9.32 23.11
C THR D 136 20.01 8.13 22.72
N SER D 137 20.53 6.92 22.87
CA SER D 137 19.72 5.75 22.53
C SER D 137 19.70 4.73 23.65
N VAL D 138 20.86 4.51 24.29
CA VAL D 138 20.96 3.54 25.38
C VAL D 138 20.04 3.96 26.53
N VAL D 139 19.72 5.24 26.60
CA VAL D 139 18.84 5.75 27.64
C VAL D 139 17.88 6.78 27.06
N ASN D 140 16.61 6.64 27.43
CA ASN D 140 15.54 7.52 26.99
C ASN D 140 15.78 9.00 27.32
N ARG D 141 15.68 9.86 26.31
CA ARG D 141 15.90 11.29 26.49
C ARG D 141 14.72 12.17 26.04
N ASP D 142 13.58 11.54 25.73
CA ASP D 142 12.40 12.26 25.25
C ASP D 142 11.89 13.39 26.15
N ASP D 143 12.21 13.34 27.44
CA ASP D 143 11.75 14.35 28.38
C ASP D 143 12.52 15.66 28.30
N LEU D 144 13.73 15.61 27.74
CA LEU D 144 14.57 16.80 27.62
C LEU D 144 14.22 17.55 26.33
N PRO D 145 14.27 18.90 26.36
CA PRO D 145 13.95 19.65 25.15
C PRO D 145 15.01 19.55 24.05
N ALA D 146 14.58 19.14 22.85
CA ALA D 146 15.47 19.00 21.70
C ALA D 146 15.60 20.35 21.00
N PRO D 147 16.65 20.52 20.19
CA PRO D 147 17.72 19.58 19.84
C PRO D 147 18.71 19.32 20.98
N TYR D 148 19.25 18.10 21.01
CA TYR D 148 20.24 17.75 22.02
C TYR D 148 21.62 17.97 21.42
N LEU D 149 22.46 18.75 22.09
CA LEU D 149 23.83 18.96 21.63
C LEU D 149 24.65 18.06 22.54
N VAL D 150 25.30 17.06 21.96
CA VAL D 150 26.12 16.12 22.71
C VAL D 150 27.59 16.56 22.64
N VAL D 151 28.22 16.72 23.80
CA VAL D 151 29.62 17.12 23.87
C VAL D 151 30.45 15.98 24.49
N ASP D 152 31.26 15.34 23.67
CA ASP D 152 32.10 14.25 24.14
C ASP D 152 33.49 14.81 24.37
N LEU D 153 33.81 15.10 25.63
CA LEU D 153 35.10 15.67 25.97
C LEU D 153 36.09 14.57 26.37
N GLY D 154 37.02 14.30 25.47
CA GLY D 154 38.03 13.29 25.71
C GLY D 154 39.39 13.92 25.92
N GLY D 155 40.41 13.08 26.07
CA GLY D 155 41.76 13.58 26.28
C GLY D 155 42.35 14.37 25.13
N GLY D 156 42.14 13.90 23.90
CA GLY D 156 42.71 14.59 22.76
C GLY D 156 41.73 15.30 21.86
N SER D 157 40.49 14.80 21.82
CA SER D 157 39.47 15.42 20.98
C SER D 157 38.16 15.62 21.69
N THR D 158 37.44 16.65 21.25
CA THR D 158 36.14 16.98 21.81
C THR D 158 35.22 17.22 20.62
N GLU D 159 34.19 16.40 20.48
CA GLU D 159 33.27 16.59 19.38
C GLU D 159 31.95 17.20 19.85
N LEU D 160 31.34 18.01 18.98
CA LEU D 160 30.06 18.65 19.27
C LEU D 160 29.06 18.12 18.25
N VAL D 161 28.05 17.40 18.71
CA VAL D 161 27.05 16.84 17.80
C VAL D 161 25.65 17.28 18.18
N ILE D 162 24.89 17.79 17.20
CA ILE D 162 23.52 18.24 17.47
C ILE D 162 22.51 17.47 16.62
N GLY D 163 21.40 17.09 17.22
CA GLY D 163 20.37 16.34 16.51
C GLY D 163 19.22 17.24 16.06
N GLY D 164 18.09 16.63 15.71
CA GLY D 164 16.95 17.43 15.28
C GLY D 164 16.06 17.80 16.45
N ASP D 165 15.10 18.69 16.22
CA ASP D 165 14.20 19.11 17.28
C ASP D 165 13.01 18.21 17.49
N GLY D 166 12.88 17.18 16.67
CA GLY D 166 11.74 16.29 16.83
C GLY D 166 10.51 16.74 16.05
N VAL D 167 10.61 17.84 15.33
CA VAL D 167 9.49 18.33 14.53
C VAL D 167 9.83 18.30 13.02
N SER D 168 10.93 18.92 12.62
CA SER D 168 11.31 18.89 11.20
C SER D 168 12.34 17.81 10.89
N ALA D 169 12.90 17.21 11.95
CA ALA D 169 13.89 16.14 11.86
C ALA D 169 13.88 15.37 13.18
N PRO D 170 14.26 14.08 13.15
CA PRO D 170 14.26 13.29 14.40
C PRO D 170 15.26 13.81 15.44
N THR D 171 14.92 13.66 16.71
CA THR D 171 15.83 14.11 17.77
C THR D 171 17.11 13.28 17.66
N THR D 172 16.97 12.02 17.25
CA THR D 172 18.08 11.10 17.10
C THR D 172 18.82 11.15 15.76
N GLN D 173 18.49 12.11 14.90
CA GLN D 173 19.18 12.19 13.61
C GLN D 173 20.16 13.35 13.62
N VAL D 174 21.43 13.06 13.40
CA VAL D 174 22.47 14.08 13.39
C VAL D 174 22.25 15.10 12.28
N GLN D 175 22.35 16.38 12.64
CA GLN D 175 22.16 17.48 11.70
C GLN D 175 23.45 18.24 11.53
N GLY D 176 24.37 18.04 12.47
CA GLY D 176 25.64 18.73 12.42
C GLY D 176 26.61 18.13 13.43
N ALA D 177 27.90 18.14 13.09
CA ALA D 177 28.90 17.60 13.97
C ALA D 177 30.27 18.10 13.54
N PHE D 178 31.12 18.37 14.52
CA PHE D 178 32.47 18.83 14.26
C PHE D 178 33.37 18.33 15.38
N SER D 179 34.50 17.75 15.01
CA SER D 179 35.42 17.22 16.00
C SER D 179 36.58 18.21 16.19
N MSE D 180 36.66 18.79 17.38
CA MSE D 180 37.71 19.74 17.71
C MSE D 180 38.91 19.02 18.29
O MSE D 180 38.76 18.02 19.02
CB MSE D 180 37.24 20.76 18.72
CG MSE D 180 36.03 21.55 18.34
SE MSE D 180 35.70 22.85 19.74
CE MSE D 180 34.83 21.69 21.01
N ASN D 181 40.11 19.52 18.01
CA ASN D 181 41.30 18.89 18.55
C ASN D 181 41.82 19.53 19.84
N ILE D 182 41.01 19.43 20.89
CA ILE D 182 41.39 19.92 22.21
C ILE D 182 40.84 18.87 23.15
N GLY D 183 41.37 18.80 24.36
CA GLY D 183 40.88 17.82 25.30
C GLY D 183 41.57 17.97 26.65
N SER D 184 41.18 17.13 27.60
CA SER D 184 41.77 17.20 28.93
C SER D 184 43.28 17.03 28.86
N VAL D 185 43.73 15.92 28.27
CA VAL D 185 45.15 15.62 28.14
C VAL D 185 45.89 16.70 27.33
N ARG D 186 45.45 16.92 26.10
CA ARG D 186 46.07 17.90 25.23
C ARG D 186 46.27 19.27 25.89
N MSE D 187 45.19 19.83 26.45
CA MSE D 187 45.27 21.15 27.09
C MSE D 187 46.18 21.19 28.31
O MSE D 187 46.74 22.24 28.63
CB MSE D 187 43.87 21.63 27.48
CG MSE D 187 42.96 21.90 26.30
SE MSE D 187 43.67 23.23 25.07
CE MSE D 187 44.54 22.04 23.81
N THR D 188 46.31 20.06 28.99
CA THR D 188 47.16 20.02 30.18
C THR D 188 48.64 20.07 29.83
N GLU D 189 48.99 19.54 28.66
CA GLU D 189 50.39 19.50 28.23
C GLU D 189 50.93 20.79 27.61
N ARG D 190 50.20 21.37 26.65
CA ARG D 190 50.67 22.58 25.99
C ARG D 190 50.37 23.88 26.72
N HIS D 191 49.79 23.79 27.92
CA HIS D 191 49.47 25.01 28.67
C HIS D 191 49.59 24.92 30.18
N LEU D 192 48.84 24.01 30.78
CA LEU D 192 48.83 23.83 32.23
C LEU D 192 49.98 22.96 32.74
N THR D 193 51.21 23.45 32.60
CA THR D 193 52.40 22.70 33.04
C THR D 193 52.71 22.78 34.54
N ASN D 194 52.43 23.91 35.17
CA ASN D 194 52.68 24.09 36.61
C ASN D 194 51.59 23.44 37.44
N ASP D 195 51.93 23.03 38.66
CA ASP D 195 50.98 22.38 39.57
C ASP D 195 50.88 23.11 40.91
N PRO D 196 49.84 23.94 41.10
CA PRO D 196 48.75 24.25 40.16
C PRO D 196 49.19 25.19 39.05
N PRO D 197 48.46 25.21 37.92
CA PRO D 197 48.83 26.10 36.82
C PRO D 197 48.61 27.56 37.18
N THR D 198 49.35 28.45 36.53
CA THR D 198 49.25 29.88 36.79
C THR D 198 48.10 30.49 35.99
N GLN D 199 47.80 31.76 36.25
CA GLN D 199 46.72 32.44 35.55
C GLN D 199 47.04 32.69 34.07
N THR D 200 48.31 32.94 33.77
CA THR D 200 48.70 33.18 32.40
C THR D 200 48.46 31.91 31.58
N GLN D 201 48.88 30.77 32.11
CA GLN D 201 48.70 29.50 31.42
C GLN D 201 47.22 29.25 31.16
N ILE D 202 46.40 29.42 32.20
CA ILE D 202 44.96 29.23 32.06
C ILE D 202 44.43 30.17 31.00
N ASP D 203 44.94 31.40 30.97
CA ASP D 203 44.52 32.39 29.99
C ASP D 203 44.84 31.92 28.58
N GLU D 204 46.02 31.34 28.41
CA GLU D 204 46.44 30.83 27.11
C GLU D 204 45.55 29.65 26.70
N ALA D 205 45.27 28.78 27.67
CA ALA D 205 44.44 27.61 27.42
C ALA D 205 43.04 28.04 26.96
N VAL D 206 42.53 29.10 27.60
CA VAL D 206 41.21 29.62 27.26
C VAL D 206 41.19 30.19 25.84
N ALA D 207 42.23 30.92 25.47
CA ALA D 207 42.30 31.49 24.12
C ALA D 207 42.38 30.35 23.12
N ASP D 208 43.18 29.34 23.45
CA ASP D 208 43.36 28.18 22.59
C ASP D 208 42.03 27.48 22.35
N VAL D 209 41.35 27.10 23.44
CA VAL D 209 40.07 26.43 23.35
C VAL D 209 39.00 27.29 22.66
N ASP D 210 38.88 28.56 23.06
CA ASP D 210 37.89 29.43 22.44
C ASP D 210 38.06 29.49 20.92
N GLU D 211 39.31 29.40 20.46
CA GLU D 211 39.61 29.47 19.03
C GLU D 211 39.09 28.23 18.29
N HIS D 212 39.21 27.06 18.90
CA HIS D 212 38.74 25.83 18.29
C HIS D 212 37.23 25.80 18.27
N ILE D 213 36.62 26.52 19.21
CA ILE D 213 35.17 26.61 19.31
C ILE D 213 34.65 27.49 18.16
N ASP D 214 35.39 28.55 17.84
CA ASP D 214 34.99 29.44 16.75
C ASP D 214 34.85 28.63 15.45
N GLU D 215 35.88 27.85 15.14
CA GLU D 215 35.89 27.03 13.92
C GLU D 215 34.76 26.02 13.93
N ALA D 216 34.52 25.43 15.10
CA ALA D 216 33.46 24.44 15.25
C ALA D 216 32.09 25.05 14.95
N PHE D 217 31.89 26.28 15.40
CA PHE D 217 30.62 26.94 15.19
C PHE D 217 30.41 27.38 13.74
N ARG D 218 31.44 27.22 12.91
CA ARG D 218 31.33 27.59 11.50
C ARG D 218 30.69 26.48 10.69
N THR D 219 30.87 25.23 11.13
CA THR D 219 30.27 24.11 10.40
C THR D 219 29.06 23.55 11.16
N VAL D 220 29.09 23.59 12.49
CA VAL D 220 27.97 23.07 13.27
C VAL D 220 27.27 24.23 14.00
N ASP D 221 25.95 24.28 13.85
CA ASP D 221 25.14 25.33 14.46
C ASP D 221 24.78 24.96 15.89
N ALA D 222 25.73 25.15 16.80
CA ALA D 222 25.51 24.84 18.20
C ALA D 222 24.28 25.61 18.71
N GLY D 223 24.16 26.86 18.27
CA GLY D 223 23.04 27.70 18.68
C GLY D 223 21.65 27.09 18.72
N LYS D 224 21.32 26.16 17.83
CA LYS D 224 19.98 25.55 17.82
C LYS D 224 19.68 24.68 19.05
N ALA D 225 20.71 24.32 19.81
CA ALA D 225 20.55 23.45 20.96
C ALA D 225 19.73 24.03 22.11
N ARG D 226 18.99 23.15 22.80
CA ARG D 226 18.19 23.56 23.94
C ARG D 226 18.61 22.73 25.15
N THR D 227 19.31 21.63 24.91
CA THR D 227 19.80 20.75 25.96
C THR D 227 21.23 20.34 25.66
N ILE D 228 22.10 20.42 26.66
CA ILE D 228 23.50 20.04 26.50
C ILE D 228 23.67 18.66 27.17
N ILE D 229 24.27 17.72 26.46
CA ILE D 229 24.49 16.40 27.02
C ILE D 229 25.98 16.17 27.02
N GLY D 230 26.53 15.84 28.19
CA GLY D 230 27.96 15.61 28.31
C GLY D 230 28.29 14.17 28.61
N VAL D 231 29.36 13.68 27.98
CA VAL D 231 29.80 12.31 28.17
C VAL D 231 31.31 12.28 28.38
N SER D 232 31.81 11.10 28.80
CA SER D 232 33.23 10.87 29.04
C SER D 232 33.73 11.24 30.43
N GLY D 233 34.98 10.87 30.69
CA GLY D 233 35.61 11.09 31.99
C GLY D 233 35.50 12.44 32.69
N THR D 234 35.89 13.51 32.02
CA THR D 234 35.85 14.83 32.63
C THR D 234 34.46 15.24 33.13
N VAL D 235 33.46 15.12 32.27
CA VAL D 235 32.11 15.48 32.64
C VAL D 235 31.55 14.66 33.79
N THR D 236 31.74 13.34 33.75
CA THR D 236 31.22 12.47 34.80
C THR D 236 31.95 12.70 36.11
N THR D 237 33.21 13.09 36.04
CA THR D 237 33.99 13.35 37.24
C THR D 237 33.51 14.66 37.89
N MSE D 238 33.55 15.75 37.12
CA MSE D 238 33.13 17.06 37.62
C MSE D 238 31.73 16.98 38.19
O MSE D 238 31.42 17.61 39.21
CB MSE D 238 33.15 18.08 36.49
CG MSE D 238 34.49 18.23 35.80
SE MSE D 238 35.92 18.74 36.99
CE MSE D 238 36.89 17.07 37.01
N THR D 239 30.87 16.23 37.54
CA THR D 239 29.50 16.08 37.99
C THR D 239 29.48 15.34 39.33
N ALA D 240 30.35 14.35 39.46
CA ALA D 240 30.43 13.58 40.70
C ALA D 240 30.95 14.49 41.81
N LEU D 241 31.98 15.28 41.49
CA LEU D 241 32.56 16.20 42.44
C LEU D 241 31.56 17.28 42.90
N ALA D 242 30.71 17.72 41.97
CA ALA D 242 29.72 18.74 42.30
C ALA D 242 28.58 18.19 43.14
N MSE D 243 28.35 16.88 43.03
CA MSE D 243 27.29 16.25 43.80
C MSE D 243 27.83 15.85 45.16
O MSE D 243 27.13 15.25 45.98
CB MSE D 243 26.78 15.00 43.08
CG MSE D 243 26.02 15.29 41.80
SE MSE D 243 25.70 13.68 40.78
CE MSE D 243 24.18 12.98 41.77
N GLY D 244 29.09 16.19 45.40
CA GLY D 244 29.71 15.87 46.66
C GLY D 244 29.96 14.40 46.92
N LEU D 245 30.05 13.60 45.85
CA LEU D 245 30.31 12.17 46.03
C LEU D 245 31.73 12.02 46.59
N LYS D 246 31.97 10.94 47.32
CA LYS D 246 33.28 10.71 47.91
C LYS D 246 33.77 9.31 47.61
N GLU D 247 32.83 8.36 47.56
CA GLU D 247 33.16 6.96 47.28
C GLU D 247 33.89 6.84 45.95
N TYR D 248 33.13 6.70 44.87
CA TYR D 248 33.74 6.56 43.55
C TYR D 248 32.75 6.95 42.45
N ASP D 249 33.28 7.53 41.38
CA ASP D 249 32.49 7.94 40.24
C ASP D 249 31.71 6.75 39.69
N HIS D 250 30.42 6.68 39.97
CA HIS D 250 29.60 5.57 39.51
C HIS D 250 28.26 5.93 38.88
N THR D 251 27.35 4.96 38.90
CA THR D 251 26.00 5.07 38.35
C THR D 251 25.30 6.41 38.48
N VAL D 252 24.81 6.69 39.69
CA VAL D 252 24.06 7.90 40.02
C VAL D 252 24.28 9.19 39.21
N VAL D 253 25.47 9.37 38.63
CA VAL D 253 25.70 10.59 37.86
C VAL D 253 24.93 10.65 36.54
N ASP D 254 24.80 9.50 35.87
CA ASP D 254 24.09 9.48 34.60
C ASP D 254 22.66 9.97 34.73
N GLY D 255 22.28 10.89 33.87
CA GLY D 255 20.94 11.43 33.91
C GLY D 255 20.80 12.62 34.86
N HIS D 256 21.84 12.88 35.64
CA HIS D 256 21.80 13.99 36.58
C HIS D 256 22.07 15.32 35.89
N ARG D 257 21.28 16.34 36.25
CA ARG D 257 21.40 17.67 35.67
C ARG D 257 22.15 18.62 36.60
N LEU D 258 23.22 19.21 36.09
CA LEU D 258 24.05 20.15 36.86
C LEU D 258 23.84 21.56 36.34
N SER D 259 23.56 22.51 37.22
CA SER D 259 23.37 23.88 36.77
C SER D 259 24.73 24.40 36.35
N PHE D 260 24.74 25.44 35.54
CA PHE D 260 26.00 26.04 35.10
C PHE D 260 26.74 26.56 36.31
N GLU D 261 25.97 27.09 37.26
CA GLU D 261 26.50 27.64 38.50
C GLU D 261 27.51 26.69 39.16
N ASP D 262 27.04 25.47 39.45
CA ASP D 262 27.89 24.47 40.08
C ASP D 262 28.90 23.90 39.09
N ALA D 263 28.57 23.97 37.81
CA ALA D 263 29.47 23.49 36.77
C ALA D 263 30.71 24.38 36.73
N TYR D 264 30.53 25.69 36.62
CA TYR D 264 31.66 26.62 36.58
C TYR D 264 32.45 26.64 37.89
N ALA D 265 31.75 26.53 39.01
CA ALA D 265 32.37 26.57 40.34
C ALA D 265 33.34 25.42 40.56
N VAL D 266 32.85 24.20 40.37
CA VAL D 266 33.65 23.00 40.56
C VAL D 266 34.77 22.90 39.53
N ASP D 267 34.56 23.42 38.33
CA ASP D 267 35.62 23.36 37.33
C ASP D 267 36.80 24.18 37.83
N ASP D 268 36.52 25.44 38.15
CA ASP D 268 37.53 26.38 38.63
C ASP D 268 38.20 25.90 39.91
N LYS D 269 37.40 25.42 40.86
CA LYS D 269 37.91 24.94 42.14
C LYS D 269 38.97 23.86 41.99
N PHE D 270 38.77 22.95 41.03
CA PHE D 270 39.71 21.86 40.80
C PHE D 270 40.79 22.21 39.80
N LEU D 271 40.57 23.27 39.04
CA LEU D 271 41.54 23.71 38.05
C LEU D 271 42.77 24.15 38.83
N ARG D 272 42.62 25.23 39.58
CA ARG D 272 43.71 25.79 40.39
C ARG D 272 43.89 25.07 41.74
N MSE D 273 44.15 23.77 41.67
CA MSE D 273 44.34 22.95 42.86
C MSE D 273 45.51 22.00 42.61
O MSE D 273 45.67 21.49 41.50
CB MSE D 273 43.07 22.15 43.15
CG MSE D 273 43.15 21.25 44.36
SE MSE D 273 41.48 20.32 44.72
CE MSE D 273 40.50 21.75 45.56
N THR D 274 46.30 21.77 43.65
CA THR D 274 47.46 20.88 43.54
C THR D 274 47.00 19.45 43.32
N ARG D 275 47.79 18.69 42.55
CA ARG D 275 47.46 17.29 42.28
C ARG D 275 47.24 16.60 43.62
N ALA D 276 48.10 16.91 44.59
CA ALA D 276 48.01 16.32 45.91
C ALA D 276 46.62 16.53 46.51
N GLU D 277 46.14 17.77 46.44
CA GLU D 277 44.83 18.10 46.99
C GLU D 277 43.67 17.49 46.18
N ARG D 278 43.93 17.13 44.93
CA ARG D 278 42.90 16.51 44.09
C ARG D 278 42.77 15.06 44.51
N ARG D 279 43.87 14.48 44.98
CA ARG D 279 43.89 13.09 45.40
C ARG D 279 43.06 12.88 46.66
N GLU D 280 42.82 13.96 47.40
CA GLU D 280 42.03 13.87 48.62
C GLU D 280 40.57 13.61 48.30
N TYR D 281 40.24 13.69 47.02
CA TYR D 281 38.88 13.45 46.55
C TYR D 281 38.88 12.09 45.86
N LYS D 282 38.54 11.06 46.63
CA LYS D 282 38.51 9.68 46.17
C LYS D 282 37.49 9.39 45.06
N THR D 283 36.78 10.43 44.64
CA THR D 283 35.78 10.27 43.58
C THR D 283 36.52 10.36 42.25
N ILE D 284 37.70 10.98 42.28
CA ILE D 284 38.54 11.15 41.11
C ILE D 284 39.43 9.90 40.94
N HIS D 285 39.40 9.33 39.74
CA HIS D 285 40.20 8.16 39.41
C HIS D 285 41.67 8.59 39.35
N PRO D 286 42.58 7.77 39.91
CA PRO D 286 44.02 8.07 39.92
C PRO D 286 44.58 8.49 38.56
N GLY D 287 44.13 7.84 37.49
CA GLY D 287 44.61 8.17 36.17
C GLY D 287 44.10 9.51 35.65
N ARG D 288 43.30 10.20 36.46
CA ARG D 288 42.72 11.49 36.06
C ARG D 288 43.15 12.73 36.84
N ILE D 289 43.78 12.56 38.00
CA ILE D 289 44.24 13.71 38.78
C ILE D 289 45.18 14.55 37.92
N ASP D 290 45.87 13.89 37.01
CA ASP D 290 46.82 14.55 36.12
C ASP D 290 46.20 15.66 35.28
N VAL D 291 45.23 15.28 34.45
CA VAL D 291 44.59 16.20 33.53
C VAL D 291 43.22 16.79 33.87
N VAL D 292 42.80 16.73 35.13
CA VAL D 292 41.50 17.30 35.50
C VAL D 292 41.50 18.80 35.18
N GLY D 293 42.67 19.42 35.29
CA GLY D 293 42.78 20.83 35.01
C GLY D 293 42.40 21.19 33.59
N GLY D 294 42.87 20.39 32.63
CA GLY D 294 42.57 20.66 31.23
C GLY D 294 41.12 20.46 30.86
N GLY D 295 40.51 19.38 31.35
CA GLY D 295 39.12 19.13 31.05
C GLY D 295 38.22 20.28 31.46
N ALA D 296 38.35 20.72 32.71
CA ALA D 296 37.54 21.81 33.24
C ALA D 296 37.59 23.06 32.37
N VAL D 297 38.77 23.38 31.85
CA VAL D 297 38.93 24.56 31.00
C VAL D 297 38.08 24.39 29.75
N VAL D 298 38.27 23.27 29.05
CA VAL D 298 37.50 22.98 27.85
C VAL D 298 36.00 22.96 28.14
N TRP D 299 35.60 22.18 29.14
CA TRP D 299 34.19 22.05 29.52
C TRP D 299 33.55 23.42 29.78
N SER D 300 34.15 24.22 30.65
CA SER D 300 33.61 25.55 30.97
C SER D 300 33.45 26.45 29.76
N ARG D 301 34.40 26.41 28.83
CA ARG D 301 34.27 27.26 27.65
C ARG D 301 33.18 26.74 26.72
N VAL D 302 33.11 25.41 26.55
CA VAL D 302 32.09 24.81 25.70
C VAL D 302 30.70 25.19 26.22
N LEU D 303 30.48 24.98 27.51
CA LEU D 303 29.19 25.34 28.10
C LEU D 303 28.87 26.79 27.83
N ALA D 304 29.85 27.67 28.08
CA ALA D 304 29.66 29.10 27.91
C ALA D 304 29.33 29.50 26.48
N ARG D 305 30.19 29.10 25.53
CA ARG D 305 29.97 29.44 24.13
C ARG D 305 28.65 28.91 23.58
N VAL D 306 28.32 27.66 23.90
CA VAL D 306 27.06 27.08 23.44
C VAL D 306 25.88 27.89 23.96
N SER D 307 25.94 28.26 25.23
CA SER D 307 24.86 29.04 25.83
C SER D 307 24.75 30.39 25.15
N GLU D 308 25.89 31.00 24.83
CA GLU D 308 25.89 32.30 24.16
C GLU D 308 25.22 32.18 22.80
N ALA D 309 25.54 31.11 22.10
CA ALA D 309 24.99 30.84 20.77
C ALA D 309 23.50 30.52 20.84
N ALA D 310 23.06 29.90 21.93
CA ALA D 310 21.65 29.59 22.06
C ALA D 310 20.80 30.84 22.25
N LYS D 311 21.36 31.83 22.94
CA LYS D 311 20.64 33.08 23.18
C LYS D 311 20.54 33.87 21.87
N ALA D 312 21.56 33.77 21.03
CA ALA D 312 21.61 34.47 19.76
C ALA D 312 20.69 33.84 18.72
N ASP D 313 20.51 32.53 18.80
CA ASP D 313 19.66 31.82 17.86
C ASP D 313 18.18 31.90 18.20
N HIS D 314 17.82 31.56 19.43
CA HIS D 314 16.41 31.57 19.81
C HIS D 314 16.04 32.34 21.08
N GLY D 315 16.92 33.22 21.52
CA GLY D 315 16.63 34.04 22.68
C GLY D 315 16.62 33.45 24.09
N GLU D 316 17.09 32.22 24.27
CA GLU D 316 17.11 31.63 25.60
C GLU D 316 18.44 30.99 25.90
N ALA D 317 19.10 31.48 26.93
CA ALA D 317 20.40 30.92 27.30
C ALA D 317 20.19 29.54 27.93
N ILE D 318 21.25 28.75 27.94
CA ILE D 318 21.21 27.42 28.55
C ILE D 318 22.01 27.53 29.83
N ASP D 319 21.44 27.09 30.94
CA ASP D 319 22.15 27.19 32.21
C ASP D 319 22.12 25.90 33.01
N SER D 320 22.33 24.78 32.32
CA SER D 320 22.36 23.48 32.95
C SER D 320 22.73 22.48 31.88
N PHE D 321 23.16 21.30 32.29
CA PHE D 321 23.50 20.25 31.33
C PHE D 321 23.17 18.90 31.96
N VAL D 322 23.08 17.87 31.14
CA VAL D 322 22.79 16.55 31.65
C VAL D 322 24.03 15.69 31.44
N ALA D 323 24.41 14.97 32.48
CA ALA D 323 25.58 14.10 32.41
C ALA D 323 25.14 12.75 31.88
N SER D 324 25.96 12.16 31.02
CA SER D 324 25.65 10.86 30.45
C SER D 324 26.84 9.91 30.53
N GLU D 325 26.59 8.72 31.06
CA GLU D 325 27.62 7.70 31.18
C GLU D 325 27.85 7.01 29.84
N HIS D 326 26.86 7.06 28.96
CA HIS D 326 26.98 6.41 27.65
C HIS D 326 27.46 7.35 26.56
N GLY D 327 28.56 6.97 25.91
CA GLY D 327 29.11 7.77 24.84
C GLY D 327 29.52 6.94 23.64
N LEU D 328 30.68 7.24 23.08
CA LEU D 328 31.21 6.54 21.91
C LEU D 328 31.16 5.01 22.01
N LEU D 329 31.59 4.48 23.15
CA LEU D 329 31.60 3.04 23.35
C LEU D 329 30.24 2.39 23.10
N ASP D 330 29.17 2.93 23.69
CA ASP D 330 27.86 2.33 23.46
C ASP D 330 27.44 2.52 22.00
N GLY D 331 27.99 3.54 21.35
CA GLY D 331 27.68 3.76 19.96
C GLY D 331 28.25 2.63 19.12
N ILE D 332 29.52 2.33 19.34
CA ILE D 332 30.21 1.26 18.65
C ILE D 332 29.36 -0.01 18.72
N VAL D 333 29.13 -0.48 19.94
CA VAL D 333 28.37 -1.69 20.19
C VAL D 333 27.00 -1.73 19.52
N LEU D 334 26.21 -0.67 19.68
CA LEU D 334 24.88 -0.62 19.07
C LEU D 334 24.96 -0.64 17.54
N ASP D 335 25.83 0.21 16.98
CA ASP D 335 26.00 0.28 15.52
C ASP D 335 26.51 -1.05 14.96
N TYR D 336 27.62 -1.54 15.51
CA TYR D 336 28.18 -2.80 15.04
C TYR D 336 27.17 -3.93 15.18
N GLY D 337 26.42 -3.90 16.27
CA GLY D 337 25.41 -4.92 16.51
C GLY D 337 24.32 -4.93 15.46
N ARG D 338 23.71 -3.77 15.21
CA ARG D 338 22.64 -3.68 14.22
C ARG D 338 23.17 -3.85 12.80
N ARG D 339 24.45 -3.57 12.62
CA ARG D 339 25.08 -3.69 11.32
C ARG D 339 25.27 -5.17 10.99
N LEU D 340 25.44 -5.99 12.03
CA LEU D 340 25.62 -7.42 11.86
C LEU D 340 24.27 -8.09 11.63
N LEU D 341 23.24 -7.59 12.29
CA LEU D 341 21.89 -8.11 12.16
C LEU D 341 21.32 -7.96 10.75
N ALA D 342 21.64 -6.84 10.11
CA ALA D 342 21.15 -6.55 8.76
C ALA D 342 22.03 -7.17 7.67
N VAL E 16 -48.08 -6.41 37.94
CA VAL E 16 -48.46 -5.88 36.60
C VAL E 16 -48.45 -6.99 35.56
N THR E 17 -49.44 -6.97 34.67
CA THR E 17 -49.55 -7.97 33.60
C THR E 17 -49.56 -7.30 32.23
N VAL E 18 -48.36 -7.04 31.70
CA VAL E 18 -48.23 -6.40 30.39
C VAL E 18 -47.96 -7.39 29.27
N ALA E 19 -48.32 -6.99 28.05
CA ALA E 19 -48.12 -7.82 26.87
C ALA E 19 -47.22 -7.03 25.93
N GLY E 20 -46.65 -7.71 24.94
CA GLY E 20 -45.78 -7.04 24.00
C GLY E 20 -45.70 -7.72 22.64
N ILE E 21 -45.35 -6.95 21.61
CA ILE E 21 -45.24 -7.48 20.27
C ILE E 21 -43.94 -7.04 19.60
N ASP E 22 -43.26 -8.02 18.99
CA ASP E 22 -41.99 -7.79 18.29
C ASP E 22 -42.25 -7.94 16.79
N CYS E 23 -42.15 -6.84 16.06
CA CYS E 23 -42.38 -6.86 14.62
C CYS E 23 -41.07 -6.80 13.85
N GLY E 24 -40.57 -7.97 13.48
CA GLY E 24 -39.31 -8.05 12.74
C GLY E 24 -39.47 -8.07 11.24
N THR E 25 -38.36 -8.33 10.56
CA THR E 25 -38.33 -8.39 9.11
C THR E 25 -38.97 -9.67 8.56
N ASN E 26 -38.63 -10.80 9.17
CA ASN E 26 -39.15 -12.09 8.74
C ASN E 26 -40.39 -12.55 9.51
N SER E 27 -40.66 -11.96 10.66
CA SER E 27 -41.83 -12.38 11.43
C SER E 27 -42.37 -11.37 12.43
N ILE E 28 -43.41 -11.79 13.14
CA ILE E 28 -44.06 -10.97 14.16
C ILE E 28 -44.48 -11.91 15.30
N ARG E 29 -44.42 -11.43 16.53
CA ARG E 29 -44.75 -12.25 17.69
C ARG E 29 -45.36 -11.45 18.85
N LEU E 30 -46.18 -12.13 19.65
CA LEU E 30 -46.84 -11.52 20.81
C LEU E 30 -46.69 -12.39 22.04
N LYS E 31 -46.50 -11.76 23.20
CA LYS E 31 -46.35 -12.47 24.45
C LYS E 31 -47.05 -11.71 25.56
N ILE E 32 -47.70 -12.44 26.48
CA ILE E 32 -48.40 -11.82 27.59
C ILE E 32 -47.99 -12.49 28.89
N ALA E 33 -47.55 -11.69 29.87
CA ALA E 33 -47.13 -12.23 31.16
C ALA E 33 -47.17 -11.17 32.24
N ARG E 34 -46.46 -11.41 33.34
CA ARG E 34 -46.43 -10.46 34.45
C ARG E 34 -45.00 -10.07 34.82
N GLY E 39 -40.31 -10.83 38.60
CA GLY E 39 -40.16 -12.07 37.85
C GLY E 39 -41.31 -12.32 36.88
N MSE E 40 -40.97 -12.85 35.71
CA MSE E 40 -41.97 -13.15 34.67
C MSE E 40 -42.73 -14.45 34.89
O MSE E 40 -42.24 -15.38 35.54
CB MSE E 40 -41.31 -13.23 33.29
CG MSE E 40 -41.12 -11.92 32.56
SE MSE E 40 -41.25 -12.19 30.63
CE MSE E 40 -39.76 -13.41 30.40
N HIS E 41 -43.93 -14.50 34.32
CA HIS E 41 -44.80 -15.68 34.37
C HIS E 41 -45.73 -15.61 33.16
N GLU E 42 -45.45 -16.45 32.16
CA GLU E 42 -46.25 -16.47 30.95
C GLU E 42 -47.73 -16.78 31.16
N VAL E 43 -48.55 -15.75 31.04
CA VAL E 43 -49.99 -15.88 31.19
C VAL E 43 -50.48 -16.50 29.88
N VAL E 44 -49.83 -16.09 28.79
CA VAL E 44 -50.14 -16.59 27.45
C VAL E 44 -48.81 -16.85 26.76
N PRO E 45 -48.56 -18.11 26.34
CA PRO E 45 -47.30 -18.44 25.68
C PRO E 45 -47.00 -17.58 24.46
N ARG E 46 -45.75 -17.61 24.01
CA ARG E 46 -45.33 -16.83 22.85
C ARG E 46 -46.11 -17.29 21.61
N ILE E 47 -46.49 -16.33 20.79
CA ILE E 47 -47.25 -16.64 19.58
C ILE E 47 -46.51 -16.06 18.37
N LEU E 48 -45.85 -16.94 17.62
CA LEU E 48 -45.08 -16.53 16.44
C LEU E 48 -45.89 -16.62 15.16
N ARG E 49 -45.67 -15.66 14.26
CA ARG E 49 -46.38 -15.62 12.99
C ARG E 49 -45.47 -15.03 11.92
N VAL E 50 -44.89 -15.90 11.09
CA VAL E 50 -43.99 -15.49 10.02
C VAL E 50 -44.72 -14.71 8.94
N ILE E 51 -44.77 -13.38 9.10
CA ILE E 51 -45.45 -12.50 8.16
C ILE E 51 -44.61 -12.12 6.94
N ARG E 52 -43.30 -12.21 7.06
CA ARG E 52 -42.42 -11.87 5.94
C ARG E 52 -42.67 -10.42 5.54
N LEU E 53 -42.72 -9.54 6.54
CA LEU E 53 -42.97 -8.12 6.30
C LEU E 53 -41.87 -7.44 5.47
N GLY E 54 -40.66 -7.97 5.56
CA GLY E 54 -39.54 -7.40 4.81
C GLY E 54 -39.49 -7.81 3.35
N GLN E 55 -40.65 -8.13 2.79
CA GLN E 55 -40.75 -8.55 1.40
C GLN E 55 -40.10 -7.54 0.44
N ASP E 56 -38.89 -7.88 -0.02
CA ASP E 56 -38.15 -7.04 -0.96
C ASP E 56 -37.86 -5.63 -0.47
N VAL E 57 -37.93 -5.43 0.85
CA VAL E 57 -37.67 -4.11 1.41
C VAL E 57 -36.21 -3.68 1.23
N ASP E 58 -35.36 -4.64 0.89
CA ASP E 58 -33.93 -4.35 0.70
C ASP E 58 -33.70 -3.34 -0.41
N LYS E 59 -34.22 -3.63 -1.60
CA LYS E 59 -34.05 -2.75 -2.75
C LYS E 59 -35.22 -1.78 -2.93
N THR E 60 -36.45 -2.30 -2.83
CA THR E 60 -37.66 -1.50 -2.99
C THR E 60 -37.70 -0.29 -2.06
N HIS E 61 -37.12 -0.44 -0.88
CA HIS E 61 -37.10 0.63 0.11
C HIS E 61 -38.50 1.02 0.60
N ARG E 62 -39.41 0.07 0.56
CA ARG E 62 -40.78 0.30 1.02
C ARG E 62 -41.51 -1.04 1.13
N PHE E 63 -42.44 -1.12 2.08
CA PHE E 63 -43.22 -2.34 2.32
C PHE E 63 -44.06 -2.72 1.11
N ALA E 64 -44.37 -4.01 1.00
CA ALA E 64 -45.18 -4.51 -0.10
C ALA E 64 -46.64 -4.28 0.26
N ASP E 65 -47.53 -4.53 -0.69
CA ASP E 65 -48.96 -4.34 -0.46
C ASP E 65 -49.58 -5.71 -0.22
N GLU E 66 -48.74 -6.73 -0.21
CA GLU E 66 -49.18 -8.09 0.05
C GLU E 66 -48.62 -8.40 1.44
N ALA E 67 -47.42 -7.88 1.69
CA ALA E 67 -46.75 -8.05 2.97
C ALA E 67 -47.48 -7.18 3.98
N LEU E 68 -48.04 -6.07 3.50
CA LEU E 68 -48.79 -5.17 4.36
C LEU E 68 -50.01 -5.93 4.84
N GLU E 69 -50.79 -6.44 3.88
CA GLU E 69 -52.02 -7.19 4.18
C GLU E 69 -51.79 -8.41 5.07
N ARG E 70 -51.00 -9.36 4.60
CA ARG E 70 -50.74 -10.57 5.38
C ARG E 70 -50.25 -10.26 6.79
N ALA E 71 -49.73 -9.05 6.97
CA ALA E 71 -49.23 -8.62 8.27
C ALA E 71 -50.43 -8.28 9.15
N TYR E 72 -51.35 -7.51 8.59
CA TYR E 72 -52.56 -7.12 9.30
C TYR E 72 -53.38 -8.33 9.71
N VAL E 73 -53.47 -9.31 8.82
CA VAL E 73 -54.22 -10.54 9.10
C VAL E 73 -53.79 -11.08 10.45
N ALA E 74 -52.51 -10.88 10.76
CA ALA E 74 -51.94 -11.34 12.03
C ALA E 74 -52.09 -10.25 13.09
N ALA E 75 -51.97 -8.99 12.65
CA ALA E 75 -52.10 -7.85 13.55
C ALA E 75 -53.48 -7.85 14.20
N ARG E 76 -54.50 -8.18 13.43
CA ARG E 76 -55.85 -8.23 13.95
C ARG E 76 -55.98 -9.36 14.98
N GLU E 77 -55.37 -10.49 14.67
CA GLU E 77 -55.42 -11.65 15.56
C GLU E 77 -54.88 -11.36 16.97
N PHE E 78 -53.74 -10.67 17.03
CA PHE E 78 -53.14 -10.35 18.31
C PHE E 78 -54.05 -9.50 19.20
N ALA E 79 -54.64 -8.47 18.62
CA ALA E 79 -55.55 -7.61 19.37
C ALA E 79 -56.73 -8.44 19.87
N GLY E 80 -57.02 -9.52 19.14
CA GLY E 80 -58.11 -10.40 19.51
C GLY E 80 -57.70 -11.33 20.64
N VAL E 81 -56.40 -11.60 20.73
CA VAL E 81 -55.88 -12.46 21.80
C VAL E 81 -55.73 -11.64 23.08
N ILE E 82 -55.73 -10.32 22.92
CA ILE E 82 -55.63 -9.41 24.06
C ILE E 82 -57.05 -9.23 24.58
N ALA E 83 -58.01 -9.69 23.78
CA ALA E 83 -59.42 -9.62 24.11
C ALA E 83 -59.82 -10.90 24.85
N GLU E 84 -58.85 -11.76 25.11
CA GLU E 84 -59.08 -13.01 25.83
C GLU E 84 -58.44 -12.93 27.20
N HIS E 85 -57.79 -11.80 27.50
CA HIS E 85 -57.14 -11.60 28.78
C HIS E 85 -56.80 -10.12 29.02
N PRO E 86 -57.03 -9.63 30.24
CA PRO E 86 -56.76 -8.22 30.60
C PRO E 86 -55.28 -7.87 30.67
N ILE E 87 -54.96 -6.62 30.31
CA ILE E 87 -53.58 -6.14 30.33
C ILE E 87 -53.46 -4.73 30.90
N ASP E 88 -52.37 -4.51 31.64
CA ASP E 88 -52.10 -3.20 32.26
C ASP E 88 -51.41 -2.28 31.25
N GLY E 89 -50.71 -2.87 30.28
CA GLY E 89 -50.00 -2.09 29.29
C GLY E 89 -49.53 -2.93 28.12
N LEU E 90 -49.52 -2.33 26.93
CA LEU E 90 -49.10 -3.02 25.71
C LEU E 90 -48.20 -2.16 24.84
N ARG E 91 -47.00 -2.66 24.55
CA ARG E 91 -46.04 -1.93 23.72
C ARG E 91 -45.75 -2.68 22.41
N PHE E 92 -45.79 -1.94 21.31
CA PHE E 92 -45.54 -2.51 19.99
C PHE E 92 -44.17 -1.99 19.57
N VAL E 93 -43.28 -2.88 19.16
CA VAL E 93 -41.95 -2.47 18.74
C VAL E 93 -41.62 -2.92 17.33
N ALA E 94 -41.36 -1.95 16.46
CA ALA E 94 -41.00 -2.23 15.09
C ALA E 94 -39.48 -2.31 15.01
N THR E 95 -38.97 -3.39 14.42
CA THR E 95 -37.53 -3.55 14.31
C THR E 95 -36.94 -2.69 13.19
N SER E 96 -35.71 -2.99 12.80
CA SER E 96 -35.03 -2.24 11.75
C SER E 96 -35.70 -2.36 10.38
N ALA E 97 -36.54 -3.39 10.22
CA ALA E 97 -37.24 -3.61 8.95
C ALA E 97 -38.19 -2.45 8.61
N THR E 98 -38.69 -1.79 9.64
CA THR E 98 -39.61 -0.67 9.46
C THR E 98 -38.84 0.64 9.40
N ARG E 99 -37.52 0.53 9.34
CA ARG E 99 -36.64 1.69 9.27
C ARG E 99 -36.02 1.77 7.89
N ASP E 100 -36.29 0.76 7.07
CA ASP E 100 -35.76 0.70 5.71
C ASP E 100 -36.80 1.11 4.66
N ALA E 101 -38.07 1.20 5.07
CA ALA E 101 -39.14 1.57 4.16
C ALA E 101 -39.57 3.03 4.38
N GLU E 102 -39.97 3.69 3.30
CA GLU E 102 -40.43 5.08 3.38
C GLU E 102 -41.89 5.12 3.82
N ASN E 103 -42.68 4.18 3.31
CA ASN E 103 -44.09 4.09 3.66
C ASN E 103 -44.28 3.45 5.03
N ARG E 104 -43.30 3.65 5.90
CA ARG E 104 -43.33 3.12 7.26
C ARG E 104 -44.46 3.76 8.07
N GLU E 105 -44.70 5.04 7.80
CA GLU E 105 -45.74 5.79 8.49
C GLU E 105 -47.13 5.27 8.14
N GLU E 106 -47.34 4.94 6.87
CA GLU E 106 -48.61 4.42 6.42
C GLU E 106 -48.91 3.12 7.18
N PHE E 107 -47.85 2.38 7.47
CA PHE E 107 -47.96 1.12 8.20
C PHE E 107 -48.44 1.40 9.63
N GLU E 108 -47.55 1.96 10.43
CA GLU E 108 -47.82 2.29 11.84
C GLU E 108 -49.26 2.66 12.18
N ASP E 109 -49.92 3.38 11.28
CA ASP E 109 -51.30 3.81 11.53
C ASP E 109 -52.37 2.74 11.38
N GLU E 110 -52.20 1.84 10.41
CA GLU E 110 -53.19 0.79 10.20
C GLU E 110 -53.19 -0.25 11.31
N ILE E 111 -52.05 -0.41 11.98
CA ILE E 111 -51.96 -1.37 13.08
C ILE E 111 -52.37 -0.62 14.36
N GLU E 112 -52.18 0.69 14.34
CA GLU E 112 -52.54 1.53 15.47
C GLU E 112 -54.05 1.56 15.68
N ARG E 113 -54.80 1.28 14.62
CA ARG E 113 -56.26 1.26 14.70
C ARG E 113 -56.72 -0.12 15.15
N ILE E 114 -55.84 -1.11 15.00
CA ILE E 114 -56.17 -2.48 15.39
C ILE E 114 -55.83 -2.76 16.85
N LEU E 115 -54.63 -2.38 17.26
CA LEU E 115 -54.19 -2.59 18.64
C LEU E 115 -54.44 -1.36 19.49
N GLY E 116 -54.18 -0.18 18.91
CA GLY E 116 -54.37 1.05 19.65
C GLY E 116 -53.13 1.91 19.71
N VAL E 117 -52.05 1.35 20.27
CA VAL E 117 -50.80 2.08 20.41
C VAL E 117 -50.11 2.26 19.05
N ARG E 118 -49.10 3.12 19.01
CA ARG E 118 -48.37 3.36 17.76
C ARG E 118 -47.02 2.66 17.77
N PRO E 119 -46.68 1.99 16.65
CA PRO E 119 -45.42 1.27 16.51
C PRO E 119 -44.19 2.09 16.89
N GLU E 120 -43.35 1.53 17.74
CA GLU E 120 -42.14 2.20 18.17
C GLU E 120 -40.93 1.62 17.46
N VAL E 121 -40.40 2.38 16.51
CA VAL E 121 -39.23 1.98 15.74
C VAL E 121 -37.98 2.35 16.53
N ILE E 122 -37.58 1.46 17.44
CA ILE E 122 -36.40 1.72 18.28
C ILE E 122 -35.10 1.64 17.48
N PRO E 123 -34.07 2.38 17.90
CA PRO E 123 -32.79 2.34 17.19
C PRO E 123 -32.15 0.95 17.28
N GLY E 124 -31.06 0.75 16.55
CA GLY E 124 -30.38 -0.54 16.60
C GLY E 124 -29.84 -0.79 17.99
N THR E 125 -29.19 0.23 18.55
CA THR E 125 -28.61 0.12 19.89
C THR E 125 -29.67 -0.22 20.93
N GLU E 126 -30.89 0.28 20.74
CA GLU E 126 -31.96 -0.01 21.69
C GLU E 126 -32.45 -1.44 21.49
N GLU E 127 -32.44 -1.88 20.23
CA GLU E 127 -32.87 -3.23 19.90
C GLU E 127 -31.90 -4.19 20.60
N ALA E 128 -30.63 -3.79 20.63
CA ALA E 128 -29.57 -4.59 21.26
C ALA E 128 -29.70 -4.60 22.79
N ASP E 129 -29.83 -3.43 23.40
CA ASP E 129 -29.95 -3.31 24.86
C ASP E 129 -31.02 -4.21 25.46
N LEU E 130 -32.20 -4.25 24.86
CA LEU E 130 -33.29 -5.08 25.38
C LEU E 130 -33.13 -6.53 24.97
N SER E 131 -32.59 -6.75 23.78
CA SER E 131 -32.38 -8.10 23.30
C SER E 131 -31.45 -8.77 24.30
N PHE E 132 -30.51 -8.00 24.83
CA PHE E 132 -29.56 -8.49 25.80
C PHE E 132 -30.25 -8.85 27.12
N LEU E 133 -31.01 -7.90 27.65
CA LEU E 133 -31.73 -8.10 28.90
C LEU E 133 -32.63 -9.32 28.81
N GLY E 134 -33.33 -9.44 27.69
CA GLY E 134 -34.23 -10.57 27.50
C GLY E 134 -33.56 -11.92 27.44
N ALA E 135 -32.42 -11.99 26.77
CA ALA E 135 -31.70 -13.25 26.62
C ALA E 135 -30.80 -13.60 27.80
N THR E 136 -30.47 -12.60 28.62
CA THR E 136 -29.59 -12.87 29.75
C THR E 136 -30.24 -12.88 31.14
N SER E 137 -31.56 -12.75 31.18
CA SER E 137 -32.28 -12.74 32.46
C SER E 137 -32.88 -14.10 32.79
N VAL E 138 -32.16 -15.17 32.47
CA VAL E 138 -32.61 -16.54 32.74
C VAL E 138 -31.42 -17.46 32.97
N VAL E 139 -30.30 -17.15 32.30
CA VAL E 139 -29.08 -17.93 32.37
C VAL E 139 -28.63 -18.32 33.78
N ASN E 140 -28.07 -19.52 33.89
CA ASN E 140 -27.57 -20.03 35.17
C ASN E 140 -26.07 -19.75 35.23
N ARG E 141 -25.70 -18.74 36.02
CA ARG E 141 -24.31 -18.34 36.16
C ARG E 141 -23.43 -19.37 36.87
N ASP E 142 -23.97 -20.56 37.11
CA ASP E 142 -23.21 -21.63 37.77
C ASP E 142 -22.24 -22.26 36.77
N ASP E 143 -22.68 -22.33 35.51
CA ASP E 143 -21.87 -22.90 34.43
C ASP E 143 -21.84 -22.04 33.18
N LEU E 144 -21.98 -20.72 33.36
CA LEU E 144 -21.97 -19.77 32.25
C LEU E 144 -21.01 -18.62 32.52
N PRO E 145 -19.75 -18.75 32.10
CA PRO E 145 -18.75 -17.70 32.33
C PRO E 145 -19.05 -16.43 31.52
N ALA E 146 -18.92 -15.27 32.18
CA ALA E 146 -19.14 -13.98 31.54
C ALA E 146 -17.79 -13.44 31.10
N PRO E 147 -17.78 -12.43 30.22
CA PRO E 147 -18.86 -11.69 29.57
C PRO E 147 -19.75 -12.51 28.64
N TYR E 148 -21.03 -12.17 28.62
CA TYR E 148 -21.98 -12.86 27.76
C TYR E 148 -22.12 -12.00 26.51
N LEU E 149 -21.85 -12.60 25.35
CA LEU E 149 -22.00 -11.90 24.08
C LEU E 149 -23.26 -12.48 23.47
N VAL E 150 -24.29 -11.64 23.34
CA VAL E 150 -25.57 -12.07 22.80
C VAL E 150 -25.70 -11.69 21.35
N VAL E 151 -25.86 -12.69 20.49
CA VAL E 151 -26.02 -12.44 19.07
C VAL E 151 -27.48 -12.64 18.72
N ASP E 152 -28.07 -11.61 18.10
CA ASP E 152 -29.46 -11.64 17.69
C ASP E 152 -29.44 -11.54 16.17
N LEU E 153 -29.61 -12.69 15.52
CA LEU E 153 -29.58 -12.77 14.07
C LEU E 153 -30.99 -12.73 13.51
N GLY E 154 -31.35 -11.58 12.95
CA GLY E 154 -32.67 -11.42 12.39
C GLY E 154 -32.72 -11.49 10.87
N GLY E 155 -33.85 -11.06 10.31
CA GLY E 155 -34.00 -11.09 8.87
C GLY E 155 -33.33 -9.91 8.18
N GLY E 156 -33.29 -8.76 8.86
CA GLY E 156 -32.67 -7.59 8.26
C GLY E 156 -31.55 -6.98 9.09
N SER E 157 -31.47 -7.36 10.36
CA SER E 157 -30.44 -6.84 11.23
C SER E 157 -29.89 -7.88 12.20
N THR E 158 -28.62 -7.71 12.56
CA THR E 158 -27.95 -8.62 13.47
C THR E 158 -27.27 -7.77 14.54
N GLU E 159 -27.65 -7.97 15.79
CA GLU E 159 -27.06 -7.21 16.86
C GLU E 159 -26.13 -8.04 17.76
N LEU E 160 -25.00 -7.43 18.12
CA LEU E 160 -24.00 -8.05 18.98
C LEU E 160 -23.96 -7.25 20.29
N VAL E 161 -24.37 -7.86 21.39
CA VAL E 161 -24.38 -7.17 22.68
C VAL E 161 -23.50 -7.91 23.67
N ILE E 162 -22.59 -7.20 24.31
CA ILE E 162 -21.70 -7.84 25.27
C ILE E 162 -21.76 -7.16 26.64
N GLY E 163 -21.82 -7.97 27.69
CA GLY E 163 -21.90 -7.45 29.04
C GLY E 163 -20.55 -7.41 29.75
N GLY E 164 -20.59 -7.31 31.08
CA GLY E 164 -19.37 -7.28 31.85
C GLY E 164 -18.98 -8.67 32.33
N ASP E 165 -17.78 -8.80 32.86
CA ASP E 165 -17.31 -10.09 33.34
C ASP E 165 -17.65 -10.32 34.83
N GLY E 166 -18.34 -9.36 35.43
CA GLY E 166 -18.71 -9.50 36.82
C GLY E 166 -17.69 -8.94 37.81
N VAL E 167 -16.47 -8.76 37.34
CA VAL E 167 -15.42 -8.21 38.19
C VAL E 167 -15.34 -6.69 38.00
N SER E 168 -14.90 -6.26 36.83
CA SER E 168 -14.76 -4.84 36.52
C SER E 168 -16.08 -4.16 36.19
N ALA E 169 -17.12 -4.95 35.92
CA ALA E 169 -18.43 -4.41 35.60
C ALA E 169 -19.48 -5.53 35.73
N PRO E 170 -20.70 -5.16 36.13
CA PRO E 170 -21.77 -6.16 36.29
C PRO E 170 -22.02 -6.99 35.04
N THR E 171 -22.26 -8.29 35.23
CA THR E 171 -22.49 -9.19 34.10
C THR E 171 -23.77 -8.88 33.34
N THR E 172 -24.62 -8.02 33.91
CA THR E 172 -25.89 -7.64 33.29
C THR E 172 -25.86 -6.24 32.67
N GLN E 173 -24.72 -5.55 32.77
CA GLN E 173 -24.60 -4.20 32.22
C GLN E 173 -24.02 -4.24 30.81
N VAL E 174 -24.76 -3.71 29.84
CA VAL E 174 -24.30 -3.71 28.45
C VAL E 174 -23.07 -2.81 28.32
N GLN E 175 -21.94 -3.41 27.90
CA GLN E 175 -20.70 -2.65 27.76
C GLN E 175 -20.53 -2.09 26.36
N GLY E 176 -21.03 -2.83 25.37
CA GLY E 176 -20.94 -2.40 23.99
C GLY E 176 -22.06 -3.04 23.20
N ALA E 177 -22.61 -2.29 22.26
CA ALA E 177 -23.70 -2.80 21.45
C ALA E 177 -23.70 -2.18 20.06
N PHE E 178 -23.94 -3.00 19.06
CA PHE E 178 -23.97 -2.53 17.68
C PHE E 178 -25.01 -3.32 16.89
N SER E 179 -25.55 -2.71 15.85
CA SER E 179 -26.55 -3.36 15.02
C SER E 179 -26.09 -3.34 13.57
N MSE E 180 -25.98 -4.52 12.98
CA MSE E 180 -25.51 -4.64 11.60
C MSE E 180 -26.65 -4.84 10.60
O MSE E 180 -27.58 -5.61 10.83
CB MSE E 180 -24.55 -5.83 11.46
CG MSE E 180 -23.28 -5.73 12.30
SE MSE E 180 -22.16 -7.30 12.05
CE MSE E 180 -23.36 -8.62 12.82
N ASN E 181 -26.54 -4.14 9.47
CA ASN E 181 -27.54 -4.23 8.42
C ASN E 181 -27.34 -5.48 7.55
N ILE E 182 -27.50 -6.63 8.17
CA ILE E 182 -27.37 -7.92 7.48
C ILE E 182 -28.25 -8.90 8.23
N GLY E 183 -28.87 -9.83 7.52
CA GLY E 183 -29.72 -10.79 8.18
C GLY E 183 -30.23 -11.89 7.29
N SER E 184 -30.94 -12.83 7.91
CA SER E 184 -31.51 -13.98 7.24
C SER E 184 -32.16 -13.60 5.90
N VAL E 185 -32.93 -12.53 5.90
CA VAL E 185 -33.63 -12.05 4.70
C VAL E 185 -32.75 -11.21 3.79
N ARG E 186 -32.26 -10.10 4.30
CA ARG E 186 -31.42 -9.18 3.54
C ARG E 186 -30.28 -9.82 2.76
N MSE E 187 -29.70 -10.89 3.28
CA MSE E 187 -28.60 -11.57 2.61
C MSE E 187 -29.10 -12.48 1.47
O MSE E 187 -28.51 -12.51 0.40
CB MSE E 187 -27.78 -12.38 3.60
CG MSE E 187 -27.00 -11.52 4.59
SE MSE E 187 -25.71 -10.33 3.73
CE MSE E 187 -26.78 -8.72 3.66
N THR E 188 -30.18 -13.21 1.74
CA THR E 188 -30.73 -14.10 0.72
C THR E 188 -31.13 -13.29 -0.51
N GLU E 189 -31.81 -12.17 -0.26
CA GLU E 189 -32.28 -11.30 -1.33
C GLU E 189 -31.18 -10.57 -2.09
N ARG E 190 -30.14 -10.16 -1.37
CA ARG E 190 -29.05 -9.40 -1.99
C ARG E 190 -27.96 -10.26 -2.64
N HIS E 191 -27.85 -11.53 -2.26
CA HIS E 191 -26.81 -12.40 -2.81
C HIS E 191 -27.23 -13.79 -3.24
N LEU E 192 -27.85 -14.54 -2.34
CA LEU E 192 -28.27 -15.92 -2.63
C LEU E 192 -29.50 -16.04 -3.53
N THR E 193 -29.42 -15.48 -4.74
CA THR E 193 -30.53 -15.50 -5.69
C THR E 193 -30.87 -16.88 -6.26
N ASN E 194 -29.88 -17.60 -6.78
CA ASN E 194 -30.13 -18.92 -7.34
C ASN E 194 -30.53 -19.91 -6.26
N ASP E 195 -31.10 -21.04 -6.69
CA ASP E 195 -31.53 -22.08 -5.76
C ASP E 195 -31.06 -23.44 -6.25
N PRO E 196 -30.02 -24.00 -5.62
CA PRO E 196 -29.25 -23.46 -4.51
C PRO E 196 -28.27 -22.39 -4.99
N PRO E 197 -27.75 -21.56 -4.09
CA PRO E 197 -26.80 -20.51 -4.47
C PRO E 197 -25.46 -21.03 -4.97
N THR E 198 -24.81 -20.24 -5.82
CA THR E 198 -23.52 -20.60 -6.39
C THR E 198 -22.41 -20.14 -5.44
N GLN E 199 -21.22 -20.70 -5.60
CA GLN E 199 -20.10 -20.32 -4.75
C GLN E 199 -19.79 -18.83 -4.92
N THR E 200 -20.09 -18.29 -6.10
CA THR E 200 -19.85 -16.88 -6.37
C THR E 200 -20.71 -16.02 -5.46
N GLN E 201 -21.98 -16.38 -5.35
CA GLN E 201 -22.93 -15.64 -4.51
C GLN E 201 -22.54 -15.73 -3.04
N ILE E 202 -22.28 -16.95 -2.59
CA ILE E 202 -21.88 -17.16 -1.22
C ILE E 202 -20.60 -16.37 -0.92
N ASP E 203 -19.66 -16.34 -1.87
CA ASP E 203 -18.42 -15.60 -1.68
C ASP E 203 -18.75 -14.12 -1.55
N GLU E 204 -19.76 -13.67 -2.28
CA GLU E 204 -20.15 -12.27 -2.23
C GLU E 204 -20.90 -11.95 -0.95
N ALA E 205 -21.59 -12.94 -0.40
CA ALA E 205 -22.34 -12.76 0.83
C ALA E 205 -21.38 -12.76 2.02
N VAL E 206 -20.42 -13.69 2.01
CA VAL E 206 -19.44 -13.79 3.08
C VAL E 206 -18.60 -12.51 3.18
N ALA E 207 -18.29 -11.93 2.02
CA ALA E 207 -17.52 -10.70 1.97
C ALA E 207 -18.30 -9.53 2.54
N ASP E 208 -19.62 -9.54 2.34
CA ASP E 208 -20.47 -8.46 2.84
C ASP E 208 -20.53 -8.56 4.36
N VAL E 209 -20.89 -9.74 4.86
CA VAL E 209 -20.98 -9.99 6.30
C VAL E 209 -19.70 -9.64 7.03
N ASP E 210 -18.57 -10.15 6.55
CA ASP E 210 -17.28 -9.87 7.18
C ASP E 210 -16.96 -8.39 7.17
N GLU E 211 -17.45 -7.70 6.14
CA GLU E 211 -17.26 -6.26 6.01
C GLU E 211 -18.06 -5.64 7.14
N HIS E 212 -19.32 -6.03 7.25
CA HIS E 212 -20.19 -5.51 8.29
C HIS E 212 -19.68 -5.87 9.68
N ILE E 213 -19.12 -7.07 9.84
CA ILE E 213 -18.60 -7.47 11.14
C ILE E 213 -17.40 -6.59 11.50
N ASP E 214 -16.60 -6.25 10.49
CA ASP E 214 -15.44 -5.39 10.70
C ASP E 214 -15.91 -4.10 11.35
N GLU E 215 -17.00 -3.57 10.83
CA GLU E 215 -17.57 -2.32 11.33
C GLU E 215 -18.02 -2.45 12.78
N ALA E 216 -18.81 -3.48 13.06
CA ALA E 216 -19.33 -3.72 14.39
C ALA E 216 -18.20 -3.82 15.42
N PHE E 217 -17.18 -4.60 15.09
CA PHE E 217 -16.05 -4.79 15.98
C PHE E 217 -15.31 -3.49 16.29
N ARG E 218 -15.57 -2.43 15.52
CA ARG E 218 -14.93 -1.15 15.76
C ARG E 218 -15.53 -0.46 16.98
N THR E 219 -16.77 -0.84 17.33
CA THR E 219 -17.42 -0.24 18.48
C THR E 219 -17.66 -1.26 19.59
N VAL E 220 -18.04 -2.48 19.22
CA VAL E 220 -18.26 -3.53 20.22
C VAL E 220 -17.03 -4.42 20.33
N ASP E 221 -16.47 -4.48 21.53
CA ASP E 221 -15.28 -5.27 21.81
C ASP E 221 -15.70 -6.71 22.10
N ALA E 222 -16.16 -7.41 21.07
CA ALA E 222 -16.62 -8.78 21.20
C ALA E 222 -15.57 -9.72 21.81
N GLY E 223 -14.30 -9.44 21.53
CA GLY E 223 -13.22 -10.29 22.04
C GLY E 223 -13.27 -10.62 23.53
N LYS E 224 -13.90 -9.78 24.33
CA LYS E 224 -13.97 -10.02 25.76
C LYS E 224 -14.89 -11.20 26.08
N ALA E 225 -15.74 -11.55 25.12
CA ALA E 225 -16.71 -12.63 25.30
C ALA E 225 -16.12 -13.97 25.72
N ARG E 226 -16.79 -14.61 26.67
CA ARG E 226 -16.37 -15.91 27.16
C ARG E 226 -17.42 -16.97 26.79
N THR E 227 -18.62 -16.51 26.44
CA THR E 227 -19.71 -17.37 25.99
C THR E 227 -20.53 -16.58 24.99
N ILE E 228 -21.06 -17.29 23.99
CA ILE E 228 -21.87 -16.66 22.96
C ILE E 228 -23.30 -17.13 23.12
N ILE E 229 -24.25 -16.21 23.23
CA ILE E 229 -25.66 -16.58 23.36
C ILE E 229 -26.31 -16.23 22.03
N GLY E 230 -26.86 -17.24 21.36
CA GLY E 230 -27.51 -16.99 20.07
C GLY E 230 -29.02 -16.99 20.18
N VAL E 231 -29.68 -15.99 19.61
CA VAL E 231 -31.14 -15.91 19.66
C VAL E 231 -31.80 -15.69 18.29
N SER E 232 -33.12 -15.81 18.29
CA SER E 232 -33.95 -15.64 17.10
C SER E 232 -34.13 -16.92 16.28
N GLY E 233 -34.92 -16.82 15.23
CA GLY E 233 -35.21 -17.96 14.38
C GLY E 233 -34.03 -18.65 13.74
N THR E 234 -33.20 -17.89 13.04
CA THR E 234 -32.02 -18.46 12.38
C THR E 234 -31.22 -19.36 13.32
N VAL E 235 -30.77 -18.79 14.43
CA VAL E 235 -29.98 -19.53 15.39
C VAL E 235 -30.69 -20.76 15.93
N THR E 236 -31.91 -20.58 16.41
CA THR E 236 -32.66 -21.68 16.99
C THR E 236 -33.03 -22.77 15.97
N THR E 237 -33.21 -22.40 14.71
CA THR E 237 -33.55 -23.38 13.69
C THR E 237 -32.36 -24.29 13.42
N MSE E 238 -31.21 -23.70 13.10
CA MSE E 238 -29.99 -24.45 12.82
C MSE E 238 -29.69 -25.38 13.98
O MSE E 238 -29.30 -26.53 13.79
CB MSE E 238 -28.81 -23.50 12.63
CG MSE E 238 -28.97 -22.50 11.50
SE MSE E 238 -29.55 -23.31 9.83
CE MSE E 238 -28.18 -24.67 9.68
N THR E 239 -29.88 -24.86 15.19
CA THR E 239 -29.62 -25.63 16.39
C THR E 239 -30.46 -26.89 16.42
N ALA E 240 -31.75 -26.76 16.13
CA ALA E 240 -32.65 -27.91 16.13
C ALA E 240 -32.23 -28.95 15.09
N LEU E 241 -32.00 -28.50 13.86
CA LEU E 241 -31.60 -29.42 12.80
C LEU E 241 -30.36 -30.20 13.26
N ALA E 242 -29.39 -29.48 13.83
CA ALA E 242 -28.17 -30.12 14.30
C ALA E 242 -28.44 -31.18 15.36
N MSE E 243 -29.52 -30.99 16.12
CA MSE E 243 -29.88 -31.92 17.18
C MSE E 243 -30.60 -33.16 16.66
O MSE E 243 -30.83 -34.10 17.41
CB MSE E 243 -30.76 -31.24 18.22
CG MSE E 243 -30.03 -30.21 19.06
SE MSE E 243 -31.16 -29.47 20.43
CE MSE E 243 -31.21 -30.98 21.63
N GLY E 244 -30.94 -33.15 15.38
CA GLY E 244 -31.63 -34.30 14.82
C GLY E 244 -33.10 -34.32 15.19
N LEU E 245 -33.72 -33.15 15.19
CA LEU E 245 -35.13 -33.06 15.51
C LEU E 245 -35.86 -33.18 14.19
N LYS E 246 -37.03 -33.83 14.20
CA LYS E 246 -37.81 -34.00 12.98
C LYS E 246 -39.22 -33.45 13.12
N GLU E 247 -39.43 -32.59 14.11
CA GLU E 247 -40.75 -32.01 14.36
C GLU E 247 -40.74 -30.50 14.62
N TYR E 248 -41.00 -30.13 15.87
CA TYR E 248 -41.03 -28.73 16.32
C TYR E 248 -40.77 -28.73 17.82
N ASP E 249 -39.60 -28.28 18.25
CA ASP E 249 -39.31 -28.27 19.68
C ASP E 249 -38.56 -27.01 20.11
N HIS E 250 -38.90 -26.50 21.29
CA HIS E 250 -38.28 -25.30 21.82
C HIS E 250 -37.77 -25.62 23.22
N THR E 251 -38.49 -26.50 23.92
CA THR E 251 -38.15 -26.89 25.28
C THR E 251 -36.81 -27.65 25.37
N VAL E 252 -36.40 -28.25 24.26
CA VAL E 252 -35.15 -28.99 24.24
C VAL E 252 -34.05 -28.20 23.53
N VAL E 253 -34.45 -27.20 22.75
CA VAL E 253 -33.47 -26.39 22.05
C VAL E 253 -32.95 -25.25 22.92
N ASP E 254 -33.80 -24.75 23.82
CA ASP E 254 -33.39 -23.65 24.69
C ASP E 254 -32.32 -24.09 25.67
N GLY E 255 -31.26 -23.28 25.78
CA GLY E 255 -30.18 -23.61 26.69
C GLY E 255 -29.26 -24.71 26.20
N HIS E 256 -29.49 -25.21 25.00
CA HIS E 256 -28.64 -26.27 24.46
C HIS E 256 -27.35 -25.69 23.90
N ARG E 257 -26.23 -26.32 24.24
CA ARG E 257 -24.93 -25.87 23.76
C ARG E 257 -24.55 -26.64 22.50
N LEU E 258 -24.29 -25.90 21.42
CA LEU E 258 -23.94 -26.50 20.14
C LEU E 258 -22.49 -26.17 19.80
N SER E 259 -21.67 -27.19 19.52
CA SER E 259 -20.27 -26.98 19.20
C SER E 259 -20.11 -26.27 17.87
N PHE E 260 -19.03 -25.51 17.73
CA PHE E 260 -18.76 -24.79 16.49
C PHE E 260 -18.74 -25.79 15.34
N GLU E 261 -18.21 -26.98 15.59
CA GLU E 261 -18.13 -28.02 14.57
C GLU E 261 -19.50 -28.37 14.00
N ASP E 262 -20.47 -28.68 14.87
CA ASP E 262 -21.80 -29.02 14.40
C ASP E 262 -22.48 -27.80 13.77
N ALA E 263 -22.22 -26.62 14.33
CA ALA E 263 -22.81 -25.38 13.81
C ALA E 263 -22.34 -25.11 12.38
N TYR E 264 -21.02 -25.18 12.18
CA TYR E 264 -20.45 -24.95 10.85
C TYR E 264 -21.01 -25.96 9.85
N ALA E 265 -21.05 -27.23 10.25
CA ALA E 265 -21.56 -28.29 9.38
C ALA E 265 -23.04 -28.12 8.98
N VAL E 266 -23.91 -27.94 9.96
CA VAL E 266 -25.34 -27.79 9.68
C VAL E 266 -25.62 -26.57 8.82
N ASP E 267 -24.90 -25.47 9.08
CA ASP E 267 -25.09 -24.24 8.30
C ASP E 267 -24.76 -24.47 6.82
N ASP E 268 -23.64 -25.14 6.57
CA ASP E 268 -23.23 -25.40 5.20
C ASP E 268 -24.17 -26.39 4.53
N LYS E 269 -24.51 -27.45 5.25
CA LYS E 269 -25.41 -28.47 4.72
C LYS E 269 -26.72 -27.88 4.18
N PHE E 270 -27.35 -27.02 4.98
CA PHE E 270 -28.61 -26.41 4.57
C PHE E 270 -28.51 -25.22 3.64
N LEU E 271 -27.38 -24.53 3.64
CA LEU E 271 -27.19 -23.39 2.75
C LEU E 271 -27.06 -23.90 1.31
N ARG E 272 -26.44 -25.08 1.16
CA ARG E 272 -26.21 -25.70 -0.14
C ARG E 272 -27.43 -26.49 -0.65
N MSE E 273 -28.30 -26.86 0.28
CA MSE E 273 -29.49 -27.64 -0.02
C MSE E 273 -30.55 -26.82 -0.75
O MSE E 273 -30.67 -25.61 -0.55
CB MSE E 273 -30.06 -28.17 1.30
CG MSE E 273 -31.02 -29.32 1.19
SE MSE E 273 -31.53 -29.81 2.99
CE MSE E 273 -30.21 -31.19 3.36
N THR E 274 -31.31 -27.49 -1.62
CA THR E 274 -32.37 -26.82 -2.39
C THR E 274 -33.57 -26.52 -1.48
N ARG E 275 -34.37 -25.53 -1.87
CA ARG E 275 -35.55 -25.18 -1.10
C ARG E 275 -36.49 -26.37 -0.98
N ALA E 276 -36.56 -27.18 -2.03
CA ALA E 276 -37.42 -28.36 -2.03
C ALA E 276 -36.93 -29.35 -0.98
N GLU E 277 -35.64 -29.68 -1.02
CA GLU E 277 -35.04 -30.62 -0.08
C GLU E 277 -35.17 -30.08 1.34
N ARG E 278 -35.21 -28.76 1.48
CA ARG E 278 -35.34 -28.14 2.79
C ARG E 278 -36.70 -28.48 3.41
N ARG E 279 -37.74 -28.46 2.58
CA ARG E 279 -39.09 -28.76 3.05
C ARG E 279 -39.24 -30.21 3.49
N GLU E 280 -38.18 -31.00 3.32
CA GLU E 280 -38.19 -32.40 3.71
C GLU E 280 -37.91 -32.55 5.21
N TYR E 281 -37.53 -31.44 5.84
CA TYR E 281 -37.24 -31.43 7.27
C TYR E 281 -38.39 -30.69 7.95
N LYS E 282 -39.23 -31.45 8.67
CA LYS E 282 -40.38 -30.89 9.36
C LYS E 282 -40.01 -29.79 10.34
N THR E 283 -38.81 -29.90 10.91
CA THR E 283 -38.32 -28.94 11.89
C THR E 283 -38.23 -27.49 11.42
N ILE E 284 -38.04 -27.28 10.12
CA ILE E 284 -37.97 -25.91 9.59
C ILE E 284 -39.36 -25.34 9.35
N HIS E 285 -39.55 -24.07 9.69
CA HIS E 285 -40.85 -23.42 9.51
C HIS E 285 -40.95 -22.89 8.08
N PRO E 286 -42.06 -23.20 7.38
CA PRO E 286 -42.32 -22.77 5.99
C PRO E 286 -41.95 -21.34 5.63
N GLY E 287 -42.12 -20.40 6.56
CA GLY E 287 -41.79 -19.01 6.27
C GLY E 287 -40.31 -18.66 6.35
N ARG E 288 -39.48 -19.67 6.60
CA ARG E 288 -38.04 -19.47 6.72
C ARG E 288 -37.27 -20.19 5.61
N ILE E 289 -37.89 -21.22 5.05
CA ILE E 289 -37.30 -22.02 4.00
C ILE E 289 -36.44 -21.20 3.02
N ASP E 290 -37.01 -20.14 2.46
CA ASP E 290 -36.30 -19.31 1.49
C ASP E 290 -35.17 -18.44 2.02
N VAL E 291 -35.02 -18.35 3.34
CA VAL E 291 -33.97 -17.51 3.89
C VAL E 291 -32.99 -18.21 4.82
N VAL E 292 -33.24 -19.48 5.10
CA VAL E 292 -32.37 -20.25 6.00
C VAL E 292 -30.90 -20.17 5.61
N GLY E 293 -30.61 -20.21 4.31
CA GLY E 293 -29.23 -20.14 3.86
C GLY E 293 -28.58 -18.82 4.18
N GLY E 294 -29.31 -17.73 3.95
CA GLY E 294 -28.78 -16.42 4.23
C GLY E 294 -28.40 -16.26 5.69
N GLY E 295 -29.14 -16.94 6.56
CA GLY E 295 -28.85 -16.86 7.97
C GLY E 295 -27.61 -17.69 8.28
N ALA E 296 -27.54 -18.86 7.66
CA ALA E 296 -26.43 -19.77 7.84
C ALA E 296 -25.10 -19.06 7.55
N VAL E 297 -25.06 -18.27 6.48
CA VAL E 297 -23.85 -17.55 6.12
C VAL E 297 -23.43 -16.56 7.21
N VAL E 298 -24.39 -15.85 7.77
CA VAL E 298 -24.09 -14.87 8.80
C VAL E 298 -23.73 -15.51 10.14
N TRP E 299 -24.50 -16.53 10.55
CA TRP E 299 -24.23 -17.19 11.83
C TRP E 299 -22.81 -17.75 11.87
N SER E 300 -22.41 -18.42 10.79
CA SER E 300 -21.07 -18.99 10.71
C SER E 300 -19.98 -17.93 10.76
N ARG E 301 -20.12 -16.88 9.96
CA ARG E 301 -19.10 -15.84 9.94
C ARG E 301 -19.02 -15.11 11.28
N VAL E 302 -20.16 -14.93 11.92
CA VAL E 302 -20.16 -14.25 13.21
C VAL E 302 -19.42 -15.14 14.20
N LEU E 303 -19.80 -16.41 14.26
CA LEU E 303 -19.15 -17.33 15.18
C LEU E 303 -17.64 -17.34 14.99
N ALA E 304 -17.20 -17.39 13.74
CA ALA E 304 -15.78 -17.45 13.43
C ALA E 304 -15.04 -16.20 13.90
N ARG E 305 -15.57 -15.03 13.56
CA ARG E 305 -14.95 -13.76 13.92
C ARG E 305 -14.92 -13.53 15.42
N VAL E 306 -16.00 -13.89 16.10
CA VAL E 306 -16.06 -13.71 17.54
C VAL E 306 -15.07 -14.68 18.19
N SER E 307 -14.86 -15.83 17.57
CA SER E 307 -13.91 -16.80 18.10
C SER E 307 -12.49 -16.27 17.94
N GLU E 308 -12.23 -15.67 16.79
CA GLU E 308 -10.93 -15.10 16.51
C GLU E 308 -10.64 -13.94 17.46
N ALA E 309 -11.64 -13.07 17.63
CA ALA E 309 -11.49 -11.92 18.50
C ALA E 309 -11.14 -12.32 19.93
N ALA E 310 -11.88 -13.28 20.48
CA ALA E 310 -11.62 -13.73 21.84
C ALA E 310 -10.19 -14.27 21.94
N LYS E 311 -9.72 -14.86 20.84
CA LYS E 311 -8.39 -15.43 20.77
C LYS E 311 -7.34 -14.33 20.91
N ALA E 312 -7.54 -13.24 20.16
CA ALA E 312 -6.60 -12.13 20.17
C ALA E 312 -6.70 -11.32 21.45
N ASP E 313 -7.82 -11.46 22.16
CA ASP E 313 -8.06 -10.74 23.38
C ASP E 313 -7.47 -11.40 24.62
N HIS E 314 -7.89 -12.63 24.88
CA HIS E 314 -7.42 -13.33 26.07
C HIS E 314 -6.82 -14.71 25.82
N GLY E 315 -6.24 -14.89 24.64
CA GLY E 315 -5.59 -16.15 24.29
C GLY E 315 -6.39 -17.44 24.28
N GLU E 316 -7.70 -17.37 24.10
CA GLU E 316 -8.51 -18.58 24.06
C GLU E 316 -9.72 -18.43 23.16
N ALA E 317 -9.82 -19.30 22.16
CA ALA E 317 -10.94 -19.23 21.23
C ALA E 317 -12.22 -19.78 21.86
N ILE E 318 -13.32 -19.65 21.14
CA ILE E 318 -14.62 -20.12 21.59
C ILE E 318 -15.05 -21.18 20.60
N ASP E 319 -15.37 -22.37 21.09
CA ASP E 319 -15.78 -23.45 20.19
C ASP E 319 -17.19 -23.98 20.47
N SER E 320 -18.05 -23.12 20.99
CA SER E 320 -19.42 -23.49 21.29
C SER E 320 -20.28 -22.28 21.59
N PHE E 321 -21.59 -22.47 21.54
CA PHE E 321 -22.53 -21.39 21.83
C PHE E 321 -23.78 -22.00 22.41
N VAL E 322 -24.51 -21.21 23.19
CA VAL E 322 -25.74 -21.67 23.80
C VAL E 322 -26.89 -21.01 23.05
N ALA E 323 -27.83 -21.81 22.58
CA ALA E 323 -28.99 -21.30 21.86
C ALA E 323 -30.03 -20.88 22.89
N SER E 324 -30.73 -19.78 22.63
CA SER E 324 -31.74 -19.31 23.57
C SER E 324 -33.04 -18.97 22.86
N GLU E 325 -34.14 -19.33 23.51
CA GLU E 325 -35.47 -19.09 22.97
C GLU E 325 -36.04 -17.81 23.60
N HIS E 326 -35.17 -17.04 24.27
CA HIS E 326 -35.57 -15.80 24.92
C HIS E 326 -34.70 -14.66 24.39
N GLY E 327 -35.31 -13.64 23.81
CA GLY E 327 -34.54 -12.54 23.28
C GLY E 327 -35.19 -11.17 23.40
N LEU E 328 -35.43 -10.55 22.24
CA LEU E 328 -36.03 -9.23 22.16
C LEU E 328 -37.45 -9.16 22.73
N LEU E 329 -38.30 -10.12 22.34
CA LEU E 329 -39.66 -10.14 22.82
C LEU E 329 -39.70 -10.17 24.35
N ASP E 330 -39.01 -11.16 24.93
CA ASP E 330 -38.97 -11.28 26.38
C ASP E 330 -38.34 -10.05 27.03
N GLY E 331 -37.66 -9.24 26.22
CA GLY E 331 -37.03 -8.05 26.74
C GLY E 331 -37.96 -6.85 26.70
N ILE E 332 -38.83 -6.83 25.69
CA ILE E 332 -39.78 -5.73 25.54
C ILE E 332 -40.72 -5.68 26.73
N VAL E 333 -41.23 -6.85 27.09
CA VAL E 333 -42.17 -6.99 28.19
C VAL E 333 -41.55 -6.89 29.59
N LEU E 334 -40.36 -7.46 29.77
CA LEU E 334 -39.72 -7.40 31.08
C LEU E 334 -39.29 -5.97 31.40
N ASP E 335 -39.14 -5.16 30.36
CA ASP E 335 -38.75 -3.76 30.52
C ASP E 335 -39.98 -2.89 30.74
N TYR E 336 -40.96 -3.04 29.85
CA TYR E 336 -42.21 -2.28 29.92
C TYR E 336 -42.88 -2.55 31.27
N GLY E 337 -42.84 -3.81 31.69
CA GLY E 337 -43.45 -4.18 32.95
C GLY E 337 -42.89 -3.45 34.16
N ARG E 338 -41.60 -3.64 34.42
CA ARG E 338 -40.94 -2.99 35.54
C ARG E 338 -41.13 -1.48 35.50
N ARG E 339 -40.95 -0.91 34.31
CA ARG E 339 -41.06 0.54 34.10
C ARG E 339 -42.35 1.16 34.61
N LEU E 340 -43.43 0.38 34.64
CA LEU E 340 -44.72 0.89 35.13
C LEU E 340 -44.67 1.12 36.64
N LEU E 341 -44.43 0.05 37.39
CA LEU E 341 -44.36 0.14 38.83
C LEU E 341 -43.00 0.65 39.30
S SO4 F . -11.88 24.75 10.60
O1 SO4 F . -10.86 24.11 11.45
O2 SO4 F . -12.88 25.43 11.42
O3 SO4 F . -11.19 25.73 9.75
O4 SO4 F . -12.52 23.74 9.74
S SO4 G . -10.28 28.85 11.53
O1 SO4 G . -8.92 28.78 10.96
O2 SO4 G . -11.25 29.19 10.46
O3 SO4 G . -10.66 27.54 12.11
O4 SO4 G . -10.32 29.91 12.55
S SO4 H . -11.35 27.70 7.71
O1 SO4 H . -12.55 27.69 8.58
O2 SO4 H . -10.10 27.62 8.50
O3 SO4 H . -11.40 26.52 6.80
O4 SO4 H . -11.32 28.95 6.91
S SO4 I . 4.04 -39.62 -9.31
O1 SO4 I . 5.04 -40.45 -8.59
O2 SO4 I . 2.74 -40.32 -9.28
O3 SO4 I . 3.89 -38.32 -8.64
O4 SO4 I . 4.45 -39.42 -10.71
S SO4 J . 1.64 -38.81 -14.82
O1 SO4 J . 2.87 -39.59 -14.58
O2 SO4 J . 0.47 -39.59 -14.41
O3 SO4 J . 1.73 -37.57 -14.01
O4 SO4 J . 1.49 -38.46 -16.24
S SO4 K . 2.74 -35.73 -10.56
O1 SO4 K . 2.57 -35.75 -9.10
O2 SO4 K . 2.00 -36.84 -11.19
O3 SO4 K . 2.23 -34.46 -11.10
O4 SO4 K . 4.17 -35.86 -10.90
S SO4 L . 7.43 14.39 -39.07
O1 SO4 L . 6.91 15.19 -37.93
O2 SO4 L . 6.43 14.32 -40.16
O3 SO4 L . 8.66 14.99 -39.59
O4 SO4 L . 7.72 13.03 -38.59
S SO4 M . 10.63 12.87 -37.06
O1 SO4 M . 9.89 12.18 -35.97
O2 SO4 M . 10.04 14.22 -37.27
O3 SO4 M . 12.05 13.00 -36.69
O4 SO4 M . 10.50 12.07 -38.28
S SO4 N . 12.20 11.65 -33.33
O1 SO4 N . 11.56 10.45 -33.91
O2 SO4 N . 11.45 12.86 -33.72
O3 SO4 N . 12.21 11.56 -31.86
O4 SO4 N . 13.60 11.73 -33.81
S SO4 O . 8.15 10.18 -39.05
O1 SO4 O . 8.80 11.13 -39.99
O2 SO4 O . 8.17 10.69 -37.66
O3 SO4 O . 6.74 9.99 -39.46
O4 SO4 O . 8.87 8.88 -39.10
S SO4 P . 39.09 9.37 26.94
O1 SO4 P . 38.53 8.22 26.22
O2 SO4 P . 39.99 10.13 26.04
O3 SO4 P . 38.01 10.25 27.41
O4 SO4 P . 39.85 8.89 28.11
S SO4 Q . 39.45 11.14 22.43
O1 SO4 Q . 40.05 9.85 22.81
O2 SO4 Q . 38.18 11.32 23.18
O3 SO4 Q . 40.38 12.24 22.77
O4 SO4 Q . 39.18 11.17 20.98
S SO4 R . 36.29 9.02 23.80
O1 SO4 R . 36.44 9.93 24.95
O2 SO4 R . 35.40 7.91 24.19
O3 SO4 R . 35.69 9.75 22.67
O4 SO4 R . 37.60 8.48 23.40
S SO4 S . -34.81 -7.66 12.75
O1 SO4 S . -34.64 -8.34 11.44
O2 SO4 S . -34.68 -6.20 12.57
O3 SO4 S . -36.13 -8.00 13.30
O4 SO4 S . -33.75 -8.13 13.68
S SO4 T . -35.35 -9.79 16.48
O1 SO4 T . -36.68 -9.22 16.20
O2 SO4 T . -35.00 -10.76 15.42
O3 SO4 T . -34.36 -8.71 16.52
O4 SO4 T . -35.39 -10.49 17.79
S SO4 U . -37.26 -11.77 12.93
O1 SO4 U . -37.69 -10.82 13.97
O2 SO4 U . -35.86 -11.47 12.55
O3 SO4 U . -37.35 -13.16 13.43
O4 SO4 U . -38.12 -11.62 11.74
#